data_2COR
#
_entry.id   2COR
#
_cell.length_a   1.000
_cell.length_b   1.000
_cell.length_c   1.000
_cell.angle_alpha   90.00
_cell.angle_beta   90.00
_cell.angle_gamma   90.00
#
_symmetry.space_group_name_H-M   'P 1'
#
loop_
_entity.id
_entity.type
_entity.pdbx_description
1 polymer 'PINCH protein'
2 non-polymer 'ZINC ION'
#
_entity_poly.entity_id   1
_entity_poly.type   'polypeptide(L)'
_entity_poly.pdbx_seq_one_letter_code
;GSSGSSGEKARGLGKYICQKCHAIIDEQPLIFKNDPYHPDHFNCANCGKELTADARELKGELYCLPCHDKMGVSGPSSG
;
_entity_poly.pdbx_strand_id   A
#
loop_
_chem_comp.id
_chem_comp.type
_chem_comp.name
_chem_comp.formula
ZN non-polymer 'ZINC ION' 'Zn 2'
#
# COMPACT_ATOMS: atom_id res chain seq x y z
N GLY A 1 -32.16 21.81 -27.88
CA GLY A 1 -31.43 21.60 -26.64
C GLY A 1 -30.12 20.86 -26.86
N SER A 2 -29.58 20.31 -25.77
CA SER A 2 -28.33 19.56 -25.85
C SER A 2 -28.58 18.13 -26.31
N SER A 3 -28.02 17.79 -27.47
CA SER A 3 -28.18 16.45 -28.03
C SER A 3 -27.83 15.38 -27.00
N GLY A 4 -28.84 14.67 -26.52
CA GLY A 4 -28.62 13.62 -25.53
C GLY A 4 -29.42 13.86 -24.26
N SER A 5 -28.72 13.99 -23.14
CA SER A 5 -29.36 14.20 -21.86
C SER A 5 -28.46 15.00 -20.92
N SER A 6 -29.07 15.77 -20.03
CA SER A 6 -28.32 16.59 -19.08
C SER A 6 -29.15 16.86 -17.82
N GLY A 7 -28.55 16.61 -16.66
CA GLY A 7 -29.24 16.83 -15.41
C GLY A 7 -29.10 15.66 -14.45
N GLU A 8 -27.92 15.54 -13.85
CA GLU A 8 -27.65 14.45 -12.91
C GLU A 8 -26.62 14.87 -11.88
N LYS A 9 -26.85 14.49 -10.62
CA LYS A 9 -25.93 14.83 -9.54
C LYS A 9 -25.80 13.67 -8.56
N ALA A 10 -24.66 13.59 -7.88
CA ALA A 10 -24.41 12.53 -6.91
C ALA A 10 -23.26 12.91 -5.97
N ARG A 11 -23.43 12.60 -4.69
CA ARG A 11 -22.41 12.91 -3.69
C ARG A 11 -22.13 11.69 -2.82
N GLY A 12 -22.07 10.52 -3.45
CA GLY A 12 -21.81 9.30 -2.71
C GLY A 12 -20.37 9.20 -2.24
N LEU A 13 -20.02 10.03 -1.27
CA LEU A 13 -18.66 10.03 -0.72
C LEU A 13 -18.46 8.89 0.26
N GLY A 14 -17.90 7.78 -0.25
CA GLY A 14 -17.66 6.62 0.59
C GLY A 14 -16.23 6.55 1.08
N LYS A 15 -15.48 5.60 0.54
CA LYS A 15 -14.08 5.42 0.92
C LYS A 15 -13.29 4.73 -0.19
N TYR A 16 -11.99 4.56 0.04
CA TYR A 16 -11.13 3.91 -0.94
C TYR A 16 -11.40 2.41 -1.02
N ILE A 17 -11.75 1.94 -2.21
CA ILE A 17 -12.04 0.53 -2.42
C ILE A 17 -10.77 -0.25 -2.75
N CYS A 18 -10.47 -1.25 -1.93
CA CYS A 18 -9.29 -2.07 -2.13
C CYS A 18 -9.33 -2.76 -3.50
N GLN A 19 -8.28 -2.54 -4.29
CA GLN A 19 -8.19 -3.13 -5.62
C GLN A 19 -7.69 -4.57 -5.54
N LYS A 20 -7.77 -5.15 -4.36
CA LYS A 20 -7.33 -6.53 -4.15
C LYS A 20 -8.49 -7.41 -3.70
N CYS A 21 -9.19 -6.99 -2.66
CA CYS A 21 -10.32 -7.74 -2.14
C CYS A 21 -11.64 -7.01 -2.42
N HIS A 22 -11.53 -5.84 -3.05
CA HIS A 22 -12.71 -5.04 -3.37
C HIS A 22 -13.57 -4.81 -2.13
N ALA A 23 -12.94 -4.25 -1.09
CA ALA A 23 -13.65 -3.98 0.16
C ALA A 23 -13.25 -2.62 0.71
N ILE A 24 -14.25 -1.84 1.13
CA ILE A 24 -14.00 -0.52 1.70
C ILE A 24 -12.71 -0.49 2.51
N ILE A 25 -12.01 0.63 2.47
CA ILE A 25 -10.76 0.78 3.22
C ILE A 25 -10.89 1.84 4.30
N ASP A 26 -11.64 1.52 5.34
CA ASP A 26 -11.84 2.45 6.45
C ASP A 26 -10.55 3.19 6.78
N GLU A 27 -9.52 2.43 7.15
CA GLU A 27 -8.23 3.01 7.51
C GLU A 27 -7.52 3.54 6.26
N GLN A 28 -6.37 4.18 6.47
CA GLN A 28 -5.60 4.74 5.37
C GLN A 28 -5.33 3.68 4.29
N PRO A 29 -5.81 3.95 3.07
CA PRO A 29 -5.63 3.04 1.93
C PRO A 29 -4.19 2.96 1.46
N LEU A 30 -3.66 1.75 1.36
CA LEU A 30 -2.29 1.54 0.93
C LEU A 30 -2.18 1.66 -0.59
N ILE A 31 -1.58 2.75 -1.05
CA ILE A 31 -1.41 2.98 -2.48
C ILE A 31 -0.23 2.20 -3.03
N PHE A 32 -0.47 1.40 -4.06
CA PHE A 32 0.58 0.59 -4.67
C PHE A 32 0.38 0.48 -6.18
N LYS A 33 1.37 0.92 -6.94
CA LYS A 33 1.30 0.88 -8.40
C LYS A 33 0.12 1.70 -8.91
N ASN A 34 -0.14 2.81 -8.24
CA ASN A 34 -1.25 3.69 -8.63
C ASN A 34 -2.58 3.00 -8.45
N ASP A 35 -2.77 2.39 -7.27
CA ASP A 35 -4.01 1.70 -6.97
C ASP A 35 -4.15 1.46 -5.47
N PRO A 36 -5.37 1.62 -4.95
CA PRO A 36 -5.67 1.44 -3.52
C PRO A 36 -5.58 -0.02 -3.10
N TYR A 37 -5.11 -0.25 -1.88
CA TYR A 37 -4.97 -1.60 -1.36
C TYR A 37 -4.93 -1.59 0.17
N HIS A 38 -5.10 -2.77 0.77
CA HIS A 38 -5.08 -2.89 2.22
C HIS A 38 -3.65 -3.13 2.73
N PRO A 39 -3.23 -2.32 3.69
CA PRO A 39 -1.88 -2.42 4.28
C PRO A 39 -1.72 -3.67 5.13
N ASP A 40 -2.78 -4.46 5.23
CA ASP A 40 -2.74 -5.68 6.01
C ASP A 40 -2.56 -6.91 5.11
N HIS A 41 -2.85 -6.72 3.82
CA HIS A 41 -2.71 -7.81 2.85
C HIS A 41 -1.25 -8.19 2.66
N PHE A 42 -0.39 -7.19 2.49
CA PHE A 42 1.03 -7.42 2.31
C PHE A 42 1.80 -7.26 3.62
N ASN A 43 2.95 -7.91 3.71
CA ASN A 43 3.77 -7.84 4.92
C ASN A 43 5.22 -7.47 4.57
N CYS A 44 5.90 -6.85 5.52
CA CYS A 44 7.29 -6.45 5.31
C CYS A 44 8.11 -7.60 4.75
N ALA A 45 9.28 -7.29 4.21
CA ALA A 45 10.16 -8.29 3.63
C ALA A 45 11.37 -8.55 4.53
N ASN A 46 11.72 -7.55 5.34
CA ASN A 46 12.86 -7.66 6.24
C ASN A 46 12.47 -8.45 7.49
N CYS A 47 11.57 -7.87 8.29
CA CYS A 47 11.12 -8.51 9.52
C CYS A 47 10.01 -9.51 9.24
N GLY A 48 9.07 -9.11 8.38
CA GLY A 48 7.96 -9.98 8.04
C GLY A 48 6.73 -9.72 8.89
N LYS A 49 6.42 -8.45 9.10
CA LYS A 49 5.26 -8.07 9.91
C LYS A 49 4.19 -7.43 9.03
N GLU A 50 3.01 -7.20 9.63
CA GLU A 50 1.90 -6.59 8.91
C GLU A 50 2.24 -5.16 8.51
N LEU A 51 2.48 -4.94 7.23
CA LEU A 51 2.81 -3.62 6.71
C LEU A 51 1.73 -2.61 7.10
N THR A 52 1.94 -1.36 6.71
CA THR A 52 0.98 -0.29 7.01
C THR A 52 0.60 0.48 5.75
N ALA A 53 -0.35 1.40 5.89
CA ALA A 53 -0.81 2.20 4.77
C ALA A 53 0.32 3.10 4.25
N ASP A 54 1.22 3.48 5.14
CA ASP A 54 2.34 4.34 4.77
C ASP A 54 3.59 3.52 4.49
N ALA A 55 3.39 2.25 4.16
CA ALA A 55 4.50 1.34 3.87
C ALA A 55 5.23 1.77 2.59
N ARG A 56 6.53 2.03 2.72
CA ARG A 56 7.34 2.44 1.57
C ARG A 56 7.68 1.25 0.69
N GLU A 57 7.64 1.46 -0.63
CA GLU A 57 7.94 0.40 -1.58
C GLU A 57 9.43 0.39 -1.92
N LEU A 58 9.98 -0.81 -2.08
CA LEU A 58 11.40 -0.97 -2.40
C LEU A 58 11.58 -1.96 -3.56
N LYS A 59 11.79 -1.43 -4.75
CA LYS A 59 11.99 -2.26 -5.93
C LYS A 59 10.84 -3.26 -6.09
N GLY A 60 9.61 -2.77 -6.00
CA GLY A 60 8.45 -3.63 -6.13
C GLY A 60 7.97 -4.17 -4.80
N GLU A 61 8.91 -4.35 -3.88
CA GLU A 61 8.57 -4.87 -2.56
C GLU A 61 7.92 -3.80 -1.69
N LEU A 62 7.60 -4.15 -0.45
CA LEU A 62 6.98 -3.22 0.48
C LEU A 62 7.48 -3.46 1.90
N TYR A 63 8.14 -2.45 2.46
CA TYR A 63 8.67 -2.54 3.83
C TYR A 63 7.91 -1.62 4.77
N CYS A 64 7.93 -1.95 6.05
CA CYS A 64 7.25 -1.14 7.06
C CYS A 64 8.11 0.03 7.49
N LEU A 65 7.47 1.14 7.84
CA LEU A 65 8.18 2.34 8.27
C LEU A 65 9.35 1.97 9.19
N PRO A 66 9.08 1.13 10.20
CA PRO A 66 10.10 0.69 11.14
C PRO A 66 11.38 0.22 10.46
N CYS A 67 11.23 -0.72 9.53
CA CYS A 67 12.37 -1.26 8.80
C CYS A 67 12.95 -0.21 7.85
N HIS A 68 12.08 0.34 7.01
CA HIS A 68 12.50 1.36 6.04
C HIS A 68 13.46 2.36 6.69
N ASP A 69 13.11 2.80 7.89
CA ASP A 69 13.94 3.77 8.61
C ASP A 69 15.32 3.19 8.89
N LYS A 70 15.38 1.88 9.12
CA LYS A 70 16.64 1.21 9.40
C LYS A 70 17.37 0.85 8.11
N MET A 71 17.10 1.62 7.05
CA MET A 71 17.73 1.39 5.76
C MET A 71 18.53 2.61 5.32
N GLY A 72 17.95 3.80 5.52
CA GLY A 72 18.63 5.02 5.14
C GLY A 72 19.59 5.50 6.20
N VAL A 73 20.44 4.60 6.68
CA VAL A 73 21.42 4.94 7.71
C VAL A 73 22.85 4.73 7.19
N SER A 74 23.73 5.67 7.53
CA SER A 74 25.13 5.58 7.11
C SER A 74 25.95 6.69 7.75
N GLY A 75 27.27 6.52 7.74
CA GLY A 75 28.15 7.52 8.32
C GLY A 75 28.43 8.67 7.38
N PRO A 76 29.61 8.67 6.76
CA PRO A 76 30.03 9.71 5.82
C PRO A 76 29.23 9.67 4.51
N SER A 77 28.23 10.53 4.40
CA SER A 77 27.40 10.58 3.21
C SER A 77 27.81 11.75 2.30
N SER A 78 28.19 11.44 1.08
CA SER A 78 28.62 12.46 0.12
C SER A 78 27.69 12.48 -1.08
N GLY A 79 26.89 13.54 -1.20
CA GLY A 79 25.97 13.66 -2.32
C GLY A 79 26.68 13.75 -3.65
ZN ZN B . -8.04 -5.68 0.55
ZN ZN C . 9.67 -4.38 8.69
N GLY A 1 -4.70 -12.34 -34.98
CA GLY A 1 -5.04 -11.05 -34.43
C GLY A 1 -5.16 -11.08 -32.92
N SER A 2 -4.46 -10.15 -32.24
CA SER A 2 -4.49 -10.08 -30.80
C SER A 2 -4.50 -8.63 -30.32
N SER A 3 -5.48 -8.28 -29.50
CA SER A 3 -5.61 -6.93 -28.98
C SER A 3 -6.64 -6.87 -27.85
N GLY A 4 -6.35 -6.06 -26.84
CA GLY A 4 -7.26 -5.92 -25.72
C GLY A 4 -6.88 -4.80 -24.79
N SER A 5 -7.60 -3.68 -24.87
CA SER A 5 -7.31 -2.53 -24.03
C SER A 5 -8.51 -2.20 -23.14
N SER A 6 -8.23 -1.59 -21.99
CA SER A 6 -9.28 -1.23 -21.04
C SER A 6 -8.87 -0.02 -20.21
N GLY A 7 -9.69 1.03 -20.24
CA GLY A 7 -9.39 2.22 -19.47
C GLY A 7 -10.63 2.83 -18.83
N GLU A 8 -11.09 2.22 -17.75
CA GLU A 8 -12.28 2.70 -17.05
C GLU A 8 -11.99 2.86 -15.56
N LYS A 9 -12.03 4.11 -15.10
CA LYS A 9 -11.78 4.41 -13.68
C LYS A 9 -13.08 4.44 -12.90
N ALA A 10 -12.99 4.23 -11.59
CA ALA A 10 -14.16 4.24 -10.72
C ALA A 10 -13.92 5.10 -9.50
N ARG A 11 -14.70 6.17 -9.37
CA ARG A 11 -14.57 7.08 -8.23
C ARG A 11 -15.93 7.63 -7.82
N GLY A 12 -16.23 7.57 -6.52
CA GLY A 12 -17.50 8.07 -6.03
C GLY A 12 -17.40 8.61 -4.62
N LEU A 13 -18.54 8.97 -4.04
CA LEU A 13 -18.58 9.50 -2.68
C LEU A 13 -18.54 8.39 -1.65
N GLY A 14 -17.35 8.09 -1.14
CA GLY A 14 -17.21 7.04 -0.14
C GLY A 14 -15.78 6.89 0.34
N LYS A 15 -15.24 5.67 0.22
CA LYS A 15 -13.88 5.40 0.65
C LYS A 15 -13.09 4.72 -0.46
N TYR A 16 -11.87 4.32 -0.15
CA TYR A 16 -11.01 3.65 -1.13
C TYR A 16 -11.30 2.15 -1.17
N ILE A 17 -11.68 1.68 -2.35
CA ILE A 17 -11.99 0.26 -2.54
C ILE A 17 -10.74 -0.53 -2.89
N CYS A 18 -10.34 -1.44 -2.00
CA CYS A 18 -9.16 -2.26 -2.21
C CYS A 18 -9.24 -2.98 -3.56
N GLN A 19 -8.17 -2.84 -4.35
CA GLN A 19 -8.12 -3.47 -5.66
C GLN A 19 -7.75 -4.95 -5.54
N LYS A 20 -7.80 -5.47 -4.31
CA LYS A 20 -7.47 -6.86 -4.05
C LYS A 20 -8.69 -7.62 -3.56
N CYS A 21 -9.19 -7.22 -2.39
CA CYS A 21 -10.36 -7.86 -1.80
C CYS A 21 -11.65 -7.19 -2.27
N HIS A 22 -11.51 -6.02 -2.88
CA HIS A 22 -12.66 -5.28 -3.39
C HIS A 22 -13.58 -4.87 -2.24
N ALA A 23 -13.00 -4.30 -1.19
CA ALA A 23 -13.77 -3.86 -0.04
C ALA A 23 -13.32 -2.49 0.44
N ILE A 24 -14.27 -1.64 0.80
CA ILE A 24 -13.97 -0.30 1.27
C ILE A 24 -12.93 -0.33 2.38
N ILE A 25 -11.91 0.53 2.26
CA ILE A 25 -10.86 0.61 3.26
C ILE A 25 -11.13 1.70 4.29
N ASP A 26 -11.74 1.32 5.40
CA ASP A 26 -12.07 2.27 6.46
C ASP A 26 -10.83 3.08 6.86
N GLU A 27 -9.75 2.39 7.18
CA GLU A 27 -8.50 3.04 7.58
C GLU A 27 -7.76 3.58 6.37
N GLN A 28 -6.57 4.11 6.59
CA GLN A 28 -5.75 4.67 5.51
C GLN A 28 -5.46 3.60 4.46
N PRO A 29 -5.93 3.84 3.22
CA PRO A 29 -5.72 2.92 2.11
C PRO A 29 -4.27 2.89 1.65
N LEU A 30 -3.72 1.68 1.54
CA LEU A 30 -2.35 1.50 1.10
C LEU A 30 -2.23 1.60 -0.41
N ILE A 31 -1.61 2.69 -0.88
CA ILE A 31 -1.44 2.91 -2.31
C ILE A 31 -0.21 2.16 -2.83
N PHE A 32 -0.38 1.48 -3.97
CA PHE A 32 0.72 0.73 -4.57
C PHE A 32 0.51 0.59 -6.07
N LYS A 33 1.47 1.10 -6.85
CA LYS A 33 1.40 1.03 -8.30
C LYS A 33 0.14 1.74 -8.82
N ASN A 34 -0.20 2.86 -8.20
CA ASN A 34 -1.37 3.63 -8.59
C ASN A 34 -2.64 2.81 -8.41
N ASP A 35 -2.81 2.23 -7.24
CA ASP A 35 -3.99 1.42 -6.93
C ASP A 35 -4.15 1.24 -5.43
N PRO A 36 -5.39 1.38 -4.95
CA PRO A 36 -5.72 1.25 -3.52
C PRO A 36 -5.60 -0.20 -3.04
N TYR A 37 -5.15 -0.37 -1.81
CA TYR A 37 -4.99 -1.70 -1.23
C TYR A 37 -5.01 -1.64 0.30
N HIS A 38 -5.08 -2.81 0.92
CA HIS A 38 -5.10 -2.89 2.38
C HIS A 38 -3.69 -3.11 2.93
N PRO A 39 -3.29 -2.27 3.89
CA PRO A 39 -1.97 -2.36 4.52
C PRO A 39 -1.83 -3.60 5.41
N ASP A 40 -2.87 -4.42 5.43
CA ASP A 40 -2.87 -5.64 6.24
C ASP A 40 -2.74 -6.88 5.35
N HIS A 41 -2.94 -6.69 4.05
CA HIS A 41 -2.85 -7.79 3.09
C HIS A 41 -1.40 -8.21 2.88
N PHE A 42 -0.53 -7.23 2.69
CA PHE A 42 0.89 -7.50 2.47
C PHE A 42 1.66 -7.40 3.78
N ASN A 43 2.91 -7.84 3.75
CA ASN A 43 3.77 -7.80 4.94
C ASN A 43 5.20 -7.41 4.57
N CYS A 44 5.89 -6.76 5.50
CA CYS A 44 7.26 -6.34 5.28
C CYS A 44 8.10 -7.47 4.68
N ALA A 45 9.21 -7.11 4.05
CA ALA A 45 10.09 -8.09 3.43
C ALA A 45 11.32 -8.34 4.29
N ASN A 46 11.60 -7.40 5.19
CA ASN A 46 12.76 -7.51 6.08
C ASN A 46 12.40 -8.30 7.34
N CYS A 47 11.52 -7.73 8.15
CA CYS A 47 11.08 -8.37 9.38
C CYS A 47 9.97 -9.37 9.12
N GLY A 48 9.10 -9.04 8.16
CA GLY A 48 8.00 -9.93 7.82
C GLY A 48 6.80 -9.72 8.73
N LYS A 49 6.44 -8.46 8.94
CA LYS A 49 5.30 -8.14 9.80
C LYS A 49 4.20 -7.44 8.99
N GLU A 50 3.04 -7.27 9.60
CA GLU A 50 1.91 -6.62 8.95
C GLU A 50 2.23 -5.17 8.61
N LEU A 51 2.40 -4.90 7.32
CA LEU A 51 2.73 -3.56 6.86
C LEU A 51 1.63 -2.57 7.25
N THR A 52 1.84 -1.29 6.95
CA THR A 52 0.88 -0.25 7.27
C THR A 52 0.48 0.53 6.03
N ALA A 53 -0.47 1.45 6.19
CA ALA A 53 -0.94 2.28 5.09
C ALA A 53 0.18 3.17 4.56
N ASP A 54 1.12 3.52 5.43
CA ASP A 54 2.23 4.37 5.05
C ASP A 54 3.44 3.53 4.66
N ALA A 55 3.21 2.26 4.39
CA ALA A 55 4.29 1.35 4.00
C ALA A 55 5.06 1.91 2.81
N ARG A 56 6.37 2.03 2.97
CA ARG A 56 7.22 2.53 1.90
C ARG A 56 7.61 1.43 0.92
N GLU A 57 7.59 1.75 -0.36
CA GLU A 57 7.93 0.78 -1.40
C GLU A 57 9.43 0.78 -1.67
N LEU A 58 9.96 -0.39 -2.04
CA LEU A 58 11.39 -0.52 -2.34
C LEU A 58 11.62 -1.52 -3.46
N LYS A 59 11.98 -1.01 -4.63
CA LYS A 59 12.23 -1.86 -5.79
C LYS A 59 11.04 -2.75 -6.08
N GLY A 60 9.84 -2.22 -5.88
CA GLY A 60 8.63 -2.98 -6.15
C GLY A 60 8.07 -3.61 -4.88
N GLU A 61 8.94 -3.82 -3.89
CA GLU A 61 8.51 -4.42 -2.63
C GLU A 61 7.87 -3.39 -1.72
N LEU A 62 7.42 -3.84 -0.56
CA LEU A 62 6.78 -2.95 0.41
C LEU A 62 7.28 -3.22 1.82
N TYR A 63 8.04 -2.28 2.37
CA TYR A 63 8.59 -2.43 3.72
C TYR A 63 7.88 -1.50 4.70
N CYS A 64 7.98 -1.81 5.99
CA CYS A 64 7.35 -1.00 7.02
C CYS A 64 8.25 0.17 7.41
N LEU A 65 7.63 1.26 7.85
CA LEU A 65 8.37 2.45 8.25
C LEU A 65 9.56 2.07 9.12
N PRO A 66 9.31 1.24 10.13
CA PRO A 66 10.34 0.78 11.06
C PRO A 66 11.60 0.31 10.34
N CYS A 67 11.42 -0.60 9.38
CA CYS A 67 12.54 -1.13 8.62
C CYS A 67 13.05 -0.11 7.60
N HIS A 68 12.14 0.38 6.77
CA HIS A 68 12.50 1.37 5.75
C HIS A 68 13.33 2.50 6.36
N ASP A 69 13.24 2.65 7.68
CA ASP A 69 13.99 3.68 8.37
C ASP A 69 15.43 3.26 8.61
N LYS A 70 15.61 2.01 9.05
CA LYS A 70 16.94 1.48 9.31
C LYS A 70 17.60 0.99 8.02
N MET A 71 16.82 0.97 6.94
CA MET A 71 17.33 0.53 5.64
C MET A 71 18.51 1.39 5.21
N GLY A 72 18.33 2.70 5.26
CA GLY A 72 19.39 3.61 4.87
C GLY A 72 20.50 3.70 5.89
N VAL A 73 21.30 2.64 5.99
CA VAL A 73 22.39 2.59 6.95
C VAL A 73 23.62 3.32 6.41
N SER A 74 23.39 4.44 5.73
CA SER A 74 24.47 5.23 5.17
C SER A 74 25.35 4.36 4.26
N GLY A 75 24.71 3.50 3.49
CA GLY A 75 25.45 2.62 2.58
C GLY A 75 25.35 3.08 1.14
N PRO A 76 26.01 2.34 0.24
CA PRO A 76 26.01 2.65 -1.19
C PRO A 76 24.65 2.41 -1.84
N SER A 77 23.86 1.54 -1.24
CA SER A 77 22.54 1.22 -1.75
C SER A 77 21.63 2.44 -1.72
N SER A 78 21.50 3.03 -0.53
CA SER A 78 20.65 4.20 -0.34
C SER A 78 21.43 5.48 -0.62
N GLY A 79 21.31 6.00 -1.85
CA GLY A 79 22.01 7.21 -2.21
C GLY A 79 21.81 8.32 -1.21
ZN ZN B . -8.15 -5.61 0.63
ZN ZN C . 9.75 -4.30 8.61
N GLY A 1 -11.98 -31.56 3.31
CA GLY A 1 -12.86 -30.50 3.75
C GLY A 1 -13.27 -29.57 2.61
N SER A 2 -13.89 -28.45 2.97
CA SER A 2 -14.33 -27.48 1.98
C SER A 2 -14.79 -26.19 2.64
N SER A 3 -14.44 -25.05 2.03
CA SER A 3 -14.82 -23.76 2.58
C SER A 3 -14.75 -22.68 1.50
N GLY A 4 -15.14 -21.46 1.86
CA GLY A 4 -15.10 -20.37 0.91
C GLY A 4 -16.49 -19.82 0.60
N SER A 5 -17.05 -20.24 -0.53
CA SER A 5 -18.37 -19.79 -0.95
C SER A 5 -18.60 -18.33 -0.54
N SER A 6 -17.57 -17.50 -0.73
CA SER A 6 -17.65 -16.09 -0.39
C SER A 6 -17.90 -15.25 -1.64
N GLY A 7 -18.54 -14.10 -1.45
CA GLY A 7 -18.83 -13.21 -2.56
C GLY A 7 -19.31 -11.85 -2.11
N GLU A 8 -18.72 -10.79 -2.66
CA GLU A 8 -19.11 -9.44 -2.31
C GLU A 8 -18.90 -8.49 -3.49
N LYS A 9 -19.92 -7.69 -3.78
CA LYS A 9 -19.86 -6.74 -4.89
C LYS A 9 -20.45 -5.40 -4.48
N ALA A 10 -19.76 -4.32 -4.84
CA ALA A 10 -20.23 -2.98 -4.52
C ALA A 10 -19.35 -1.92 -5.18
N ARG A 11 -19.99 -0.94 -5.80
CA ARG A 11 -19.27 0.14 -6.47
C ARG A 11 -20.00 1.47 -6.31
N GLY A 12 -19.25 2.52 -6.03
CA GLY A 12 -19.84 3.84 -5.86
C GLY A 12 -18.94 4.79 -5.11
N LEU A 13 -19.40 6.02 -4.92
CA LEU A 13 -18.63 7.03 -4.20
C LEU A 13 -18.79 6.87 -2.69
N GLY A 14 -17.68 6.91 -1.97
CA GLY A 14 -17.72 6.78 -0.52
C GLY A 14 -16.34 6.70 0.09
N LYS A 15 -15.56 5.72 -0.33
CA LYS A 15 -14.21 5.53 0.18
C LYS A 15 -13.34 4.78 -0.81
N TYR A 16 -12.09 4.51 -0.43
CA TYR A 16 -11.17 3.80 -1.30
C TYR A 16 -11.47 2.30 -1.31
N ILE A 17 -11.77 1.78 -2.49
CA ILE A 17 -12.08 0.36 -2.63
C ILE A 17 -10.82 -0.46 -2.89
N CYS A 18 -10.50 -1.36 -1.97
CA CYS A 18 -9.32 -2.21 -2.11
C CYS A 18 -9.34 -2.97 -3.43
N GLN A 19 -8.28 -2.84 -4.20
CA GLN A 19 -8.17 -3.52 -5.48
C GLN A 19 -7.67 -4.95 -5.30
N LYS A 20 -7.94 -5.52 -4.13
CA LYS A 20 -7.51 -6.89 -3.82
C LYS A 20 -8.67 -7.70 -3.27
N CYS A 21 -9.32 -7.17 -2.24
CA CYS A 21 -10.45 -7.84 -1.61
C CYS A 21 -11.76 -7.17 -1.99
N HIS A 22 -11.68 -6.07 -2.73
CA HIS A 22 -12.85 -5.33 -3.15
C HIS A 22 -13.70 -4.91 -1.96
N ALA A 23 -13.05 -4.28 -0.98
CA ALA A 23 -13.75 -3.82 0.22
C ALA A 23 -13.31 -2.41 0.59
N ILE A 24 -14.29 -1.57 0.94
CA ILE A 24 -14.01 -0.19 1.32
C ILE A 24 -12.93 -0.12 2.40
N ILE A 25 -11.97 0.76 2.20
CA ILE A 25 -10.88 0.92 3.16
C ILE A 25 -11.14 2.09 4.11
N ASP A 26 -11.93 1.83 5.15
CA ASP A 26 -12.27 2.86 6.14
C ASP A 26 -11.01 3.63 6.56
N GLU A 27 -9.97 2.90 6.95
CA GLU A 27 -8.73 3.53 7.37
C GLU A 27 -7.87 3.91 6.17
N GLN A 28 -6.72 4.52 6.44
CA GLN A 28 -5.82 4.94 5.37
C GLN A 28 -5.51 3.80 4.43
N PRO A 29 -6.03 3.89 3.20
CA PRO A 29 -5.83 2.86 2.17
C PRO A 29 -4.39 2.83 1.66
N LEU A 30 -3.81 1.63 1.64
CA LEU A 30 -2.43 1.47 1.19
C LEU A 30 -2.35 1.61 -0.33
N ILE A 31 -1.56 2.60 -0.78
CA ILE A 31 -1.39 2.84 -2.21
C ILE A 31 -0.20 2.07 -2.76
N PHE A 32 -0.41 1.38 -3.87
CA PHE A 32 0.66 0.60 -4.50
C PHE A 32 0.40 0.45 -6.00
N LYS A 33 1.41 0.81 -6.80
CA LYS A 33 1.30 0.72 -8.25
C LYS A 33 0.08 1.49 -8.76
N ASN A 34 -0.19 2.63 -8.12
CA ASN A 34 -1.33 3.46 -8.51
C ASN A 34 -2.65 2.71 -8.32
N ASP A 35 -2.83 2.15 -7.13
CA ASP A 35 -4.05 1.41 -6.83
C ASP A 35 -4.21 1.23 -5.32
N PRO A 36 -5.46 1.39 -4.83
CA PRO A 36 -5.77 1.26 -3.41
C PRO A 36 -5.67 -0.19 -2.92
N TYR A 37 -5.22 -0.36 -1.68
CA TYR A 37 -5.07 -1.69 -1.11
C TYR A 37 -5.03 -1.62 0.42
N HIS A 38 -5.19 -2.78 1.05
CA HIS A 38 -5.18 -2.85 2.52
C HIS A 38 -3.77 -3.11 3.04
N PRO A 39 -3.33 -2.28 3.99
CA PRO A 39 -2.00 -2.41 4.61
C PRO A 39 -1.88 -3.66 5.47
N ASP A 40 -2.94 -4.46 5.51
CA ASP A 40 -2.94 -5.68 6.31
C ASP A 40 -2.91 -6.91 5.41
N HIS A 41 -2.90 -6.69 4.10
CA HIS A 41 -2.87 -7.78 3.13
C HIS A 41 -1.43 -8.25 2.89
N PHE A 42 -0.53 -7.29 2.70
CA PHE A 42 0.88 -7.60 2.46
C PHE A 42 1.67 -7.54 3.76
N ASN A 43 2.96 -7.86 3.66
CA ASN A 43 3.84 -7.84 4.83
C ASN A 43 5.25 -7.44 4.44
N CYS A 44 5.98 -6.85 5.38
CA CYS A 44 7.34 -6.41 5.15
C CYS A 44 8.18 -7.55 4.55
N ALA A 45 9.28 -7.19 3.91
CA ALA A 45 10.17 -8.16 3.30
C ALA A 45 11.40 -8.42 4.18
N ASN A 46 11.77 -7.42 4.97
CA ASN A 46 12.92 -7.54 5.86
C ASN A 46 12.56 -8.33 7.12
N CYS A 47 11.69 -7.76 7.94
CA CYS A 47 11.27 -8.41 9.17
C CYS A 47 10.16 -9.43 8.89
N GLY A 48 9.27 -9.09 7.96
CA GLY A 48 8.17 -9.98 7.62
C GLY A 48 6.96 -9.79 8.52
N LYS A 49 6.59 -8.53 8.75
CA LYS A 49 5.45 -8.21 9.59
C LYS A 49 4.34 -7.58 8.78
N GLU A 50 3.20 -7.31 9.42
CA GLU A 50 2.06 -6.71 8.75
C GLU A 50 2.34 -5.25 8.42
N LEU A 51 2.56 -4.96 7.15
CA LEU A 51 2.83 -3.60 6.70
C LEU A 51 1.74 -2.64 7.16
N THR A 52 1.94 -1.35 6.90
CA THR A 52 0.96 -0.34 7.28
C THR A 52 0.53 0.49 6.08
N ALA A 53 -0.42 1.39 6.30
CA ALA A 53 -0.92 2.25 5.22
C ALA A 53 0.15 3.22 4.76
N ASP A 54 1.01 3.62 5.69
CA ASP A 54 2.08 4.56 5.37
C ASP A 54 3.35 3.82 4.95
N ALA A 55 3.21 2.53 4.68
CA ALA A 55 4.34 1.71 4.27
C ALA A 55 5.15 2.39 3.17
N ARG A 56 6.25 1.77 2.77
CA ARG A 56 7.11 2.31 1.73
C ARG A 56 7.46 1.25 0.69
N GLU A 57 7.54 1.67 -0.57
CA GLU A 57 7.85 0.76 -1.65
C GLU A 57 9.33 0.89 -2.06
N LEU A 58 10.02 -0.25 -2.12
CA LEU A 58 11.43 -0.26 -2.50
C LEU A 58 11.68 -1.23 -3.65
N LYS A 59 11.87 -0.68 -4.85
CA LYS A 59 12.12 -1.51 -6.03
C LYS A 59 11.03 -2.56 -6.20
N GLY A 60 9.79 -2.17 -5.91
CA GLY A 60 8.68 -3.09 -6.05
C GLY A 60 8.23 -3.66 -4.71
N GLU A 61 9.20 -4.01 -3.87
CA GLU A 61 8.89 -4.57 -2.56
C GLU A 61 8.22 -3.54 -1.66
N LEU A 62 7.79 -3.97 -0.49
CA LEU A 62 7.12 -3.08 0.46
C LEU A 62 7.63 -3.32 1.88
N TYR A 63 8.35 -2.33 2.42
CA TYR A 63 8.90 -2.44 3.76
C TYR A 63 8.17 -1.51 4.72
N CYS A 64 8.02 -1.96 5.97
CA CYS A 64 7.33 -1.16 6.97
C CYS A 64 8.19 0.02 7.43
N LEU A 65 7.54 1.09 7.85
CA LEU A 65 8.24 2.28 8.30
C LEU A 65 9.44 1.91 9.17
N PRO A 66 9.20 1.04 10.16
CA PRO A 66 10.25 0.59 11.08
C PRO A 66 11.51 0.15 10.34
N CYS A 67 11.35 -0.76 9.39
CA CYS A 67 12.48 -1.26 8.61
C CYS A 67 13.02 -0.18 7.68
N HIS A 68 12.13 0.39 6.86
CA HIS A 68 12.51 1.42 5.92
C HIS A 68 13.50 2.39 6.55
N ASP A 69 13.34 2.66 7.83
CA ASP A 69 14.23 3.57 8.55
C ASP A 69 15.62 2.96 8.72
N LYS A 70 15.65 1.66 9.02
CA LYS A 70 16.92 0.95 9.20
C LYS A 70 17.76 1.01 7.93
N MET A 71 17.10 0.86 6.78
CA MET A 71 17.79 0.90 5.50
C MET A 71 18.95 1.88 5.53
N GLY A 72 18.65 3.13 5.87
CA GLY A 72 19.68 4.15 5.93
C GLY A 72 21.00 3.61 6.46
N VAL A 73 20.95 2.92 7.59
CA VAL A 73 22.15 2.34 8.20
C VAL A 73 22.39 0.93 7.70
N SER A 74 23.65 0.55 7.61
CA SER A 74 24.03 -0.78 7.14
C SER A 74 23.11 -1.84 7.75
N GLY A 75 22.60 -2.73 6.91
CA GLY A 75 21.72 -3.79 7.37
C GLY A 75 22.08 -5.14 6.79
N PRO A 76 21.14 -6.10 6.89
CA PRO A 76 21.35 -7.45 6.39
C PRO A 76 21.36 -7.51 4.87
N SER A 77 21.18 -6.35 4.24
CA SER A 77 21.18 -6.27 2.78
C SER A 77 22.37 -5.47 2.28
N SER A 78 23.48 -6.16 2.02
CA SER A 78 24.69 -5.52 1.54
C SER A 78 25.20 -6.20 0.27
N GLY A 79 24.91 -5.57 -0.87
CA GLY A 79 25.34 -6.14 -2.14
C GLY A 79 24.18 -6.60 -3.00
ZN ZN B . -8.30 -5.67 0.79
ZN ZN C . 9.61 -4.49 8.47
N GLY A 1 -14.16 7.54 -41.48
CA GLY A 1 -15.56 7.91 -41.30
C GLY A 1 -15.78 8.80 -40.10
N SER A 2 -16.96 9.39 -40.02
CA SER A 2 -17.30 10.29 -38.91
C SER A 2 -17.84 9.50 -37.71
N SER A 3 -17.68 10.05 -36.53
CA SER A 3 -18.15 9.40 -35.30
C SER A 3 -18.02 10.34 -34.11
N GLY A 4 -19.04 10.33 -33.26
CA GLY A 4 -19.02 11.19 -32.08
C GLY A 4 -20.28 11.03 -31.23
N SER A 5 -20.40 9.89 -30.58
CA SER A 5 -21.56 9.62 -29.74
C SER A 5 -21.14 9.00 -28.40
N SER A 6 -21.46 9.68 -27.31
CA SER A 6 -21.12 9.20 -25.98
C SER A 6 -21.97 9.87 -24.92
N GLY A 7 -21.98 9.30 -23.71
CA GLY A 7 -22.77 9.86 -22.63
C GLY A 7 -22.96 8.88 -21.49
N GLU A 8 -22.49 9.24 -20.30
CA GLU A 8 -22.61 8.38 -19.13
C GLU A 8 -22.37 9.17 -17.85
N LYS A 9 -23.06 8.79 -16.79
CA LYS A 9 -22.93 9.45 -15.50
C LYS A 9 -22.28 8.52 -14.47
N ALA A 10 -21.80 9.11 -13.38
CA ALA A 10 -21.16 8.33 -12.32
C ALA A 10 -21.05 9.15 -11.04
N ARG A 11 -21.30 8.49 -9.91
CA ARG A 11 -21.23 9.15 -8.61
C ARG A 11 -20.27 8.44 -7.68
N GLY A 12 -19.08 9.00 -7.52
CA GLY A 12 -18.09 8.39 -6.65
C GLY A 12 -17.94 9.12 -5.33
N LEU A 13 -18.52 8.56 -4.27
CA LEU A 13 -18.45 9.16 -2.94
C LEU A 13 -18.55 8.09 -1.85
N GLY A 14 -17.48 7.94 -1.09
CA GLY A 14 -17.46 6.96 -0.02
C GLY A 14 -16.08 6.77 0.57
N LYS A 15 -15.31 5.82 0.01
CA LYS A 15 -13.96 5.54 0.49
C LYS A 15 -13.14 4.84 -0.59
N TYR A 16 -11.89 4.56 -0.27
CA TYR A 16 -10.99 3.89 -1.21
C TYR A 16 -11.30 2.40 -1.28
N ILE A 17 -11.57 1.91 -2.48
CA ILE A 17 -11.88 0.50 -2.69
C ILE A 17 -10.61 -0.31 -2.94
N CYS A 18 -10.36 -1.29 -2.09
CA CYS A 18 -9.18 -2.15 -2.22
C CYS A 18 -9.19 -2.89 -3.55
N GLN A 19 -8.10 -2.74 -4.32
CA GLN A 19 -7.99 -3.38 -5.61
C GLN A 19 -7.51 -4.83 -5.46
N LYS A 20 -7.79 -5.41 -4.31
CA LYS A 20 -7.39 -6.79 -4.03
C LYS A 20 -8.58 -7.61 -3.53
N CYS A 21 -9.26 -7.11 -2.51
CA CYS A 21 -10.41 -7.79 -1.96
C CYS A 21 -11.72 -7.09 -2.34
N HIS A 22 -11.59 -5.98 -3.05
CA HIS A 22 -12.74 -5.21 -3.49
C HIS A 22 -13.63 -4.83 -2.30
N ALA A 23 -13.01 -4.27 -1.27
CA ALA A 23 -13.73 -3.85 -0.07
C ALA A 23 -13.24 -2.49 0.43
N ILE A 24 -14.18 -1.62 0.76
CA ILE A 24 -13.85 -0.29 1.27
C ILE A 24 -12.77 -0.37 2.35
N ILE A 25 -11.82 0.56 2.30
CA ILE A 25 -10.74 0.60 3.28
C ILE A 25 -10.98 1.70 4.30
N ASP A 26 -11.50 1.32 5.46
CA ASP A 26 -11.77 2.29 6.53
C ASP A 26 -10.54 3.14 6.80
N GLU A 27 -9.52 2.54 7.38
CA GLU A 27 -8.28 3.26 7.69
C GLU A 27 -7.58 3.72 6.42
N GLN A 28 -6.46 4.41 6.60
CA GLN A 28 -5.69 4.91 5.46
C GLN A 28 -5.39 3.80 4.47
N PRO A 29 -5.86 3.96 3.23
CA PRO A 29 -5.64 2.97 2.16
C PRO A 29 -4.18 2.90 1.71
N LEU A 30 -3.66 1.69 1.59
CA LEU A 30 -2.28 1.50 1.16
C LEU A 30 -2.15 1.62 -0.35
N ILE A 31 -1.49 2.68 -0.80
CA ILE A 31 -1.30 2.91 -2.23
C ILE A 31 -0.11 2.11 -2.75
N PHE A 32 -0.26 1.53 -3.94
CA PHE A 32 0.80 0.75 -4.55
C PHE A 32 0.58 0.62 -6.06
N LYS A 33 1.55 1.09 -6.83
CA LYS A 33 1.47 1.02 -8.29
C LYS A 33 0.27 1.83 -8.80
N ASN A 34 -0.06 2.90 -8.08
CA ASN A 34 -1.18 3.75 -8.46
C ASN A 34 -2.51 3.01 -8.29
N ASP A 35 -2.66 2.34 -7.15
CA ASP A 35 -3.88 1.60 -6.87
C ASP A 35 -4.04 1.38 -5.37
N PRO A 36 -5.28 1.52 -4.88
CA PRO A 36 -5.60 1.33 -3.46
C PRO A 36 -5.47 -0.12 -3.02
N TYR A 37 -5.11 -0.32 -1.75
CA TYR A 37 -4.95 -1.67 -1.20
C TYR A 37 -4.95 -1.64 0.31
N HIS A 38 -5.07 -2.82 0.92
CA HIS A 38 -5.07 -2.93 2.38
C HIS A 38 -3.67 -3.18 2.92
N PRO A 39 -3.26 -2.37 3.89
CA PRO A 39 -1.93 -2.48 4.52
C PRO A 39 -1.79 -3.74 5.37
N ASP A 40 -2.84 -4.54 5.40
CA ASP A 40 -2.85 -5.78 6.17
C ASP A 40 -2.68 -6.99 5.26
N HIS A 41 -2.90 -6.79 3.96
CA HIS A 41 -2.76 -7.86 2.99
C HIS A 41 -1.31 -8.24 2.80
N PHE A 42 -0.45 -7.23 2.64
CA PHE A 42 0.97 -7.47 2.44
C PHE A 42 1.74 -7.32 3.75
N ASN A 43 2.94 -7.89 3.80
CA ASN A 43 3.77 -7.82 5.00
C ASN A 43 5.21 -7.48 4.64
N CYS A 44 5.91 -6.84 5.57
CA CYS A 44 7.30 -6.46 5.36
C CYS A 44 8.10 -7.62 4.80
N ALA A 45 9.20 -7.30 4.11
CA ALA A 45 10.06 -8.33 3.52
C ALA A 45 11.28 -8.58 4.40
N ASN A 46 11.66 -7.57 5.19
CA ASN A 46 12.82 -7.69 6.07
C ASN A 46 12.46 -8.47 7.32
N CYS A 47 11.57 -7.91 8.14
CA CYS A 47 11.14 -8.55 9.37
C CYS A 47 10.03 -9.55 9.10
N GLY A 48 9.04 -9.14 8.30
CA GLY A 48 7.93 -10.01 7.99
C GLY A 48 6.72 -9.76 8.86
N LYS A 49 6.38 -8.48 9.04
CA LYS A 49 5.24 -8.10 9.86
C LYS A 49 4.16 -7.45 9.01
N GLU A 50 2.96 -7.33 9.57
CA GLU A 50 1.84 -6.73 8.86
C GLU A 50 2.13 -5.26 8.55
N LEU A 51 2.43 -4.99 7.29
CA LEU A 51 2.71 -3.62 6.85
C LEU A 51 1.62 -2.66 7.29
N THR A 52 1.87 -1.37 7.10
CA THR A 52 0.89 -0.35 7.48
C THR A 52 0.47 0.48 6.27
N ALA A 53 -0.53 1.34 6.47
CA ALA A 53 -1.03 2.18 5.39
C ALA A 53 0.07 3.09 4.85
N ASP A 54 0.91 3.59 5.75
CA ASP A 54 2.01 4.48 5.36
C ASP A 54 3.18 3.67 4.79
N ALA A 55 3.05 2.35 4.81
CA ALA A 55 4.08 1.47 4.30
C ALA A 55 4.78 2.08 3.08
N ARG A 56 6.04 1.73 2.89
CA ARG A 56 6.82 2.25 1.77
C ARG A 56 7.14 1.14 0.77
N GLU A 57 7.48 1.53 -0.46
CA GLU A 57 7.80 0.58 -1.50
C GLU A 57 9.29 0.64 -1.85
N LEU A 58 9.89 -0.53 -2.04
CA LEU A 58 11.32 -0.61 -2.38
C LEU A 58 11.55 -1.60 -3.51
N LYS A 59 11.90 -1.09 -4.68
CA LYS A 59 12.16 -1.93 -5.85
C LYS A 59 11.03 -2.93 -6.04
N GLY A 60 9.80 -2.47 -5.87
CA GLY A 60 8.64 -3.36 -6.05
C GLY A 60 8.16 -3.93 -4.73
N GLU A 61 9.09 -4.29 -3.86
CA GLU A 61 8.75 -4.86 -2.56
C GLU A 61 8.08 -3.82 -1.67
N LEU A 62 7.59 -4.26 -0.52
CA LEU A 62 6.91 -3.37 0.42
C LEU A 62 7.43 -3.60 1.84
N TYR A 63 8.07 -2.58 2.40
CA TYR A 63 8.61 -2.67 3.75
C TYR A 63 7.87 -1.73 4.70
N CYS A 64 7.85 -2.09 5.98
CA CYS A 64 7.17 -1.29 6.98
C CYS A 64 7.99 -0.05 7.33
N LEU A 65 7.31 0.99 7.83
CA LEU A 65 7.98 2.23 8.20
C LEU A 65 9.22 1.96 9.02
N PRO A 66 9.09 1.11 10.05
CA PRO A 66 10.20 0.74 10.93
C PRO A 66 11.45 0.34 10.14
N CYS A 67 11.36 -0.76 9.40
CA CYS A 67 12.48 -1.24 8.62
C CYS A 67 12.94 -0.19 7.62
N HIS A 68 11.99 0.35 6.84
CA HIS A 68 12.30 1.37 5.85
C HIS A 68 13.31 2.37 6.40
N ASP A 69 13.11 2.79 7.64
CA ASP A 69 14.00 3.75 8.28
C ASP A 69 15.44 3.25 8.27
N LYS A 70 15.62 2.00 8.69
CA LYS A 70 16.95 1.39 8.72
C LYS A 70 17.67 1.58 7.39
N MET A 71 16.95 1.33 6.31
CA MET A 71 17.52 1.47 4.96
C MET A 71 18.52 2.61 4.92
N GLY A 72 18.10 3.78 5.38
CA GLY A 72 18.97 4.94 5.38
C GLY A 72 20.40 4.59 5.75
N VAL A 73 20.57 3.87 6.85
CA VAL A 73 21.89 3.47 7.30
C VAL A 73 22.31 2.15 6.66
N SER A 74 23.62 1.89 6.67
CA SER A 74 24.16 0.67 6.09
C SER A 74 23.78 -0.54 6.94
N GLY A 75 24.11 -0.47 8.22
CA GLY A 75 23.80 -1.56 9.12
C GLY A 75 24.90 -2.61 9.17
N PRO A 76 24.96 -3.37 10.27
CA PRO A 76 25.97 -4.42 10.45
C PRO A 76 25.75 -5.60 9.52
N SER A 77 24.66 -5.56 8.76
CA SER A 77 24.34 -6.64 7.82
C SER A 77 25.41 -6.76 6.74
N SER A 78 26.32 -7.71 6.93
CA SER A 78 27.40 -7.93 5.97
C SER A 78 26.84 -8.15 4.56
N GLY A 79 27.43 -7.48 3.59
CA GLY A 79 26.98 -7.62 2.21
C GLY A 79 27.57 -8.85 1.53
ZN ZN B . -8.07 -5.59 0.74
ZN ZN C . 9.79 -4.42 8.64
N GLY A 1 -6.53 -9.28 -33.04
CA GLY A 1 -7.76 -9.15 -33.81
C GLY A 1 -8.47 -7.84 -33.55
N SER A 2 -9.76 -7.80 -33.83
CA SER A 2 -10.56 -6.61 -33.63
C SER A 2 -11.13 -6.56 -32.21
N SER A 3 -10.86 -5.46 -31.52
CA SER A 3 -11.34 -5.30 -30.15
C SER A 3 -11.87 -3.89 -29.92
N GLY A 4 -12.63 -3.71 -28.85
CA GLY A 4 -13.20 -2.41 -28.54
C GLY A 4 -12.97 -2.01 -27.11
N SER A 5 -13.92 -1.26 -26.54
CA SER A 5 -13.80 -0.80 -25.15
C SER A 5 -15.19 -0.71 -24.50
N SER A 6 -15.20 -0.55 -23.18
CA SER A 6 -16.45 -0.44 -22.44
C SER A 6 -16.49 0.86 -21.63
N GLY A 7 -15.33 1.45 -21.43
CA GLY A 7 -15.26 2.69 -20.67
C GLY A 7 -15.65 2.51 -19.21
N GLU A 8 -14.90 3.14 -18.32
CA GLU A 8 -15.18 3.04 -16.89
C GLU A 8 -15.69 4.37 -16.35
N LYS A 9 -17.00 4.59 -16.47
CA LYS A 9 -17.61 5.82 -15.99
C LYS A 9 -17.94 5.72 -14.50
N ALA A 10 -17.00 5.18 -13.73
CA ALA A 10 -17.18 5.04 -12.30
C ALA A 10 -16.71 6.27 -11.55
N ARG A 11 -17.65 7.09 -11.07
CA ARG A 11 -17.32 8.29 -10.34
C ARG A 11 -16.59 7.97 -9.04
N GLY A 12 -17.12 7.00 -8.30
CA GLY A 12 -16.51 6.61 -7.04
C GLY A 12 -16.82 7.58 -5.92
N LEU A 13 -17.08 7.04 -4.73
CA LEU A 13 -17.40 7.87 -3.58
C LEU A 13 -17.45 7.03 -2.31
N GLY A 14 -17.40 7.69 -1.16
CA GLY A 14 -17.44 7.00 0.11
C GLY A 14 -16.06 6.76 0.69
N LYS A 15 -15.42 5.67 0.26
CA LYS A 15 -14.09 5.33 0.74
C LYS A 15 -13.28 4.66 -0.36
N TYR A 16 -11.98 4.51 -0.12
CA TYR A 16 -11.08 3.88 -1.09
C TYR A 16 -11.36 2.38 -1.18
N ILE A 17 -11.65 1.92 -2.40
CA ILE A 17 -11.94 0.51 -2.63
C ILE A 17 -10.65 -0.28 -2.86
N CYS A 18 -10.41 -1.27 -2.01
CA CYS A 18 -9.22 -2.10 -2.12
C CYS A 18 -9.17 -2.81 -3.47
N GLN A 19 -8.08 -2.61 -4.21
CA GLN A 19 -7.92 -3.22 -5.52
C GLN A 19 -7.44 -4.67 -5.38
N LYS A 20 -7.57 -5.22 -4.17
CA LYS A 20 -7.15 -6.59 -3.90
C LYS A 20 -8.34 -7.46 -3.53
N CYS A 21 -9.11 -7.02 -2.53
CA CYS A 21 -10.27 -7.75 -2.07
C CYS A 21 -11.56 -7.04 -2.50
N HIS A 22 -11.41 -5.88 -3.12
CA HIS A 22 -12.55 -5.11 -3.59
C HIS A 22 -13.51 -4.81 -2.43
N ALA A 23 -12.98 -4.23 -1.36
CA ALA A 23 -13.78 -3.89 -0.20
C ALA A 23 -13.39 -2.52 0.37
N ILE A 24 -14.39 -1.75 0.77
CA ILE A 24 -14.16 -0.42 1.31
C ILE A 24 -12.90 -0.40 2.19
N ILE A 25 -12.23 0.74 2.23
CA ILE A 25 -11.02 0.88 3.03
C ILE A 25 -11.19 1.96 4.09
N ASP A 26 -11.98 1.66 5.12
CA ASP A 26 -12.23 2.61 6.20
C ASP A 26 -10.93 3.30 6.62
N GLU A 27 -9.95 2.50 7.02
CA GLU A 27 -8.66 3.04 7.46
C GLU A 27 -7.86 3.55 6.26
N GLN A 28 -6.71 4.15 6.55
CA GLN A 28 -5.86 4.69 5.50
C GLN A 28 -5.58 3.63 4.43
N PRO A 29 -6.02 3.91 3.20
CA PRO A 29 -5.83 3.00 2.06
C PRO A 29 -4.37 2.92 1.62
N LEU A 30 -3.84 1.70 1.60
CA LEU A 30 -2.45 1.48 1.20
C LEU A 30 -2.29 1.62 -0.31
N ILE A 31 -1.54 2.63 -0.73
CA ILE A 31 -1.31 2.86 -2.15
C ILE A 31 -0.14 2.04 -2.66
N PHE A 32 -0.35 1.36 -3.79
CA PHE A 32 0.70 0.54 -4.38
C PHE A 32 0.53 0.46 -5.90
N LYS A 33 1.58 0.81 -6.63
CA LYS A 33 1.56 0.77 -8.08
C LYS A 33 0.39 1.58 -8.63
N ASN A 34 0.12 2.72 -8.00
CA ASN A 34 -0.99 3.58 -8.42
C ASN A 34 -2.33 2.87 -8.27
N ASP A 35 -2.54 2.29 -7.10
CA ASP A 35 -3.79 1.57 -6.82
C ASP A 35 -3.99 1.37 -5.32
N PRO A 36 -5.22 1.56 -4.86
CA PRO A 36 -5.57 1.39 -3.44
C PRO A 36 -5.51 -0.05 -2.99
N TYR A 37 -5.16 -0.26 -1.73
CA TYR A 37 -5.07 -1.61 -1.17
C TYR A 37 -5.09 -1.57 0.35
N HIS A 38 -5.23 -2.74 0.96
CA HIS A 38 -5.26 -2.85 2.42
C HIS A 38 -3.87 -3.10 2.98
N PRO A 39 -3.46 -2.28 3.97
CA PRO A 39 -2.15 -2.40 4.60
C PRO A 39 -2.04 -3.65 5.47
N ASP A 40 -3.09 -4.46 5.47
CA ASP A 40 -3.11 -5.69 6.26
C ASP A 40 -3.03 -6.91 5.35
N HIS A 41 -3.04 -6.67 4.04
CA HIS A 41 -2.96 -7.75 3.07
C HIS A 41 -1.51 -8.19 2.85
N PHE A 42 -0.63 -7.21 2.68
CA PHE A 42 0.78 -7.50 2.47
C PHE A 42 1.56 -7.48 3.79
N ASN A 43 2.84 -7.81 3.72
CA ASN A 43 3.68 -7.83 4.91
C ASN A 43 5.13 -7.49 4.55
N CYS A 44 5.84 -6.90 5.51
CA CYS A 44 7.23 -6.52 5.30
C CYS A 44 8.03 -7.69 4.74
N ALA A 45 9.20 -7.38 4.16
CA ALA A 45 10.06 -8.41 3.59
C ALA A 45 11.27 -8.67 4.48
N ASN A 46 11.73 -7.64 5.17
CA ASN A 46 12.89 -7.75 6.05
C ASN A 46 12.50 -8.47 7.34
N CYS A 47 11.50 -7.94 8.04
CA CYS A 47 11.04 -8.53 9.29
C CYS A 47 9.93 -9.54 9.04
N GLY A 48 9.05 -9.23 8.09
CA GLY A 48 7.95 -10.12 7.77
C GLY A 48 6.75 -9.91 8.67
N LYS A 49 6.40 -8.65 8.91
CA LYS A 49 5.26 -8.32 9.76
C LYS A 49 4.15 -7.65 8.95
N GLU A 50 3.01 -7.43 9.59
CA GLU A 50 1.87 -6.80 8.93
C GLU A 50 2.17 -5.33 8.62
N LEU A 51 2.40 -5.05 7.34
CA LEU A 51 2.69 -3.68 6.90
C LEU A 51 1.57 -2.74 7.30
N THR A 52 1.78 -1.44 7.03
CA THR A 52 0.78 -0.43 7.36
C THR A 52 0.42 0.40 6.13
N ALA A 53 -0.53 1.31 6.30
CA ALA A 53 -0.96 2.17 5.20
C ALA A 53 0.18 3.08 4.74
N ASP A 54 0.99 3.54 5.67
CA ASP A 54 2.11 4.40 5.35
C ASP A 54 3.33 3.59 4.94
N ALA A 55 3.11 2.30 4.67
CA ALA A 55 4.19 1.41 4.26
C ALA A 55 4.99 2.03 3.11
N ARG A 56 6.28 1.68 3.05
CA ARG A 56 7.16 2.20 2.01
C ARG A 56 7.49 1.12 0.99
N GLU A 57 7.48 1.49 -0.29
CA GLU A 57 7.78 0.54 -1.35
C GLU A 57 9.22 0.68 -1.82
N LEU A 58 9.96 -0.43 -1.83
CA LEU A 58 11.35 -0.43 -2.25
C LEU A 58 11.61 -1.53 -3.27
N LYS A 59 12.25 -1.17 -4.37
CA LYS A 59 12.57 -2.13 -5.42
C LYS A 59 11.37 -3.02 -5.73
N GLY A 60 10.18 -2.42 -5.72
CA GLY A 60 8.96 -3.17 -6.00
C GLY A 60 8.35 -3.76 -4.75
N GLU A 61 9.20 -4.18 -3.81
CA GLU A 61 8.73 -4.76 -2.56
C GLU A 61 8.04 -3.72 -1.69
N LEU A 62 7.52 -4.16 -0.54
CA LEU A 62 6.84 -3.27 0.38
C LEU A 62 7.31 -3.50 1.81
N TYR A 63 8.07 -2.55 2.34
CA TYR A 63 8.58 -2.66 3.71
C TYR A 63 7.85 -1.70 4.64
N CYS A 64 8.04 -1.91 5.94
CA CYS A 64 7.39 -1.06 6.94
C CYS A 64 8.27 0.14 7.28
N LEU A 65 7.67 1.13 7.95
CA LEU A 65 8.40 2.34 8.33
C LEU A 65 9.65 1.99 9.14
N PRO A 66 9.47 1.15 10.17
CA PRO A 66 10.56 0.71 11.05
C PRO A 66 11.79 0.25 10.25
N CYS A 67 11.56 -0.66 9.32
CA CYS A 67 12.64 -1.18 8.50
C CYS A 67 13.10 -0.15 7.47
N HIS A 68 12.16 0.35 6.68
CA HIS A 68 12.47 1.36 5.67
C HIS A 68 13.42 2.42 6.23
N ASP A 69 13.22 2.77 7.49
CA ASP A 69 14.05 3.78 8.14
C ASP A 69 15.50 3.32 8.20
N LYS A 70 15.72 2.05 8.47
CA LYS A 70 17.06 1.48 8.55
C LYS A 70 17.79 1.64 7.22
N MET A 71 17.10 1.33 6.13
CA MET A 71 17.69 1.44 4.79
C MET A 71 18.56 2.69 4.69
N GLY A 72 18.10 3.79 5.28
CA GLY A 72 18.85 5.03 5.24
C GLY A 72 20.34 4.80 5.33
N VAL A 73 20.75 3.88 6.20
CA VAL A 73 22.16 3.57 6.38
C VAL A 73 22.89 3.51 5.04
N SER A 74 24.20 3.75 5.09
CA SER A 74 25.02 3.72 3.88
C SER A 74 24.66 2.54 2.99
N GLY A 75 23.84 2.79 1.98
CA GLY A 75 23.43 1.73 1.07
C GLY A 75 23.41 2.18 -0.38
N PRO A 76 22.80 1.35 -1.25
CA PRO A 76 22.71 1.65 -2.68
C PRO A 76 21.76 2.81 -2.96
N SER A 77 20.56 2.73 -2.40
CA SER A 77 19.55 3.78 -2.61
C SER A 77 20.06 5.12 -2.09
N SER A 78 19.62 6.20 -2.73
CA SER A 78 20.03 7.54 -2.34
C SER A 78 18.84 8.34 -1.81
N GLY A 79 18.84 8.58 -0.51
CA GLY A 79 17.76 9.34 0.11
C GLY A 79 17.65 10.75 -0.44
ZN ZN B . -8.28 -5.64 0.69
ZN ZN C . 9.91 -4.34 8.53
N GLY A 1 -27.05 8.01 -34.50
CA GLY A 1 -28.07 7.38 -33.70
C GLY A 1 -28.63 8.30 -32.64
N SER A 2 -29.02 7.74 -31.51
CA SER A 2 -29.59 8.52 -30.41
C SER A 2 -29.30 7.85 -29.06
N SER A 3 -28.97 8.66 -28.06
CA SER A 3 -28.67 8.15 -26.73
C SER A 3 -28.83 9.25 -25.69
N GLY A 4 -29.22 8.85 -24.47
CA GLY A 4 -29.41 9.81 -23.40
C GLY A 4 -30.03 9.20 -22.17
N SER A 5 -29.23 8.97 -21.14
CA SER A 5 -29.72 8.37 -19.90
C SER A 5 -28.71 8.56 -18.77
N SER A 6 -29.21 8.87 -17.58
CA SER A 6 -28.36 9.08 -16.42
C SER A 6 -29.00 8.49 -15.17
N GLY A 7 -28.20 8.37 -14.11
CA GLY A 7 -28.70 7.81 -12.86
C GLY A 7 -27.64 7.80 -11.77
N GLU A 8 -27.77 8.71 -10.80
CA GLU A 8 -26.83 8.79 -9.71
C GLU A 8 -27.43 8.24 -8.42
N LYS A 9 -27.42 6.92 -8.28
CA LYS A 9 -27.96 6.27 -7.10
C LYS A 9 -26.86 5.57 -6.30
N ALA A 10 -26.97 5.61 -4.98
CA ALA A 10 -25.99 4.97 -4.11
C ALA A 10 -24.61 5.59 -4.30
N ARG A 11 -24.57 6.92 -4.38
CA ARG A 11 -23.31 7.62 -4.57
C ARG A 11 -23.07 8.62 -3.43
N GLY A 12 -21.91 9.27 -3.44
CA GLY A 12 -21.59 10.24 -2.41
C GLY A 12 -20.11 10.27 -2.09
N LEU A 13 -19.79 10.42 -0.81
CA LEU A 13 -18.40 10.47 -0.36
C LEU A 13 -17.70 9.14 -0.63
N GLY A 14 -18.26 8.06 -0.10
CA GLY A 14 -17.67 6.74 -0.29
C GLY A 14 -16.25 6.65 0.25
N LYS A 15 -15.61 5.53 0.01
CA LYS A 15 -14.24 5.32 0.48
C LYS A 15 -13.39 4.65 -0.61
N TYR A 16 -12.15 4.34 -0.27
CA TYR A 16 -11.24 3.70 -1.22
C TYR A 16 -11.52 2.21 -1.32
N ILE A 17 -11.77 1.73 -2.53
CA ILE A 17 -12.05 0.33 -2.77
C ILE A 17 -10.77 -0.46 -3.04
N CYS A 18 -10.43 -1.35 -2.12
CA CYS A 18 -9.22 -2.16 -2.26
C CYS A 18 -9.20 -2.87 -3.62
N GLN A 19 -8.10 -2.68 -4.35
CA GLN A 19 -7.94 -3.29 -5.66
C GLN A 19 -7.43 -4.72 -5.54
N LYS A 20 -7.68 -5.34 -4.38
CA LYS A 20 -7.24 -6.71 -4.14
C LYS A 20 -8.41 -7.58 -3.68
N CYS A 21 -9.10 -7.14 -2.64
CA CYS A 21 -10.25 -7.87 -2.12
C CYS A 21 -11.56 -7.19 -2.50
N HIS A 22 -11.45 -6.02 -3.12
CA HIS A 22 -12.62 -5.27 -3.54
C HIS A 22 -13.52 -4.94 -2.33
N ALA A 23 -12.91 -4.37 -1.30
CA ALA A 23 -13.65 -4.01 -0.09
C ALA A 23 -13.27 -2.61 0.38
N ILE A 24 -14.28 -1.81 0.74
CA ILE A 24 -14.05 -0.46 1.22
C ILE A 24 -13.02 -0.43 2.35
N ILE A 25 -12.04 0.44 2.24
CA ILE A 25 -11.00 0.57 3.25
C ILE A 25 -11.31 1.70 4.22
N ASP A 26 -11.82 1.34 5.39
CA ASP A 26 -12.16 2.33 6.41
C ASP A 26 -10.94 3.15 6.80
N GLU A 27 -9.86 2.47 7.17
CA GLU A 27 -8.63 3.13 7.57
C GLU A 27 -7.88 3.66 6.35
N GLN A 28 -6.67 4.18 6.59
CA GLN A 28 -5.86 4.73 5.51
C GLN A 28 -5.52 3.64 4.49
N PRO A 29 -5.99 3.83 3.25
CA PRO A 29 -5.74 2.88 2.16
C PRO A 29 -4.29 2.86 1.71
N LEU A 30 -3.72 1.66 1.62
CA LEU A 30 -2.32 1.51 1.21
C LEU A 30 -2.19 1.63 -0.30
N ILE A 31 -1.52 2.68 -0.75
CA ILE A 31 -1.31 2.91 -2.17
C ILE A 31 -0.12 2.12 -2.69
N PHE A 32 -0.22 1.64 -3.93
CA PHE A 32 0.85 0.86 -4.54
C PHE A 32 0.63 0.73 -6.04
N LYS A 33 1.58 1.26 -6.82
CA LYS A 33 1.49 1.21 -8.27
C LYS A 33 0.28 1.97 -8.78
N ASN A 34 -0.07 3.05 -8.08
CA ASN A 34 -1.22 3.86 -8.46
C ASN A 34 -2.52 3.08 -8.30
N ASP A 35 -2.67 2.43 -7.15
CA ASP A 35 -3.87 1.64 -6.87
C ASP A 35 -4.04 1.42 -5.37
N PRO A 36 -5.28 1.55 -4.89
CA PRO A 36 -5.60 1.37 -3.47
C PRO A 36 -5.48 -0.08 -3.03
N TYR A 37 -5.11 -0.29 -1.76
CA TYR A 37 -4.96 -1.63 -1.23
C TYR A 37 -4.97 -1.61 0.30
N HIS A 38 -5.11 -2.78 0.91
CA HIS A 38 -5.14 -2.90 2.36
C HIS A 38 -3.74 -3.14 2.91
N PRO A 39 -3.34 -2.32 3.90
CA PRO A 39 -2.03 -2.44 4.53
C PRO A 39 -1.89 -3.69 5.39
N ASP A 40 -2.94 -4.51 5.39
CA ASP A 40 -2.94 -5.74 6.16
C ASP A 40 -2.76 -6.96 5.25
N HIS A 41 -2.92 -6.74 3.95
CA HIS A 41 -2.78 -7.82 2.97
C HIS A 41 -1.32 -8.20 2.79
N PHE A 42 -0.46 -7.19 2.63
CA PHE A 42 0.96 -7.43 2.45
C PHE A 42 1.71 -7.31 3.78
N ASN A 43 2.95 -7.78 3.79
CA ASN A 43 3.77 -7.73 5.00
C ASN A 43 5.22 -7.40 4.66
N CYS A 44 5.91 -6.73 5.57
CA CYS A 44 7.30 -6.36 5.36
C CYS A 44 8.11 -7.55 4.85
N ALA A 45 9.19 -7.25 4.14
CA ALA A 45 10.05 -8.30 3.59
C ALA A 45 11.27 -8.53 4.47
N ASN A 46 11.61 -7.52 5.28
CA ASN A 46 12.75 -7.61 6.17
C ASN A 46 12.39 -8.35 7.46
N CYS A 47 11.52 -7.74 8.26
CA CYS A 47 11.10 -8.34 9.51
C CYS A 47 9.95 -9.32 9.28
N GLY A 48 9.04 -8.96 8.39
CA GLY A 48 7.91 -9.83 8.08
C GLY A 48 6.72 -9.54 8.97
N LYS A 49 6.41 -8.26 9.15
CA LYS A 49 5.28 -7.85 9.98
C LYS A 49 4.17 -7.24 9.13
N GLU A 50 2.96 -7.18 9.68
CA GLU A 50 1.83 -6.61 8.97
C GLU A 50 2.08 -5.15 8.62
N LEU A 51 2.44 -4.90 7.36
CA LEU A 51 2.71 -3.55 6.89
C LEU A 51 1.59 -2.60 7.29
N THR A 52 1.79 -1.32 7.01
CA THR A 52 0.78 -0.30 7.35
C THR A 52 0.38 0.49 6.11
N ALA A 53 -0.59 1.39 6.28
CA ALA A 53 -1.07 2.22 5.18
C ALA A 53 0.05 3.10 4.64
N ASP A 54 0.93 3.55 5.53
CA ASP A 54 2.05 4.41 5.13
C ASP A 54 3.25 3.58 4.72
N ALA A 55 3.06 2.27 4.65
CA ALA A 55 4.14 1.35 4.26
C ALA A 55 4.90 1.90 3.06
N ARG A 56 6.23 1.87 3.14
CA ARG A 56 7.07 2.36 2.06
C ARG A 56 7.33 1.27 1.03
N GLU A 57 7.52 1.68 -0.22
CA GLU A 57 7.77 0.72 -1.30
C GLU A 57 9.23 0.80 -1.75
N LEU A 58 9.87 -0.36 -1.85
CA LEU A 58 11.26 -0.43 -2.28
C LEU A 58 11.46 -1.52 -3.32
N LYS A 59 12.07 -1.16 -4.45
CA LYS A 59 12.33 -2.10 -5.52
C LYS A 59 11.09 -2.97 -5.78
N GLY A 60 9.91 -2.34 -5.76
CA GLY A 60 8.69 -3.07 -6.00
C GLY A 60 8.09 -3.65 -4.73
N GLU A 61 8.98 -4.07 -3.81
CA GLU A 61 8.54 -4.66 -2.56
C GLU A 61 7.94 -3.60 -1.63
N LEU A 62 7.43 -4.03 -0.49
CA LEU A 62 6.84 -3.11 0.48
C LEU A 62 7.36 -3.38 1.88
N TYR A 63 8.00 -2.38 2.48
CA TYR A 63 8.55 -2.51 3.82
C TYR A 63 7.86 -1.56 4.78
N CYS A 64 7.98 -1.85 6.08
CA CYS A 64 7.37 -1.01 7.11
C CYS A 64 8.26 0.18 7.44
N LEU A 65 7.64 1.27 7.86
CA LEU A 65 8.38 2.49 8.21
C LEU A 65 9.62 2.15 9.03
N PRO A 66 9.44 1.32 10.07
CA PRO A 66 10.53 0.91 10.95
C PRO A 66 11.75 0.45 10.18
N CYS A 67 11.56 -0.56 9.33
CA CYS A 67 12.65 -1.10 8.52
C CYS A 67 13.13 -0.08 7.50
N HIS A 68 12.19 0.45 6.71
CA HIS A 68 12.52 1.43 5.69
C HIS A 68 13.60 2.39 6.19
N ASP A 69 13.56 2.71 7.47
CA ASP A 69 14.53 3.62 8.08
C ASP A 69 15.90 2.96 8.15
N LYS A 70 15.93 1.70 8.59
CA LYS A 70 17.17 0.96 8.71
C LYS A 70 17.90 0.87 7.37
N MET A 71 17.13 0.62 6.31
CA MET A 71 17.70 0.51 4.97
C MET A 71 18.74 1.59 4.74
N GLY A 72 18.39 2.83 5.04
CA GLY A 72 19.31 3.94 4.85
C GLY A 72 20.48 3.89 5.81
N VAL A 73 21.49 3.08 5.47
CA VAL A 73 22.67 2.95 6.30
C VAL A 73 23.75 3.94 5.91
N SER A 74 24.81 4.01 6.71
CA SER A 74 25.92 4.94 6.45
C SER A 74 27.19 4.16 6.10
N GLY A 75 27.58 3.26 6.99
CA GLY A 75 28.79 2.48 6.77
C GLY A 75 30.05 3.30 6.88
N PRO A 76 31.19 2.68 6.54
CA PRO A 76 32.50 3.36 6.60
C PRO A 76 32.64 4.45 5.55
N SER A 77 31.93 4.28 4.44
CA SER A 77 32.00 5.25 3.35
C SER A 77 31.40 6.58 3.77
N SER A 78 32.26 7.54 4.11
CA SER A 78 31.82 8.86 4.54
C SER A 78 30.59 9.30 3.78
N GLY A 79 29.61 9.84 4.50
CA GLY A 79 28.38 10.29 3.86
C GLY A 79 27.84 11.55 4.51
ZN ZN B . -8.14 -5.53 0.70
ZN ZN C . 9.86 -4.22 8.63
N GLY A 1 -18.08 -12.45 -34.20
CA GLY A 1 -16.95 -12.00 -33.43
C GLY A 1 -16.90 -12.63 -32.05
N SER A 2 -16.64 -11.81 -31.04
CA SER A 2 -16.57 -12.30 -29.66
C SER A 2 -16.96 -11.20 -28.68
N SER A 3 -17.33 -11.61 -27.46
CA SER A 3 -17.73 -10.66 -26.43
C SER A 3 -17.05 -10.99 -25.10
N GLY A 4 -17.23 -10.10 -24.13
CA GLY A 4 -16.62 -10.31 -22.82
C GLY A 4 -16.33 -9.01 -22.10
N SER A 5 -17.04 -8.76 -21.01
CA SER A 5 -16.85 -7.54 -20.23
C SER A 5 -17.28 -7.75 -18.78
N SER A 6 -17.01 -6.76 -17.95
CA SER A 6 -17.37 -6.83 -16.53
C SER A 6 -18.71 -6.16 -16.27
N GLY A 7 -18.85 -4.94 -16.76
CA GLY A 7 -20.09 -4.20 -16.58
C GLY A 7 -20.33 -3.83 -15.12
N GLU A 8 -19.32 -3.25 -14.49
CA GLU A 8 -19.41 -2.86 -13.09
C GLU A 8 -18.88 -1.44 -12.89
N LYS A 9 -19.79 -0.52 -12.59
CA LYS A 9 -19.41 0.88 -12.36
C LYS A 9 -20.25 1.50 -11.25
N ALA A 10 -19.58 2.23 -10.36
CA ALA A 10 -20.26 2.87 -9.25
C ALA A 10 -19.33 3.85 -8.52
N ARG A 11 -19.62 5.13 -8.63
CA ARG A 11 -18.80 6.16 -7.99
C ARG A 11 -19.68 7.11 -7.17
N GLY A 12 -19.14 7.58 -6.05
CA GLY A 12 -19.88 8.49 -5.20
C GLY A 12 -19.14 8.83 -3.92
N LEU A 13 -19.87 9.31 -2.92
CA LEU A 13 -19.27 9.67 -1.64
C LEU A 13 -19.15 8.45 -0.73
N GLY A 14 -17.98 7.82 -0.74
CA GLY A 14 -17.75 6.65 0.09
C GLY A 14 -16.34 6.59 0.64
N LYS A 15 -15.59 5.59 0.21
CA LYS A 15 -14.21 5.43 0.66
C LYS A 15 -13.36 4.73 -0.40
N TYR A 16 -12.07 4.62 -0.14
CA TYR A 16 -11.15 3.98 -1.08
C TYR A 16 -11.42 2.48 -1.16
N ILE A 17 -11.61 1.98 -2.37
CA ILE A 17 -11.86 0.56 -2.59
C ILE A 17 -10.57 -0.20 -2.87
N CYS A 18 -10.35 -1.28 -2.11
CA CYS A 18 -9.15 -2.09 -2.28
C CYS A 18 -9.14 -2.77 -3.65
N GLN A 19 -8.07 -2.55 -4.39
CA GLN A 19 -7.93 -3.15 -5.73
C GLN A 19 -7.44 -4.58 -5.64
N LYS A 20 -7.60 -5.19 -4.45
CA LYS A 20 -7.18 -6.56 -4.24
C LYS A 20 -8.36 -7.44 -3.83
N CYS A 21 -9.08 -7.01 -2.81
CA CYS A 21 -10.25 -7.75 -2.32
C CYS A 21 -11.54 -7.01 -2.66
N HIS A 22 -11.41 -5.87 -3.32
CA HIS A 22 -12.57 -5.06 -3.69
C HIS A 22 -13.47 -4.81 -2.48
N ALA A 23 -12.87 -4.34 -1.39
CA ALA A 23 -13.62 -4.06 -0.18
C ALA A 23 -13.24 -2.70 0.39
N ILE A 24 -14.24 -1.95 0.83
CA ILE A 24 -14.01 -0.63 1.40
C ILE A 24 -12.82 -0.63 2.36
N ILE A 25 -12.07 0.46 2.38
CA ILE A 25 -10.91 0.58 3.24
C ILE A 25 -11.13 1.65 4.31
N ASP A 26 -11.63 1.23 5.47
CA ASP A 26 -11.88 2.16 6.57
C ASP A 26 -10.64 2.98 6.88
N GLU A 27 -9.57 2.30 7.30
CA GLU A 27 -8.33 2.97 7.64
C GLU A 27 -7.64 3.49 6.37
N GLN A 28 -6.52 4.20 6.57
CA GLN A 28 -5.78 4.75 5.45
C GLN A 28 -5.46 3.68 4.41
N PRO A 29 -5.92 3.90 3.18
CA PRO A 29 -5.71 2.96 2.07
C PRO A 29 -4.25 2.92 1.63
N LEU A 30 -3.69 1.71 1.54
CA LEU A 30 -2.31 1.54 1.13
C LEU A 30 -2.17 1.70 -0.39
N ILE A 31 -1.56 2.80 -0.81
CA ILE A 31 -1.35 3.06 -2.23
C ILE A 31 -0.17 2.27 -2.78
N PHE A 32 -0.41 1.51 -3.84
CA PHE A 32 0.64 0.71 -4.46
C PHE A 32 0.48 0.68 -5.97
N LYS A 33 1.56 0.99 -6.68
CA LYS A 33 1.54 0.99 -8.15
C LYS A 33 0.39 1.86 -8.67
N ASN A 34 0.07 2.92 -7.93
CA ASN A 34 -1.00 3.82 -8.31
C ASN A 34 -2.37 3.15 -8.17
N ASP A 35 -2.59 2.52 -7.03
CA ASP A 35 -3.84 1.83 -6.76
C ASP A 35 -4.02 1.57 -5.27
N PRO A 36 -5.26 1.73 -4.78
CA PRO A 36 -5.59 1.51 -3.37
C PRO A 36 -5.51 0.05 -2.97
N TYR A 37 -5.04 -0.20 -1.75
CA TYR A 37 -4.92 -1.56 -1.25
C TYR A 37 -4.93 -1.59 0.28
N HIS A 38 -5.04 -2.79 0.84
CA HIS A 38 -5.06 -2.95 2.30
C HIS A 38 -3.66 -3.18 2.84
N PRO A 39 -3.27 -2.37 3.83
CA PRO A 39 -1.94 -2.48 4.46
C PRO A 39 -1.80 -3.74 5.30
N ASP A 40 -2.85 -4.55 5.33
CA ASP A 40 -2.85 -5.79 6.10
C ASP A 40 -2.66 -6.99 5.19
N HIS A 41 -2.89 -6.80 3.89
CA HIS A 41 -2.76 -7.86 2.91
C HIS A 41 -1.29 -8.26 2.74
N PHE A 42 -0.43 -7.26 2.57
CA PHE A 42 1.00 -7.50 2.41
C PHE A 42 1.73 -7.36 3.73
N ASN A 43 2.93 -7.93 3.80
CA ASN A 43 3.74 -7.89 5.01
C ASN A 43 5.19 -7.56 4.68
N CYS A 44 5.87 -6.89 5.61
CA CYS A 44 7.26 -6.51 5.42
C CYS A 44 8.08 -7.69 4.89
N ALA A 45 9.23 -7.38 4.31
CA ALA A 45 10.10 -8.41 3.76
C ALA A 45 11.31 -8.65 4.67
N ASN A 46 11.64 -7.65 5.47
CA ASN A 46 12.77 -7.76 6.39
C ASN A 46 12.37 -8.50 7.67
N CYS A 47 11.47 -7.89 8.43
CA CYS A 47 11.00 -8.48 9.67
C CYS A 47 9.87 -9.47 9.42
N GLY A 48 8.97 -9.11 8.49
CA GLY A 48 7.87 -9.99 8.16
C GLY A 48 6.64 -9.72 9.01
N LYS A 49 6.31 -8.43 9.17
CA LYS A 49 5.16 -8.04 9.96
C LYS A 49 4.07 -7.42 9.09
N GLU A 50 2.88 -7.26 9.64
CA GLU A 50 1.77 -6.67 8.90
C GLU A 50 2.05 -5.22 8.54
N LEU A 51 2.41 -4.99 7.29
CA LEU A 51 2.71 -3.64 6.81
C LEU A 51 1.60 -2.67 7.19
N THR A 52 1.84 -1.38 6.93
CA THR A 52 0.86 -0.35 7.24
C THR A 52 0.46 0.43 6.00
N ALA A 53 -0.51 1.32 6.15
CA ALA A 53 -0.97 2.14 5.03
C ALA A 53 0.12 3.09 4.56
N ASP A 54 1.02 3.44 5.46
CA ASP A 54 2.12 4.35 5.13
C ASP A 54 3.37 3.57 4.73
N ALA A 55 3.19 2.28 4.45
CA ALA A 55 4.31 1.43 4.07
C ALA A 55 5.02 1.99 2.85
N ARG A 56 6.36 1.96 2.88
CA ARG A 56 7.16 2.47 1.78
C ARG A 56 7.53 1.34 0.81
N GLU A 57 7.44 1.63 -0.48
CA GLU A 57 7.77 0.64 -1.51
C GLU A 57 9.24 0.73 -1.90
N LEU A 58 9.90 -0.42 -1.95
CA LEU A 58 11.31 -0.48 -2.31
C LEU A 58 11.57 -1.58 -3.33
N LYS A 59 11.63 -1.20 -4.60
CA LYS A 59 11.88 -2.14 -5.67
C LYS A 59 10.74 -3.15 -5.78
N GLY A 60 9.50 -2.65 -5.72
CA GLY A 60 8.35 -3.51 -5.81
C GLY A 60 7.89 -4.02 -4.45
N GLU A 61 8.84 -4.36 -3.60
CA GLU A 61 8.53 -4.85 -2.26
C GLU A 61 8.00 -3.73 -1.37
N LEU A 62 7.45 -4.10 -0.22
CA LEU A 62 6.92 -3.13 0.73
C LEU A 62 7.48 -3.35 2.13
N TYR A 63 8.23 -2.37 2.61
CA TYR A 63 8.82 -2.46 3.94
C TYR A 63 8.17 -1.47 4.90
N CYS A 64 7.88 -1.93 6.11
CA CYS A 64 7.25 -1.08 7.12
C CYS A 64 8.15 0.11 7.46
N LEU A 65 7.52 1.23 7.81
CA LEU A 65 8.25 2.43 8.17
C LEU A 65 9.49 2.09 8.99
N PRO A 66 9.29 1.30 10.05
CA PRO A 66 10.38 0.88 10.94
C PRO A 66 11.59 0.38 10.18
N CYS A 67 11.38 -0.64 9.35
CA CYS A 67 12.46 -1.22 8.56
C CYS A 67 12.96 -0.23 7.52
N HIS A 68 12.03 0.36 6.77
CA HIS A 68 12.38 1.34 5.74
C HIS A 68 13.42 2.33 6.25
N ASP A 69 13.23 2.79 7.47
CA ASP A 69 14.16 3.75 8.08
C ASP A 69 15.56 3.15 8.19
N LYS A 70 15.61 1.84 8.43
CA LYS A 70 16.88 1.14 8.57
C LYS A 70 17.42 0.72 7.20
N MET A 71 17.06 1.48 6.17
CA MET A 71 17.51 1.19 4.82
C MET A 71 18.60 2.17 4.38
N GLY A 72 18.48 3.41 4.85
CA GLY A 72 19.45 4.43 4.49
C GLY A 72 20.05 5.11 5.71
N VAL A 73 20.65 4.31 6.60
CA VAL A 73 21.26 4.84 7.81
C VAL A 73 22.46 4.01 8.23
N SER A 74 23.35 4.61 9.02
CA SER A 74 24.55 3.91 9.49
C SER A 74 25.42 3.48 8.31
N GLY A 75 25.41 4.28 7.25
CA GLY A 75 26.20 3.97 6.08
C GLY A 75 26.67 5.20 5.34
N PRO A 76 25.95 5.54 4.25
CA PRO A 76 26.28 6.72 3.43
C PRO A 76 25.97 8.03 4.15
N SER A 77 27.03 8.74 4.53
CA SER A 77 26.88 10.01 5.24
C SER A 77 26.93 11.18 4.26
N SER A 78 27.87 11.13 3.33
CA SER A 78 28.03 12.18 2.33
C SER A 78 28.38 11.59 0.97
N GLY A 79 27.61 11.97 -0.05
CA GLY A 79 27.86 11.48 -1.39
C GLY A 79 28.87 12.31 -2.14
ZN ZN B . -8.07 -5.63 0.50
ZN ZN C . 9.64 -4.34 8.74
N GLY A 1 8.16 -9.78 -23.71
CA GLY A 1 7.39 -8.73 -24.36
C GLY A 1 7.27 -7.49 -23.51
N SER A 2 6.16 -6.77 -23.68
CA SER A 2 5.92 -5.55 -22.92
C SER A 2 4.47 -5.09 -23.06
N SER A 3 3.72 -5.14 -21.97
CA SER A 3 2.32 -4.74 -21.98
C SER A 3 1.76 -4.68 -20.55
N GLY A 4 0.59 -4.07 -20.41
CA GLY A 4 -0.03 -3.94 -19.10
C GLY A 4 -0.62 -2.57 -18.86
N SER A 5 -1.89 -2.53 -18.50
CA SER A 5 -2.57 -1.27 -18.24
C SER A 5 -3.71 -1.46 -17.25
N SER A 6 -4.01 -0.41 -16.49
CA SER A 6 -5.07 -0.46 -15.49
C SER A 6 -5.68 0.93 -15.28
N GLY A 7 -7.01 0.98 -15.20
CA GLY A 7 -7.69 2.24 -14.99
C GLY A 7 -9.20 2.09 -14.91
N GLU A 8 -9.79 2.63 -13.85
CA GLU A 8 -11.23 2.54 -13.66
C GLU A 8 -11.70 3.53 -12.59
N LYS A 9 -12.92 4.04 -12.76
CA LYS A 9 -13.48 4.99 -11.82
C LYS A 9 -14.78 4.46 -11.22
N ALA A 10 -14.80 4.35 -9.89
CA ALA A 10 -15.99 3.86 -9.19
C ALA A 10 -17.01 4.97 -8.99
N ARG A 11 -18.25 4.58 -8.68
CA ARG A 11 -19.32 5.54 -8.47
C ARG A 11 -19.78 5.53 -7.01
N GLY A 12 -20.00 6.73 -6.46
CA GLY A 12 -20.43 6.83 -5.08
C GLY A 12 -19.31 7.27 -4.15
N LEU A 13 -19.07 8.58 -4.09
CA LEU A 13 -18.03 9.11 -3.24
C LEU A 13 -18.14 8.58 -1.82
N GLY A 14 -17.24 7.69 -1.45
CA GLY A 14 -17.26 7.11 -0.11
C GLY A 14 -15.87 6.91 0.45
N LYS A 15 -15.20 5.85 0.00
CA LYS A 15 -13.85 5.55 0.46
C LYS A 15 -13.05 4.82 -0.62
N TYR A 16 -11.80 4.49 -0.30
CA TYR A 16 -10.94 3.79 -1.26
C TYR A 16 -11.25 2.30 -1.29
N ILE A 17 -11.65 1.82 -2.46
CA ILE A 17 -11.98 0.41 -2.63
C ILE A 17 -10.73 -0.42 -2.92
N CYS A 18 -10.39 -1.32 -1.99
CA CYS A 18 -9.21 -2.17 -2.15
C CYS A 18 -9.27 -2.92 -3.48
N GLN A 19 -8.21 -2.77 -4.27
CA GLN A 19 -8.13 -3.44 -5.57
C GLN A 19 -7.63 -4.88 -5.41
N LYS A 20 -7.87 -5.45 -4.24
CA LYS A 20 -7.44 -6.82 -3.96
C LYS A 20 -8.60 -7.65 -3.43
N CYS A 21 -9.29 -7.13 -2.42
CA CYS A 21 -10.42 -7.82 -1.82
C CYS A 21 -11.73 -7.12 -2.17
N HIS A 22 -11.63 -6.00 -2.86
CA HIS A 22 -12.81 -5.23 -3.26
C HIS A 22 -13.63 -4.82 -2.04
N ALA A 23 -12.97 -4.20 -1.07
CA ALA A 23 -13.65 -3.76 0.14
C ALA A 23 -13.19 -2.35 0.54
N ILE A 24 -14.15 -1.52 0.94
CA ILE A 24 -13.85 -0.15 1.34
C ILE A 24 -12.77 -0.12 2.42
N ILE A 25 -11.76 0.71 2.20
CA ILE A 25 -10.66 0.83 3.14
C ILE A 25 -10.90 1.98 4.12
N ASP A 26 -11.65 1.71 5.18
CA ASP A 26 -11.96 2.72 6.18
C ASP A 26 -10.69 3.48 6.59
N GLU A 27 -9.66 2.74 6.97
CA GLU A 27 -8.40 3.35 7.39
C GLU A 27 -7.58 3.76 6.18
N GLN A 28 -6.43 4.39 6.43
CA GLN A 28 -5.54 4.83 5.36
C GLN A 28 -5.30 3.72 4.36
N PRO A 29 -5.79 3.89 3.13
CA PRO A 29 -5.63 2.92 2.06
C PRO A 29 -4.19 2.82 1.57
N LEU A 30 -3.66 1.61 1.54
CA LEU A 30 -2.29 1.39 1.10
C LEU A 30 -2.18 1.48 -0.43
N ILE A 31 -1.58 2.55 -0.90
CA ILE A 31 -1.41 2.76 -2.34
C ILE A 31 -0.25 1.93 -2.88
N PHE A 32 -0.43 1.41 -4.10
CA PHE A 32 0.60 0.60 -4.73
C PHE A 32 0.36 0.51 -6.24
N LYS A 33 1.26 1.10 -7.02
CA LYS A 33 1.15 1.08 -8.47
C LYS A 33 -0.09 1.83 -8.93
N ASN A 34 -0.38 2.95 -8.27
CA ASN A 34 -1.54 3.76 -8.62
C ASN A 34 -2.83 2.98 -8.40
N ASP A 35 -2.95 2.38 -7.22
CA ASP A 35 -4.14 1.60 -6.89
C ASP A 35 -4.23 1.38 -5.39
N PRO A 36 -5.45 1.51 -4.85
CA PRO A 36 -5.70 1.33 -3.41
C PRO A 36 -5.57 -0.13 -2.98
N TYR A 37 -5.20 -0.33 -1.72
CA TYR A 37 -5.02 -1.68 -1.18
C TYR A 37 -5.00 -1.65 0.34
N HIS A 38 -5.09 -2.84 0.94
CA HIS A 38 -5.08 -2.96 2.40
C HIS A 38 -3.67 -3.20 2.91
N PRO A 39 -3.25 -2.38 3.89
CA PRO A 39 -1.92 -2.48 4.49
C PRO A 39 -1.76 -3.74 5.33
N ASP A 40 -2.79 -4.57 5.36
CA ASP A 40 -2.77 -5.80 6.13
C ASP A 40 -2.63 -7.01 5.22
N HIS A 41 -2.86 -6.80 3.92
CA HIS A 41 -2.76 -7.88 2.94
C HIS A 41 -1.29 -8.26 2.71
N PHE A 42 -0.44 -7.26 2.55
CA PHE A 42 0.98 -7.49 2.32
C PHE A 42 1.77 -7.39 3.63
N ASN A 43 2.91 -8.06 3.67
CA ASN A 43 3.76 -8.06 4.86
C ASN A 43 5.19 -7.67 4.51
N CYS A 44 5.88 -7.06 5.47
CA CYS A 44 7.26 -6.64 5.26
C CYS A 44 8.09 -7.77 4.68
N ALA A 45 9.26 -7.42 4.14
CA ALA A 45 10.15 -8.41 3.56
C ALA A 45 11.39 -8.61 4.42
N ASN A 46 11.71 -7.60 5.22
CA ASN A 46 12.88 -7.66 6.10
C ASN A 46 12.57 -8.46 7.36
N CYS A 47 11.58 -8.01 8.11
CA CYS A 47 11.18 -8.68 9.34
C CYS A 47 10.10 -9.71 9.08
N GLY A 48 9.06 -9.30 8.35
CA GLY A 48 7.96 -10.20 8.03
C GLY A 48 6.74 -9.93 8.87
N LYS A 49 6.46 -8.66 9.12
CA LYS A 49 5.30 -8.27 9.92
C LYS A 49 4.22 -7.63 9.04
N GLU A 50 3.03 -7.49 9.59
CA GLU A 50 1.91 -6.90 8.85
C GLU A 50 2.19 -5.44 8.52
N LEU A 51 2.53 -5.18 7.26
CA LEU A 51 2.83 -3.82 6.82
C LEU A 51 1.73 -2.85 7.25
N THR A 52 1.94 -1.57 6.99
CA THR A 52 0.97 -0.55 7.35
C THR A 52 0.61 0.33 6.14
N ALA A 53 -0.35 1.22 6.34
CA ALA A 53 -0.78 2.11 5.27
C ALA A 53 0.35 3.04 4.84
N ASP A 54 1.13 3.51 5.81
CA ASP A 54 2.24 4.41 5.53
C ASP A 54 3.42 3.64 4.91
N ALA A 55 3.28 2.33 4.84
CA ALA A 55 4.31 1.48 4.26
C ALA A 55 4.90 2.11 3.00
N ARG A 56 6.17 1.82 2.74
CA ARG A 56 6.85 2.36 1.56
C ARG A 56 7.11 1.27 0.54
N GLU A 57 7.27 1.66 -0.72
CA GLU A 57 7.53 0.72 -1.80
C GLU A 57 8.99 0.75 -2.21
N LEU A 58 9.69 -0.37 -1.99
CA LEU A 58 11.10 -0.46 -2.34
C LEU A 58 11.32 -1.49 -3.45
N LYS A 59 11.96 -1.06 -4.53
CA LYS A 59 12.23 -1.95 -5.66
C LYS A 59 11.06 -2.88 -5.90
N GLY A 60 9.84 -2.36 -5.76
CA GLY A 60 8.65 -3.17 -5.98
C GLY A 60 8.09 -3.72 -4.69
N GLU A 61 8.97 -4.12 -3.78
CA GLU A 61 8.54 -4.68 -2.50
C GLU A 61 7.97 -3.59 -1.59
N LEU A 62 7.44 -3.99 -0.45
CA LEU A 62 6.87 -3.06 0.50
C LEU A 62 7.39 -3.32 1.91
N TYR A 63 8.17 -2.38 2.43
CA TYR A 63 8.73 -2.51 3.77
C TYR A 63 8.01 -1.60 4.75
N CYS A 64 8.00 -1.99 6.02
CA CYS A 64 7.35 -1.21 7.07
C CYS A 64 8.21 -0.03 7.48
N LEU A 65 7.57 1.08 7.82
CA LEU A 65 8.28 2.29 8.23
C LEU A 65 9.49 1.94 9.09
N PRO A 66 9.27 1.11 10.11
CA PRO A 66 10.34 0.67 11.02
C PRO A 66 11.58 0.21 10.28
N CYS A 67 11.40 -0.73 9.36
CA CYS A 67 12.51 -1.26 8.58
C CYS A 67 12.98 -0.24 7.54
N HIS A 68 12.05 0.57 7.04
CA HIS A 68 12.37 1.58 6.04
C HIS A 68 13.24 2.68 6.66
N ASP A 69 13.28 2.73 7.98
CA ASP A 69 14.07 3.74 8.68
C ASP A 69 15.55 3.35 8.71
N LYS A 70 15.80 2.07 8.98
CA LYS A 70 17.17 1.57 9.03
C LYS A 70 17.78 1.47 7.64
N MET A 71 16.91 1.41 6.62
CA MET A 71 17.36 1.33 5.24
C MET A 71 18.35 2.45 4.92
N GLY A 72 18.10 3.62 5.47
CA GLY A 72 18.97 4.76 5.23
C GLY A 72 19.83 5.09 6.43
N VAL A 73 20.75 4.20 6.77
CA VAL A 73 21.63 4.40 7.91
C VAL A 73 23.10 4.40 7.47
N SER A 74 23.47 3.41 6.66
CA SER A 74 24.84 3.30 6.16
C SER A 74 25.26 4.57 5.43
N GLY A 75 26.49 5.01 5.68
CA GLY A 75 26.99 6.20 5.04
C GLY A 75 27.86 5.89 3.82
N PRO A 76 28.65 6.89 3.38
CA PRO A 76 29.53 6.74 2.23
C PRO A 76 30.71 5.80 2.51
N SER A 77 30.85 5.41 3.77
CA SER A 77 31.92 4.51 4.18
C SER A 77 31.98 3.28 3.28
N SER A 78 33.14 3.06 2.67
CA SER A 78 33.33 1.91 1.78
C SER A 78 32.80 0.63 2.42
N GLY A 79 33.07 0.47 3.70
CA GLY A 79 32.62 -0.72 4.42
C GLY A 79 33.57 -1.89 4.25
ZN ZN B . -8.08 -5.72 0.67
ZN ZN C . 9.87 -4.49 8.57
N GLY A 1 -6.40 -27.81 8.22
CA GLY A 1 -6.51 -26.46 7.71
C GLY A 1 -6.80 -25.45 8.82
N SER A 2 -6.55 -24.18 8.52
CA SER A 2 -6.78 -23.11 9.50
C SER A 2 -7.79 -22.10 8.96
N SER A 3 -9.04 -22.24 9.38
CA SER A 3 -10.11 -21.35 8.94
C SER A 3 -10.93 -20.86 10.13
N GLY A 4 -11.28 -19.59 10.11
CA GLY A 4 -12.07 -19.02 11.20
C GLY A 4 -11.84 -17.53 11.37
N SER A 5 -12.65 -16.72 10.72
CA SER A 5 -12.52 -15.26 10.80
C SER A 5 -13.83 -14.58 10.46
N SER A 6 -13.90 -13.27 10.71
CA SER A 6 -15.11 -12.50 10.43
C SER A 6 -14.75 -11.17 9.77
N GLY A 7 -15.78 -10.44 9.33
CA GLY A 7 -15.56 -9.16 8.69
C GLY A 7 -16.78 -8.68 7.92
N GLU A 8 -17.45 -7.67 8.44
CA GLU A 8 -18.64 -7.12 7.80
C GLU A 8 -18.36 -6.81 6.34
N LYS A 9 -19.43 -6.55 5.58
CA LYS A 9 -19.32 -6.23 4.17
C LYS A 9 -19.89 -4.85 3.87
N ALA A 10 -19.21 -4.11 2.99
CA ALA A 10 -19.65 -2.77 2.63
C ALA A 10 -19.38 -2.50 1.15
N ARG A 11 -20.07 -1.51 0.60
CA ARG A 11 -19.90 -1.15 -0.80
C ARG A 11 -20.47 0.25 -1.08
N GLY A 12 -20.15 0.78 -2.25
CA GLY A 12 -20.63 2.11 -2.61
C GLY A 12 -19.52 3.14 -2.64
N LEU A 13 -19.77 4.29 -2.03
CA LEU A 13 -18.78 5.37 -1.99
C LEU A 13 -18.51 5.80 -0.56
N GLY A 14 -17.48 6.62 -0.38
CA GLY A 14 -17.14 7.10 0.95
C GLY A 14 -15.67 6.94 1.26
N LYS A 15 -15.06 5.87 0.74
CA LYS A 15 -13.65 5.60 0.97
C LYS A 15 -13.05 4.85 -0.21
N TYR A 16 -11.72 4.70 -0.19
CA TYR A 16 -11.02 4.01 -1.26
C TYR A 16 -11.33 2.52 -1.25
N ILE A 17 -11.66 1.98 -2.42
CA ILE A 17 -11.98 0.56 -2.54
C ILE A 17 -10.72 -0.26 -2.81
N CYS A 18 -10.54 -1.31 -2.01
CA CYS A 18 -9.38 -2.19 -2.17
C CYS A 18 -9.43 -2.93 -3.49
N GLN A 19 -8.40 -2.75 -4.31
CA GLN A 19 -8.33 -3.42 -5.60
C GLN A 19 -7.87 -4.86 -5.46
N LYS A 20 -7.90 -5.37 -4.22
CA LYS A 20 -7.49 -6.74 -3.94
C LYS A 20 -8.68 -7.58 -3.52
N CYS A 21 -9.37 -7.16 -2.46
CA CYS A 21 -10.53 -7.89 -1.96
C CYS A 21 -11.81 -7.19 -2.38
N HIS A 22 -11.69 -6.00 -2.96
CA HIS A 22 -12.84 -5.24 -3.41
C HIS A 22 -13.77 -4.91 -2.24
N ALA A 23 -13.20 -4.30 -1.20
CA ALA A 23 -13.97 -3.93 -0.02
C ALA A 23 -13.51 -2.59 0.54
N ILE A 24 -14.46 -1.74 0.91
CA ILE A 24 -14.15 -0.43 1.45
C ILE A 24 -12.92 -0.49 2.35
N ILE A 25 -12.17 0.62 2.40
CA ILE A 25 -10.97 0.69 3.22
C ILE A 25 -11.11 1.76 4.30
N ASP A 26 -11.70 1.38 5.42
CA ASP A 26 -11.89 2.31 6.54
C ASP A 26 -10.63 3.14 6.76
N GLU A 27 -9.55 2.48 7.16
CA GLU A 27 -8.28 3.16 7.43
C GLU A 27 -7.66 3.65 6.12
N GLN A 28 -6.54 4.36 6.25
CA GLN A 28 -5.84 4.89 5.09
C GLN A 28 -5.55 3.78 4.08
N PRO A 29 -5.98 3.99 2.82
CA PRO A 29 -5.78 3.02 1.74
C PRO A 29 -4.31 2.92 1.32
N LEU A 30 -3.80 1.71 1.28
CA LEU A 30 -2.41 1.48 0.89
C LEU A 30 -2.25 1.55 -0.62
N ILE A 31 -1.63 2.63 -1.11
CA ILE A 31 -1.42 2.81 -2.53
C ILE A 31 -0.21 2.01 -3.01
N PHE A 32 -0.40 1.28 -4.11
CA PHE A 32 0.68 0.47 -4.67
C PHE A 32 0.49 0.30 -6.18
N LYS A 33 1.47 0.76 -6.95
CA LYS A 33 1.42 0.65 -8.40
C LYS A 33 0.26 1.45 -8.96
N ASN A 34 -0.10 2.54 -8.27
CA ASN A 34 -1.19 3.40 -8.71
C ASN A 34 -2.53 2.69 -8.53
N ASP A 35 -2.74 2.12 -7.35
CA ASP A 35 -3.98 1.41 -7.06
C ASP A 35 -4.16 1.22 -5.55
N PRO A 36 -5.40 1.39 -5.07
CA PRO A 36 -5.72 1.25 -3.65
C PRO A 36 -5.64 -0.20 -3.18
N TYR A 37 -5.26 -0.38 -1.92
CA TYR A 37 -5.13 -1.72 -1.35
C TYR A 37 -5.13 -1.66 0.18
N HIS A 38 -5.23 -2.83 0.80
CA HIS A 38 -5.23 -2.91 2.27
C HIS A 38 -3.82 -3.13 2.81
N PRO A 39 -3.42 -2.28 3.77
CA PRO A 39 -2.09 -2.36 4.38
C PRO A 39 -1.93 -3.59 5.26
N ASP A 40 -2.97 -4.42 5.31
CA ASP A 40 -2.94 -5.63 6.11
C ASP A 40 -2.79 -6.87 5.22
N HIS A 41 -3.03 -6.69 3.93
CA HIS A 41 -2.92 -7.79 2.97
C HIS A 41 -1.46 -8.18 2.77
N PHE A 42 -0.60 -7.19 2.58
CA PHE A 42 0.82 -7.43 2.37
C PHE A 42 1.59 -7.33 3.68
N ASN A 43 2.79 -7.88 3.69
CA ASN A 43 3.64 -7.85 4.89
C ASN A 43 5.08 -7.51 4.53
N CYS A 44 5.78 -6.89 5.46
CA CYS A 44 7.17 -6.51 5.25
C CYS A 44 7.97 -7.67 4.67
N ALA A 45 9.11 -7.35 4.07
CA ALA A 45 9.97 -8.38 3.47
C ALA A 45 11.20 -8.63 4.33
N ASN A 46 11.59 -7.62 5.12
CA ASN A 46 12.76 -7.75 5.99
C ASN A 46 12.41 -8.53 7.25
N CYS A 47 11.51 -7.98 8.06
CA CYS A 47 11.09 -8.63 9.29
C CYS A 47 9.96 -9.63 9.04
N GLY A 48 8.92 -9.17 8.34
CA GLY A 48 7.79 -10.04 8.04
C GLY A 48 6.59 -9.75 8.92
N LYS A 49 6.27 -8.47 9.09
CA LYS A 49 5.14 -8.07 9.91
C LYS A 49 4.04 -7.44 9.05
N GLU A 50 2.87 -7.25 9.65
CA GLU A 50 1.74 -6.66 8.94
C GLU A 50 2.03 -5.21 8.57
N LEU A 51 2.36 -4.98 7.31
CA LEU A 51 2.65 -3.64 6.82
C LEU A 51 1.55 -2.65 7.22
N THR A 52 1.77 -1.38 6.92
CA THR A 52 0.80 -0.35 7.25
C THR A 52 0.46 0.50 6.03
N ALA A 53 -0.52 1.39 6.18
CA ALA A 53 -0.93 2.26 5.09
C ALA A 53 0.19 3.18 4.66
N ASP A 54 0.98 3.64 5.63
CA ASP A 54 2.09 4.54 5.35
C ASP A 54 3.34 3.76 4.98
N ALA A 55 3.16 2.48 4.68
CA ALA A 55 4.27 1.61 4.32
C ALA A 55 5.15 2.27 3.25
N ARG A 56 6.27 1.63 2.93
CA ARG A 56 7.18 2.15 1.93
C ARG A 56 7.46 1.12 0.83
N GLU A 57 7.64 1.60 -0.39
CA GLU A 57 7.90 0.71 -1.52
C GLU A 57 9.37 0.77 -1.93
N LEU A 58 10.04 -0.37 -1.89
CA LEU A 58 11.45 -0.45 -2.27
C LEU A 58 11.68 -1.52 -3.32
N LYS A 59 12.29 -1.13 -4.43
CA LYS A 59 12.57 -2.06 -5.52
C LYS A 59 11.36 -2.92 -5.83
N GLY A 60 10.17 -2.32 -5.78
CA GLY A 60 8.95 -3.05 -6.05
C GLY A 60 8.32 -3.61 -4.80
N GLU A 61 9.15 -4.10 -3.88
CA GLU A 61 8.66 -4.67 -2.63
C GLU A 61 8.06 -3.60 -1.74
N LEU A 62 7.55 -4.01 -0.59
CA LEU A 62 6.93 -3.09 0.35
C LEU A 62 7.46 -3.33 1.77
N TYR A 63 8.17 -2.34 2.31
CA TYR A 63 8.72 -2.45 3.65
C TYR A 63 7.98 -1.54 4.63
N CYS A 64 8.02 -1.89 5.91
CA CYS A 64 7.35 -1.10 6.93
C CYS A 64 8.21 0.08 7.35
N LEU A 65 7.56 1.14 7.83
CA LEU A 65 8.27 2.34 8.27
C LEU A 65 9.50 1.97 9.11
N PRO A 66 9.30 1.09 10.09
CA PRO A 66 10.38 0.63 10.97
C PRO A 66 11.63 0.22 10.19
N CYS A 67 11.51 -0.85 9.41
CA CYS A 67 12.62 -1.34 8.61
C CYS A 67 13.15 -0.27 7.67
N HIS A 68 12.24 0.37 6.95
CA HIS A 68 12.61 1.43 6.02
C HIS A 68 13.67 2.34 6.62
N ASP A 69 13.44 2.76 7.87
CA ASP A 69 14.37 3.64 8.56
C ASP A 69 15.79 3.07 8.52
N LYS A 70 15.91 1.80 8.86
CA LYS A 70 17.21 1.13 8.86
C LYS A 70 17.92 1.30 7.52
N MET A 71 17.14 1.62 6.49
CA MET A 71 17.69 1.81 5.16
C MET A 71 18.28 3.21 5.01
N GLY A 72 18.94 3.69 6.06
CA GLY A 72 19.54 5.01 6.03
C GLY A 72 20.86 5.07 6.77
N VAL A 73 21.59 3.95 6.78
CA VAL A 73 22.88 3.89 7.46
C VAL A 73 23.93 3.26 6.58
N SER A 74 25.17 3.21 7.07
CA SER A 74 26.28 2.63 6.33
C SER A 74 26.54 3.42 5.05
N GLY A 75 26.64 4.74 5.18
CA GLY A 75 26.90 5.60 4.05
C GLY A 75 28.28 5.39 3.47
N PRO A 76 28.82 6.45 2.83
CA PRO A 76 30.16 6.42 2.22
C PRO A 76 31.27 6.34 3.26
N SER A 77 30.88 6.14 4.52
CA SER A 77 31.85 6.06 5.62
C SER A 77 33.14 5.41 5.14
N SER A 78 34.27 6.01 5.50
CA SER A 78 35.57 5.50 5.12
C SER A 78 35.58 3.97 5.13
N GLY A 79 36.31 3.39 4.18
CA GLY A 79 36.40 1.94 4.09
C GLY A 79 35.30 1.35 3.23
ZN ZN B . -8.29 -5.67 0.71
ZN ZN C . 9.76 -4.43 8.51
N GLY A 1 -18.21 -3.57 33.79
CA GLY A 1 -17.74 -3.14 32.49
C GLY A 1 -18.88 -2.78 31.55
N SER A 2 -19.12 -1.48 31.41
CA SER A 2 -20.19 -0.99 30.55
C SER A 2 -19.91 0.43 30.08
N SER A 3 -19.88 0.62 28.76
CA SER A 3 -19.62 1.92 28.17
C SER A 3 -20.48 2.15 26.94
N GLY A 4 -20.45 3.38 26.42
CA GLY A 4 -21.23 3.70 25.23
C GLY A 4 -20.38 4.26 24.12
N SER A 5 -20.47 3.65 22.94
CA SER A 5 -19.70 4.08 21.79
C SER A 5 -20.56 4.14 20.53
N SER A 6 -20.03 4.72 19.47
CA SER A 6 -20.76 4.85 18.21
C SER A 6 -19.84 4.58 17.02
N GLY A 7 -20.44 4.42 15.85
CA GLY A 7 -19.66 4.16 14.65
C GLY A 7 -20.49 3.59 13.53
N GLU A 8 -20.82 4.42 12.54
CA GLU A 8 -21.62 4.00 11.40
C GLU A 8 -20.75 3.33 10.34
N LYS A 9 -21.39 2.80 9.30
CA LYS A 9 -20.68 2.14 8.22
C LYS A 9 -21.28 2.52 6.86
N ALA A 10 -20.44 2.48 5.83
CA ALA A 10 -20.90 2.81 4.49
C ALA A 10 -20.46 1.75 3.48
N ARG A 11 -21.21 1.62 2.39
CA ARG A 11 -20.89 0.64 1.36
C ARG A 11 -21.12 1.23 -0.04
N GLY A 12 -20.10 1.14 -0.88
CA GLY A 12 -20.21 1.67 -2.23
C GLY A 12 -19.27 2.84 -2.47
N LEU A 13 -19.84 4.02 -2.67
CA LEU A 13 -19.05 5.21 -2.92
C LEU A 13 -18.87 6.02 -1.64
N GLY A 14 -17.64 6.03 -1.12
CA GLY A 14 -17.36 6.78 0.10
C GLY A 14 -15.89 6.82 0.42
N LYS A 15 -15.25 5.65 0.40
CA LYS A 15 -13.82 5.55 0.70
C LYS A 15 -13.08 4.82 -0.41
N TYR A 16 -11.80 4.56 -0.20
CA TYR A 16 -10.97 3.88 -1.18
C TYR A 16 -11.32 2.38 -1.24
N ILE A 17 -11.61 1.89 -2.43
CA ILE A 17 -11.95 0.49 -2.62
C ILE A 17 -10.72 -0.35 -2.91
N CYS A 18 -10.38 -1.24 -1.97
CA CYS A 18 -9.22 -2.11 -2.13
C CYS A 18 -9.28 -2.86 -3.45
N GLN A 19 -8.21 -2.73 -4.25
CA GLN A 19 -8.14 -3.39 -5.54
C GLN A 19 -7.68 -4.84 -5.38
N LYS A 20 -7.79 -5.37 -4.17
CA LYS A 20 -7.39 -6.74 -3.88
C LYS A 20 -8.57 -7.56 -3.39
N CYS A 21 -9.29 -7.03 -2.40
CA CYS A 21 -10.44 -7.72 -1.84
C CYS A 21 -11.74 -7.01 -2.22
N HIS A 22 -11.60 -5.89 -2.92
CA HIS A 22 -12.76 -5.12 -3.37
C HIS A 22 -13.63 -4.73 -2.17
N ALA A 23 -13.00 -4.21 -1.13
CA ALA A 23 -13.71 -3.79 0.07
C ALA A 23 -13.25 -2.42 0.54
N ILE A 24 -14.21 -1.57 0.90
CA ILE A 24 -13.90 -0.22 1.36
C ILE A 24 -12.83 -0.24 2.44
N ILE A 25 -11.83 0.63 2.29
CA ILE A 25 -10.74 0.71 3.25
C ILE A 25 -10.98 1.83 4.27
N ASP A 26 -11.75 1.52 5.30
CA ASP A 26 -12.06 2.49 6.34
C ASP A 26 -10.81 3.26 6.76
N GLU A 27 -9.74 2.52 7.04
CA GLU A 27 -8.48 3.13 7.45
C GLU A 27 -7.68 3.60 6.24
N GLN A 28 -6.55 4.23 6.51
CA GLN A 28 -5.68 4.73 5.44
C GLN A 28 -5.41 3.65 4.40
N PRO A 29 -5.90 3.86 3.17
CA PRO A 29 -5.72 2.91 2.08
C PRO A 29 -4.28 2.84 1.59
N LEU A 30 -3.71 1.64 1.58
CA LEU A 30 -2.34 1.44 1.14
C LEU A 30 -2.23 1.56 -0.38
N ILE A 31 -1.61 2.65 -0.84
CA ILE A 31 -1.44 2.87 -2.27
C ILE A 31 -0.21 2.14 -2.80
N PHE A 32 -0.36 1.53 -3.97
CA PHE A 32 0.74 0.79 -4.59
C PHE A 32 0.52 0.66 -6.09
N LYS A 33 1.47 1.17 -6.87
CA LYS A 33 1.39 1.10 -8.33
C LYS A 33 0.18 1.88 -8.84
N ASN A 34 -0.20 2.92 -8.10
CA ASN A 34 -1.34 3.75 -8.48
C ASN A 34 -2.65 2.99 -8.30
N ASP A 35 -2.81 2.36 -7.14
CA ASP A 35 -4.01 1.60 -6.83
C ASP A 35 -4.17 1.38 -5.33
N PRO A 36 -5.40 1.51 -4.84
CA PRO A 36 -5.71 1.33 -3.41
C PRO A 36 -5.57 -0.12 -2.97
N TYR A 37 -5.16 -0.31 -1.72
CA TYR A 37 -4.98 -1.66 -1.18
C TYR A 37 -4.97 -1.63 0.34
N HIS A 38 -5.10 -2.80 0.96
CA HIS A 38 -5.11 -2.91 2.41
C HIS A 38 -3.70 -3.19 2.93
N PRO A 39 -3.26 -2.37 3.90
CA PRO A 39 -1.94 -2.51 4.51
C PRO A 39 -1.81 -3.76 5.38
N ASP A 40 -2.89 -4.54 5.43
CA ASP A 40 -2.91 -5.76 6.22
C ASP A 40 -2.79 -6.99 5.32
N HIS A 41 -2.88 -6.76 4.02
CA HIS A 41 -2.78 -7.85 3.05
C HIS A 41 -1.33 -8.27 2.82
N PHE A 42 -0.47 -7.28 2.65
CA PHE A 42 0.95 -7.54 2.44
C PHE A 42 1.74 -7.43 3.74
N ASN A 43 2.99 -7.89 3.72
CA ASN A 43 3.83 -7.83 4.90
C ASN A 43 5.26 -7.44 4.52
N CYS A 44 5.95 -6.80 5.46
CA CYS A 44 7.33 -6.37 5.23
C CYS A 44 8.18 -7.51 4.68
N ALA A 45 9.30 -7.16 4.06
CA ALA A 45 10.20 -8.16 3.50
C ALA A 45 11.41 -8.37 4.40
N ASN A 46 11.74 -7.36 5.20
CA ASN A 46 12.88 -7.44 6.11
C ASN A 46 12.50 -8.20 7.38
N CYS A 47 11.59 -7.65 8.15
CA CYS A 47 11.15 -8.27 9.39
C CYS A 47 10.05 -9.30 9.13
N GLY A 48 9.16 -8.96 8.19
CA GLY A 48 8.06 -9.86 7.85
C GLY A 48 6.85 -9.65 8.74
N LYS A 49 6.51 -8.39 8.97
CA LYS A 49 5.36 -8.06 9.80
C LYS A 49 4.27 -7.39 8.98
N GLU A 50 3.09 -7.23 9.58
CA GLU A 50 1.97 -6.60 8.91
C GLU A 50 2.29 -5.16 8.52
N LEU A 51 2.50 -4.91 7.24
CA LEU A 51 2.83 -3.58 6.76
C LEU A 51 1.75 -2.58 7.15
N THR A 52 1.96 -1.31 6.81
CA THR A 52 1.01 -0.26 7.13
C THR A 52 0.57 0.49 5.88
N ALA A 53 -0.41 1.36 6.04
CA ALA A 53 -0.92 2.15 4.91
C ALA A 53 0.16 3.06 4.34
N ASP A 54 1.15 3.39 5.17
CA ASP A 54 2.24 4.26 4.75
C ASP A 54 3.49 3.44 4.46
N ALA A 55 3.30 2.16 4.17
CA ALA A 55 4.42 1.26 3.87
C ALA A 55 5.16 1.73 2.63
N ARG A 56 6.47 1.96 2.78
CA ARG A 56 7.30 2.41 1.67
C ARG A 56 7.51 1.28 0.65
N GLU A 57 7.70 1.66 -0.61
CA GLU A 57 7.90 0.69 -1.68
C GLU A 57 9.36 0.68 -2.13
N LEU A 58 9.92 -0.52 -2.28
CA LEU A 58 11.30 -0.67 -2.72
C LEU A 58 11.42 -1.70 -3.83
N LYS A 59 11.80 -1.25 -5.02
CA LYS A 59 11.96 -2.13 -6.16
C LYS A 59 10.77 -3.08 -6.29
N GLY A 60 9.57 -2.54 -6.06
CA GLY A 60 8.37 -3.35 -6.16
C GLY A 60 7.89 -3.83 -4.80
N GLU A 61 8.83 -4.26 -3.97
CA GLU A 61 8.50 -4.75 -2.64
C GLU A 61 7.89 -3.65 -1.78
N LEU A 62 7.47 -4.02 -0.57
CA LEU A 62 6.87 -3.05 0.34
C LEU A 62 7.33 -3.31 1.78
N TYR A 63 8.11 -2.36 2.31
CA TYR A 63 8.61 -2.49 3.67
C TYR A 63 7.87 -1.54 4.61
N CYS A 64 7.95 -1.84 5.91
CA CYS A 64 7.29 -1.02 6.92
C CYS A 64 8.17 0.18 7.32
N LEU A 65 7.55 1.16 7.95
CA LEU A 65 8.27 2.35 8.39
C LEU A 65 9.45 1.97 9.29
N PRO A 66 9.18 1.12 10.29
CA PRO A 66 10.20 0.67 11.25
C PRO A 66 11.46 0.20 10.53
N CYS A 67 11.30 -0.67 9.55
CA CYS A 67 12.43 -1.19 8.79
C CYS A 67 12.97 -0.15 7.82
N HIS A 68 12.09 0.35 6.96
CA HIS A 68 12.48 1.36 5.97
C HIS A 68 13.24 2.50 6.63
N ASP A 69 13.08 2.62 7.95
CA ASP A 69 13.75 3.69 8.70
C ASP A 69 15.19 3.28 9.03
N LYS A 70 15.40 2.00 9.25
CA LYS A 70 16.73 1.48 9.58
C LYS A 70 17.45 1.00 8.32
N MET A 71 16.90 1.33 7.16
CA MET A 71 17.48 0.91 5.88
C MET A 71 18.55 1.91 5.44
N GLY A 72 18.29 3.19 5.67
CA GLY A 72 19.23 4.22 5.28
C GLY A 72 20.64 3.92 5.74
N VAL A 73 20.80 3.65 7.03
CA VAL A 73 22.10 3.34 7.60
C VAL A 73 22.82 2.27 6.79
N SER A 74 24.13 2.14 7.00
CA SER A 74 24.92 1.15 6.28
C SER A 74 24.83 1.36 4.78
N GLY A 75 24.84 2.63 4.37
CA GLY A 75 24.76 2.94 2.95
C GLY A 75 25.93 2.39 2.16
N PRO A 76 26.70 3.30 1.53
CA PRO A 76 27.86 2.92 0.73
C PRO A 76 29.01 2.40 1.58
N SER A 77 29.30 1.11 1.45
CA SER A 77 30.38 0.48 2.22
C SER A 77 31.42 -0.14 1.29
N SER A 78 30.97 -1.04 0.43
CA SER A 78 31.86 -1.72 -0.51
C SER A 78 32.92 -0.75 -1.03
N GLY A 79 34.17 -1.20 -1.00
CA GLY A 79 35.27 -0.37 -1.46
C GLY A 79 36.44 -1.19 -1.99
ZN ZN B . -8.15 -5.59 0.76
ZN ZN C . 9.67 -4.34 8.59
N GLY A 1 -20.13 23.65 -22.65
CA GLY A 1 -19.22 24.60 -22.03
C GLY A 1 -19.83 25.98 -21.88
N SER A 2 -20.84 26.10 -21.03
CA SER A 2 -21.51 27.36 -20.80
C SER A 2 -21.77 27.59 -19.31
N SER A 3 -21.36 28.75 -18.82
CA SER A 3 -21.55 29.08 -17.41
C SER A 3 -22.98 28.83 -16.97
N GLY A 4 -23.18 27.76 -16.22
CA GLY A 4 -24.51 27.41 -15.74
C GLY A 4 -24.50 26.30 -14.71
N SER A 5 -23.52 26.36 -13.81
CA SER A 5 -23.40 25.35 -12.76
C SER A 5 -23.18 25.99 -11.40
N SER A 6 -24.21 25.94 -10.56
CA SER A 6 -24.13 26.53 -9.22
C SER A 6 -23.41 25.59 -8.26
N GLY A 7 -22.31 25.00 -8.72
CA GLY A 7 -21.56 24.09 -7.89
C GLY A 7 -22.24 22.75 -7.71
N GLU A 8 -22.21 22.22 -6.49
CA GLU A 8 -22.83 20.94 -6.19
C GLU A 8 -22.86 20.68 -4.68
N LYS A 9 -23.63 19.68 -4.27
CA LYS A 9 -23.75 19.34 -2.87
C LYS A 9 -23.69 17.82 -2.67
N ALA A 10 -22.91 17.38 -1.69
CA ALA A 10 -22.78 15.95 -1.40
C ALA A 10 -23.17 15.65 0.04
N ARG A 11 -23.91 14.56 0.23
CA ARG A 11 -24.34 14.16 1.57
C ARG A 11 -23.24 13.39 2.29
N GLY A 12 -22.69 12.39 1.61
CA GLY A 12 -21.63 11.59 2.21
C GLY A 12 -20.60 11.15 1.20
N LEU A 13 -19.38 10.89 1.67
CA LEU A 13 -18.30 10.45 0.79
C LEU A 13 -17.89 9.02 1.11
N GLY A 14 -17.90 8.17 0.09
CA GLY A 14 -17.52 6.78 0.27
C GLY A 14 -16.10 6.63 0.76
N LYS A 15 -15.41 5.60 0.27
CA LYS A 15 -14.03 5.35 0.67
C LYS A 15 -13.27 4.62 -0.44
N TYR A 16 -11.95 4.54 -0.29
CA TYR A 16 -11.11 3.86 -1.27
C TYR A 16 -11.36 2.36 -1.27
N ILE A 17 -11.68 1.82 -2.44
CA ILE A 17 -11.94 0.39 -2.58
C ILE A 17 -10.65 -0.39 -2.82
N CYS A 18 -10.41 -1.38 -1.96
CA CYS A 18 -9.21 -2.20 -2.07
C CYS A 18 -9.18 -2.95 -3.40
N GLN A 19 -8.15 -2.70 -4.19
CA GLN A 19 -8.01 -3.36 -5.49
C GLN A 19 -7.52 -4.80 -5.33
N LYS A 20 -7.52 -5.27 -4.09
CA LYS A 20 -7.07 -6.63 -3.80
C LYS A 20 -8.26 -7.52 -3.43
N CYS A 21 -9.02 -7.10 -2.44
CA CYS A 21 -10.18 -7.85 -1.98
C CYS A 21 -11.47 -7.19 -2.45
N HIS A 22 -11.36 -5.97 -2.98
CA HIS A 22 -12.52 -5.24 -3.47
C HIS A 22 -13.49 -4.94 -2.32
N ALA A 23 -12.97 -4.36 -1.25
CA ALA A 23 -13.80 -4.02 -0.09
C ALA A 23 -13.38 -2.69 0.50
N ILE A 24 -14.36 -1.87 0.87
CA ILE A 24 -14.09 -0.56 1.45
C ILE A 24 -12.88 -0.62 2.38
N ILE A 25 -12.11 0.48 2.40
CA ILE A 25 -10.93 0.57 3.24
C ILE A 25 -11.09 1.62 4.33
N ASP A 26 -11.71 1.23 5.45
CA ASP A 26 -11.93 2.14 6.55
C ASP A 26 -10.69 3.00 6.80
N GLU A 27 -9.61 2.35 7.22
CA GLU A 27 -8.36 3.07 7.49
C GLU A 27 -7.73 3.58 6.20
N GLN A 28 -6.63 4.31 6.34
CA GLN A 28 -5.93 4.86 5.18
C GLN A 28 -5.61 3.78 4.16
N PRO A 29 -6.06 3.98 2.91
CA PRO A 29 -5.83 3.02 1.82
C PRO A 29 -4.36 2.97 1.39
N LEU A 30 -3.80 1.78 1.39
CA LEU A 30 -2.41 1.60 1.00
C LEU A 30 -2.25 1.66 -0.51
N ILE A 31 -1.56 2.70 -0.98
CA ILE A 31 -1.34 2.88 -2.42
C ILE A 31 -0.13 2.08 -2.90
N PHE A 32 -0.34 1.29 -3.95
CA PHE A 32 0.74 0.47 -4.50
C PHE A 32 0.60 0.35 -6.01
N LYS A 33 1.55 0.93 -6.74
CA LYS A 33 1.53 0.89 -8.19
C LYS A 33 0.33 1.65 -8.76
N ASN A 34 0.04 2.79 -8.14
CA ASN A 34 -1.10 3.61 -8.57
C ASN A 34 -2.41 2.86 -8.42
N ASP A 35 -2.64 2.30 -7.23
CA ASP A 35 -3.86 1.56 -6.96
C ASP A 35 -4.03 1.35 -5.46
N PRO A 36 -5.28 1.50 -4.99
CA PRO A 36 -5.62 1.33 -3.57
C PRO A 36 -5.51 -0.12 -3.12
N TYR A 37 -5.12 -0.32 -1.86
CA TYR A 37 -4.98 -1.66 -1.31
C TYR A 37 -4.98 -1.63 0.21
N HIS A 38 -5.08 -2.80 0.82
CA HIS A 38 -5.10 -2.91 2.28
C HIS A 38 -3.68 -3.09 2.82
N PRO A 39 -3.31 -2.24 3.80
CA PRO A 39 -1.98 -2.28 4.42
C PRO A 39 -1.79 -3.52 5.30
N ASP A 40 -2.85 -4.32 5.42
CA ASP A 40 -2.80 -5.53 6.23
C ASP A 40 -2.64 -6.77 5.34
N HIS A 41 -2.96 -6.62 4.06
CA HIS A 41 -2.85 -7.72 3.11
C HIS A 41 -1.40 -8.12 2.91
N PHE A 42 -0.55 -7.14 2.67
CA PHE A 42 0.88 -7.40 2.47
C PHE A 42 1.65 -7.27 3.78
N ASN A 43 2.85 -7.86 3.80
CA ASN A 43 3.68 -7.82 5.00
C ASN A 43 5.14 -7.52 4.64
N CYS A 44 5.84 -6.84 5.53
CA CYS A 44 7.24 -6.49 5.30
C CYS A 44 8.01 -7.69 4.76
N ALA A 45 9.13 -7.40 4.10
CA ALA A 45 9.96 -8.46 3.53
C ALA A 45 11.21 -8.68 4.39
N ASN A 46 11.64 -7.63 5.08
CA ASN A 46 12.83 -7.71 5.93
C ASN A 46 12.52 -8.46 7.21
N CYS A 47 11.50 -8.01 7.93
CA CYS A 47 11.10 -8.64 9.19
C CYS A 47 9.95 -9.62 8.97
N GLY A 48 8.91 -9.15 8.28
CA GLY A 48 7.76 -10.00 8.02
C GLY A 48 6.58 -9.67 8.90
N LYS A 49 6.32 -8.38 9.09
CA LYS A 49 5.21 -7.94 9.92
C LYS A 49 4.10 -7.31 9.08
N GLU A 50 2.93 -7.15 9.67
CA GLU A 50 1.79 -6.56 8.97
C GLU A 50 2.06 -5.10 8.61
N LEU A 51 2.42 -4.85 7.36
CA LEU A 51 2.71 -3.50 6.90
C LEU A 51 1.58 -2.54 7.27
N THR A 52 1.79 -1.26 7.02
CA THR A 52 0.80 -0.25 7.32
C THR A 52 0.45 0.58 6.09
N ALA A 53 -0.50 1.50 6.24
CA ALA A 53 -0.93 2.34 5.15
C ALA A 53 0.17 3.32 4.76
N ASP A 54 0.99 3.70 5.73
CA ASP A 54 2.09 4.64 5.49
C ASP A 54 3.32 3.91 5.00
N ALA A 55 3.22 2.59 4.89
CA ALA A 55 4.34 1.76 4.43
C ALA A 55 5.01 2.40 3.22
N ARG A 56 6.25 1.98 2.95
CA ARG A 56 7.00 2.50 1.81
C ARG A 56 7.38 1.38 0.85
N GLU A 57 7.33 1.68 -0.44
CA GLU A 57 7.67 0.69 -1.46
C GLU A 57 9.13 0.81 -1.87
N LEU A 58 9.82 -0.33 -1.96
CA LEU A 58 11.23 -0.35 -2.33
C LEU A 58 11.51 -1.49 -3.31
N LYS A 59 12.18 -1.15 -4.41
CA LYS A 59 12.52 -2.15 -5.43
C LYS A 59 11.30 -3.01 -5.77
N GLY A 60 10.13 -2.39 -5.77
CA GLY A 60 8.91 -3.11 -6.09
C GLY A 60 8.26 -3.72 -4.85
N GLU A 61 9.09 -4.11 -3.88
CA GLU A 61 8.59 -4.71 -2.65
C GLU A 61 7.98 -3.65 -1.73
N LEU A 62 7.41 -4.10 -0.63
CA LEU A 62 6.78 -3.20 0.33
C LEU A 62 7.34 -3.42 1.74
N TYR A 63 8.02 -2.40 2.25
CA TYR A 63 8.61 -2.48 3.59
C TYR A 63 7.85 -1.61 4.58
N CYS A 64 7.98 -1.91 5.86
CA CYS A 64 7.31 -1.16 6.91
C CYS A 64 8.14 0.07 7.29
N LEU A 65 7.45 1.13 7.72
CA LEU A 65 8.10 2.36 8.12
C LEU A 65 9.38 2.07 8.90
N PRO A 66 9.26 1.20 9.92
CA PRO A 66 10.40 0.81 10.76
C PRO A 66 11.62 0.44 9.93
N CYS A 67 11.52 -0.66 9.20
CA CYS A 67 12.64 -1.13 8.37
C CYS A 67 13.06 -0.05 7.38
N HIS A 68 12.10 0.52 6.67
CA HIS A 68 12.38 1.56 5.70
C HIS A 68 13.45 2.52 6.22
N ASP A 69 13.36 2.86 7.50
CA ASP A 69 14.32 3.76 8.12
C ASP A 69 15.64 3.06 8.38
N LYS A 70 15.57 1.76 8.66
CA LYS A 70 16.76 0.97 8.94
C LYS A 70 17.64 0.86 7.70
N MET A 71 17.00 0.81 6.53
CA MET A 71 17.73 0.71 5.27
C MET A 71 18.79 1.81 5.15
N GLY A 72 18.40 3.03 5.53
CA GLY A 72 19.32 4.15 5.46
C GLY A 72 19.82 4.57 6.83
N VAL A 73 20.63 3.73 7.45
CA VAL A 73 21.18 4.03 8.76
C VAL A 73 22.66 4.34 8.69
N SER A 74 23.08 5.01 7.62
CA SER A 74 24.47 5.37 7.43
C SER A 74 24.60 6.74 6.78
N GLY A 75 25.75 7.38 6.99
CA GLY A 75 25.97 8.70 6.42
C GLY A 75 26.67 8.64 5.08
N PRO A 76 27.44 9.69 4.75
CA PRO A 76 28.17 9.79 3.49
C PRO A 76 29.34 8.80 3.42
N SER A 77 29.99 8.73 2.27
CA SER A 77 31.12 7.83 2.08
C SER A 77 32.44 8.57 2.23
N SER A 78 32.97 8.58 3.45
CA SER A 78 34.23 9.26 3.73
C SER A 78 34.91 8.65 4.95
N GLY A 79 36.19 8.95 5.12
CA GLY A 79 36.94 8.43 6.27
C GLY A 79 37.06 9.45 7.38
ZN ZN B . -8.10 -5.67 0.78
ZN ZN C . 9.96 -4.38 8.50
N GLY A 1 7.81 9.07 -33.43
CA GLY A 1 7.21 8.95 -32.11
C GLY A 1 5.82 8.35 -32.16
N SER A 2 5.30 7.96 -30.99
CA SER A 2 3.97 7.38 -30.91
C SER A 2 3.01 8.32 -30.19
N SER A 3 1.72 8.14 -30.45
CA SER A 3 0.69 8.98 -29.84
C SER A 3 -0.60 8.18 -29.63
N GLY A 4 -1.40 8.62 -28.66
CA GLY A 4 -2.64 7.94 -28.37
C GLY A 4 -2.88 7.77 -26.89
N SER A 5 -3.53 8.75 -26.27
CA SER A 5 -3.81 8.70 -24.84
C SER A 5 -5.07 7.88 -24.56
N SER A 6 -5.17 7.37 -23.34
CA SER A 6 -6.32 6.55 -22.94
C SER A 6 -6.66 6.77 -21.47
N GLY A 7 -7.89 6.44 -21.10
CA GLY A 7 -8.32 6.61 -19.73
C GLY A 7 -9.24 7.80 -19.55
N GLU A 8 -10.51 7.54 -19.26
CA GLU A 8 -11.48 8.60 -19.07
C GLU A 8 -11.63 8.95 -17.59
N LYS A 9 -12.35 10.04 -17.31
CA LYS A 9 -12.56 10.47 -15.94
C LYS A 9 -13.25 9.40 -15.11
N ALA A 10 -13.10 9.47 -13.80
CA ALA A 10 -13.72 8.50 -12.90
C ALA A 10 -14.32 9.19 -11.68
N ARG A 11 -15.00 8.42 -10.85
CA ARG A 11 -15.62 8.95 -9.64
C ARG A 11 -15.73 7.88 -8.56
N GLY A 12 -15.04 8.10 -7.44
CA GLY A 12 -15.06 7.15 -6.35
C GLY A 12 -16.39 7.15 -5.62
N LEU A 13 -16.36 6.73 -4.35
CA LEU A 13 -17.57 6.67 -3.54
C LEU A 13 -17.24 6.29 -2.10
N GLY A 14 -17.44 7.23 -1.18
CA GLY A 14 -17.16 6.96 0.22
C GLY A 14 -15.68 6.80 0.49
N LYS A 15 -15.27 5.59 0.85
CA LYS A 15 -13.88 5.30 1.14
C LYS A 15 -13.19 4.64 -0.05
N TYR A 16 -11.89 4.39 0.09
CA TYR A 16 -11.12 3.76 -0.99
C TYR A 16 -11.41 2.27 -1.06
N ILE A 17 -11.73 1.80 -2.26
CA ILE A 17 -12.02 0.38 -2.47
C ILE A 17 -10.76 -0.41 -2.78
N CYS A 18 -10.46 -1.40 -1.95
CA CYS A 18 -9.28 -2.23 -2.13
C CYS A 18 -9.33 -2.97 -3.47
N GLN A 19 -8.32 -2.75 -4.30
CA GLN A 19 -8.25 -3.38 -5.60
C GLN A 19 -7.77 -4.83 -5.48
N LYS A 20 -7.77 -5.35 -4.26
CA LYS A 20 -7.33 -6.72 -4.01
C LYS A 20 -8.50 -7.58 -3.55
N CYS A 21 -9.15 -7.18 -2.47
CA CYS A 21 -10.29 -7.92 -1.93
C CYS A 21 -11.60 -7.24 -2.31
N HIS A 22 -11.51 -6.04 -2.86
CA HIS A 22 -12.69 -5.29 -3.27
C HIS A 22 -13.56 -4.97 -2.06
N ALA A 23 -12.95 -4.42 -1.01
CA ALA A 23 -13.68 -4.06 0.19
C ALA A 23 -13.27 -2.68 0.69
N ILE A 24 -14.26 -1.89 1.11
CA ILE A 24 -14.01 -0.55 1.60
C ILE A 24 -12.76 -0.49 2.45
N ILE A 25 -12.03 0.61 2.36
CA ILE A 25 -10.80 0.79 3.13
C ILE A 25 -10.96 1.89 4.17
N ASP A 26 -11.72 1.60 5.22
CA ASP A 26 -11.95 2.56 6.29
C ASP A 26 -10.65 3.29 6.64
N GLU A 27 -9.65 2.53 7.05
CA GLU A 27 -8.36 3.10 7.42
C GLU A 27 -7.62 3.62 6.19
N GLN A 28 -6.47 4.25 6.42
CA GLN A 28 -5.67 4.79 5.33
C GLN A 28 -5.40 3.72 4.27
N PRO A 29 -5.91 3.96 3.06
CA PRO A 29 -5.73 3.02 1.94
C PRO A 29 -4.30 2.99 1.44
N LEU A 30 -3.75 1.79 1.30
CA LEU A 30 -2.38 1.61 0.83
C LEU A 30 -2.31 1.73 -0.69
N ILE A 31 -1.55 2.70 -1.16
CA ILE A 31 -1.40 2.92 -2.60
C ILE A 31 -0.22 2.14 -3.15
N PHE A 32 -0.47 1.33 -4.18
CA PHE A 32 0.57 0.53 -4.80
C PHE A 32 0.33 0.39 -6.30
N LYS A 33 1.24 0.93 -7.10
CA LYS A 33 1.12 0.87 -8.55
C LYS A 33 -0.09 1.65 -9.03
N ASN A 34 -0.36 2.78 -8.40
CA ASN A 34 -1.50 3.62 -8.77
C ASN A 34 -2.81 2.88 -8.56
N ASP A 35 -2.97 2.27 -7.38
CA ASP A 35 -4.17 1.53 -7.05
C ASP A 35 -4.29 1.33 -5.53
N PRO A 36 -5.52 1.51 -5.02
CA PRO A 36 -5.79 1.36 -3.58
C PRO A 36 -5.70 -0.10 -3.12
N TYR A 37 -5.25 -0.28 -1.89
CA TYR A 37 -5.11 -1.63 -1.33
C TYR A 37 -5.06 -1.58 0.20
N HIS A 38 -5.14 -2.74 0.82
CA HIS A 38 -5.10 -2.84 2.28
C HIS A 38 -3.69 -3.06 2.77
N PRO A 39 -3.24 -2.21 3.71
CA PRO A 39 -1.90 -2.29 4.29
C PRO A 39 -1.73 -3.51 5.19
N ASP A 40 -2.80 -4.28 5.33
CA ASP A 40 -2.77 -5.48 6.17
C ASP A 40 -2.61 -6.73 5.32
N HIS A 41 -2.92 -6.61 4.04
CA HIS A 41 -2.82 -7.73 3.11
C HIS A 41 -1.36 -8.14 2.92
N PHE A 42 -0.51 -7.14 2.65
CA PHE A 42 0.91 -7.40 2.44
C PHE A 42 1.67 -7.32 3.76
N ASN A 43 2.87 -7.89 3.77
CA ASN A 43 3.71 -7.89 4.96
C ASN A 43 5.16 -7.56 4.62
N CYS A 44 5.82 -6.84 5.52
CA CYS A 44 7.21 -6.45 5.31
C CYS A 44 8.01 -7.59 4.70
N ALA A 45 9.17 -7.26 4.14
CA ALA A 45 10.03 -8.27 3.51
C ALA A 45 11.23 -8.60 4.41
N ASN A 46 11.62 -7.63 5.24
CA ASN A 46 12.74 -7.82 6.15
C ASN A 46 12.33 -8.59 7.39
N CYS A 47 11.47 -7.97 8.21
CA CYS A 47 11.00 -8.61 9.43
C CYS A 47 9.85 -9.56 9.13
N GLY A 48 8.97 -9.16 8.21
CA GLY A 48 7.84 -10.00 7.85
C GLY A 48 6.63 -9.74 8.73
N LYS A 49 6.31 -8.48 8.95
CA LYS A 49 5.17 -8.11 9.79
C LYS A 49 4.09 -7.44 8.96
N GLU A 50 2.93 -7.21 9.57
CA GLU A 50 1.81 -6.57 8.89
C GLU A 50 2.14 -5.13 8.53
N LEU A 51 2.43 -4.88 7.27
CA LEU A 51 2.75 -3.54 6.80
C LEU A 51 1.66 -2.55 7.17
N THR A 52 1.87 -1.29 6.81
CA THR A 52 0.90 -0.23 7.11
C THR A 52 0.53 0.55 5.86
N ALA A 53 -0.33 1.53 6.02
CA ALA A 53 -0.78 2.36 4.90
C ALA A 53 0.37 3.22 4.38
N ASP A 54 1.29 3.58 5.27
CA ASP A 54 2.43 4.41 4.89
C ASP A 54 3.66 3.54 4.62
N ALA A 55 3.42 2.29 4.25
CA ALA A 55 4.50 1.36 3.96
C ALA A 55 5.34 1.85 2.78
N ARG A 56 6.64 2.01 3.00
CA ARG A 56 7.55 2.47 1.97
C ARG A 56 7.79 1.37 0.93
N GLU A 57 7.77 1.75 -0.34
CA GLU A 57 7.99 0.79 -1.42
C GLU A 57 9.44 0.83 -1.89
N LEU A 58 10.02 -0.35 -2.09
CA LEU A 58 11.41 -0.44 -2.53
C LEU A 58 11.55 -1.51 -3.61
N LYS A 59 11.94 -1.08 -4.81
CA LYS A 59 12.11 -2.00 -5.93
C LYS A 59 10.90 -2.91 -6.09
N GLY A 60 9.71 -2.34 -5.91
CA GLY A 60 8.48 -3.11 -6.04
C GLY A 60 7.99 -3.63 -4.72
N GLU A 61 8.92 -4.10 -3.88
CA GLU A 61 8.56 -4.64 -2.57
C GLU A 61 7.93 -3.56 -1.69
N LEU A 62 7.52 -3.95 -0.48
CA LEU A 62 6.90 -3.02 0.45
C LEU A 62 7.34 -3.30 1.88
N TYR A 63 8.13 -2.39 2.44
CA TYR A 63 8.62 -2.54 3.80
C TYR A 63 7.89 -1.60 4.76
N CYS A 64 7.98 -1.88 6.05
CA CYS A 64 7.33 -1.06 7.06
C CYS A 64 8.23 0.10 7.49
N LEU A 65 7.61 1.21 7.84
CA LEU A 65 8.35 2.39 8.26
C LEU A 65 9.56 2.00 9.12
N PRO A 66 9.31 1.16 10.14
CA PRO A 66 10.37 0.70 11.05
C PRO A 66 11.60 0.20 10.29
N CYS A 67 11.41 -0.84 9.50
CA CYS A 67 12.51 -1.42 8.72
C CYS A 67 13.09 -0.40 7.77
N HIS A 68 12.21 0.28 7.02
CA HIS A 68 12.64 1.30 6.07
C HIS A 68 13.58 2.30 6.72
N ASP A 69 13.47 2.44 8.04
CA ASP A 69 14.31 3.38 8.78
C ASP A 69 15.76 2.87 8.83
N LYS A 70 15.93 1.63 9.26
CA LYS A 70 17.26 1.03 9.36
C LYS A 70 17.93 0.97 7.99
N MET A 71 17.13 1.15 6.94
CA MET A 71 17.65 1.12 5.57
C MET A 71 18.38 2.42 5.24
N GLY A 72 17.89 3.52 5.77
CA GLY A 72 18.51 4.81 5.52
C GLY A 72 19.40 5.26 6.65
N VAL A 73 20.57 4.64 6.76
CA VAL A 73 21.53 4.97 7.81
C VAL A 73 22.89 5.31 7.22
N SER A 74 23.75 5.91 8.05
CA SER A 74 25.10 6.28 7.62
C SER A 74 26.11 5.22 8.02
N GLY A 75 26.65 4.51 7.03
CA GLY A 75 27.64 3.49 7.31
C GLY A 75 28.77 3.48 6.30
N PRO A 76 28.87 2.39 5.53
CA PRO A 76 29.92 2.24 4.51
C PRO A 76 29.71 3.18 3.33
N SER A 77 28.67 4.00 3.41
CA SER A 77 28.36 4.95 2.34
C SER A 77 28.35 6.37 2.87
N SER A 78 28.60 7.34 1.98
CA SER A 78 28.61 8.75 2.37
C SER A 78 27.28 9.15 3.00
N GLY A 79 27.34 10.09 3.93
CA GLY A 79 26.14 10.55 4.60
C GLY A 79 26.03 12.07 4.63
ZN ZN B . -8.14 -5.64 0.75
ZN ZN C . 9.67 -4.41 8.63
N GLY A 1 -12.96 -15.74 -35.21
CA GLY A 1 -14.04 -14.89 -34.74
C GLY A 1 -14.11 -14.81 -33.23
N SER A 2 -14.28 -13.60 -32.71
CA SER A 2 -14.35 -13.38 -31.27
C SER A 2 -14.97 -12.02 -30.96
N SER A 3 -15.91 -12.02 -30.02
CA SER A 3 -16.59 -10.78 -29.63
C SER A 3 -16.39 -10.51 -28.14
N GLY A 4 -16.20 -9.24 -27.79
CA GLY A 4 -16.00 -8.86 -26.41
C GLY A 4 -16.36 -7.42 -26.14
N SER A 5 -17.13 -7.19 -25.08
CA SER A 5 -17.54 -5.84 -24.72
C SER A 5 -17.24 -5.54 -23.26
N SER A 6 -16.77 -4.33 -22.99
CA SER A 6 -16.43 -3.93 -21.64
C SER A 6 -17.12 -2.62 -21.27
N GLY A 7 -17.49 -2.48 -19.99
CA GLY A 7 -18.14 -1.27 -19.54
C GLY A 7 -18.42 -1.28 -18.05
N GLU A 8 -17.94 -0.25 -17.35
CA GLU A 8 -18.13 -0.16 -15.91
C GLU A 8 -18.30 1.31 -15.49
N LYS A 9 -18.95 1.51 -14.35
CA LYS A 9 -19.18 2.85 -13.83
C LYS A 9 -18.04 3.29 -12.91
N ALA A 10 -17.62 4.54 -13.06
CA ALA A 10 -16.53 5.08 -12.25
C ALA A 10 -17.00 5.34 -10.81
N ARG A 11 -16.85 4.33 -9.97
CA ARG A 11 -17.25 4.45 -8.56
C ARG A 11 -16.22 5.23 -7.76
N GLY A 12 -16.55 5.52 -6.51
CA GLY A 12 -15.64 6.27 -5.66
C GLY A 12 -16.37 7.19 -4.70
N LEU A 13 -17.20 6.61 -3.84
CA LEU A 13 -17.97 7.39 -2.87
C LEU A 13 -17.90 6.76 -1.49
N GLY A 14 -17.36 7.51 -0.52
CA GLY A 14 -17.24 7.01 0.83
C GLY A 14 -15.81 6.81 1.25
N LYS A 15 -15.14 5.83 0.65
CA LYS A 15 -13.74 5.54 0.97
C LYS A 15 -13.06 4.82 -0.19
N TYR A 16 -11.74 4.68 -0.09
CA TYR A 16 -10.97 4.01 -1.13
C TYR A 16 -11.20 2.50 -1.09
N ILE A 17 -11.66 1.95 -2.21
CA ILE A 17 -11.92 0.51 -2.30
C ILE A 17 -10.63 -0.26 -2.56
N CYS A 18 -10.46 -1.38 -1.87
CA CYS A 18 -9.27 -2.21 -2.03
C CYS A 18 -9.33 -2.99 -3.33
N GLN A 19 -8.38 -2.72 -4.22
CA GLN A 19 -8.33 -3.41 -5.51
C GLN A 19 -7.86 -4.85 -5.34
N LYS A 20 -7.71 -5.28 -4.09
CA LYS A 20 -7.27 -6.64 -3.79
C LYS A 20 -8.44 -7.50 -3.33
N CYS A 21 -9.18 -7.01 -2.35
CA CYS A 21 -10.33 -7.73 -1.82
C CYS A 21 -11.63 -7.05 -2.22
N HIS A 22 -11.52 -5.86 -2.79
CA HIS A 22 -12.70 -5.10 -3.23
C HIS A 22 -13.61 -4.80 -2.05
N ALA A 23 -13.03 -4.23 -0.99
CA ALA A 23 -13.81 -3.87 0.20
C ALA A 23 -13.34 -2.54 0.78
N ILE A 24 -14.29 -1.73 1.22
CA ILE A 24 -13.99 -0.43 1.79
C ILE A 24 -12.71 -0.49 2.63
N ILE A 25 -11.99 0.62 2.68
CA ILE A 25 -10.75 0.70 3.45
C ILE A 25 -10.85 1.76 4.54
N ASP A 26 -11.39 1.37 5.68
CA ASP A 26 -11.54 2.28 6.81
C ASP A 26 -10.30 3.15 6.98
N GLU A 27 -9.18 2.53 7.34
CA GLU A 27 -7.94 3.25 7.52
C GLU A 27 -7.36 3.71 6.19
N GLN A 28 -6.26 4.45 6.24
CA GLN A 28 -5.62 4.95 5.03
C GLN A 28 -5.32 3.82 4.06
N PRO A 29 -5.80 3.97 2.82
CA PRO A 29 -5.61 2.96 1.77
C PRO A 29 -4.16 2.88 1.30
N LEU A 30 -3.63 1.66 1.24
CA LEU A 30 -2.25 1.45 0.81
C LEU A 30 -2.14 1.55 -0.71
N ILE A 31 -1.51 2.63 -1.18
CA ILE A 31 -1.33 2.84 -2.60
C ILE A 31 -0.16 2.03 -3.13
N PHE A 32 -0.41 1.24 -4.17
CA PHE A 32 0.63 0.41 -4.78
C PHE A 32 0.39 0.26 -6.28
N LYS A 33 1.32 0.81 -7.07
CA LYS A 33 1.22 0.74 -8.52
C LYS A 33 0.02 1.52 -9.03
N ASN A 34 -0.24 2.67 -8.40
CA ASN A 34 -1.37 3.51 -8.79
C ASN A 34 -2.69 2.79 -8.57
N ASP A 35 -2.86 2.20 -7.40
CA ASP A 35 -4.07 1.48 -7.06
C ASP A 35 -4.18 1.27 -5.56
N PRO A 36 -5.40 1.47 -5.02
CA PRO A 36 -5.67 1.32 -3.59
C PRO A 36 -5.61 -0.14 -3.14
N TYR A 37 -5.17 -0.36 -1.91
CA TYR A 37 -5.07 -1.70 -1.35
C TYR A 37 -5.02 -1.67 0.17
N HIS A 38 -5.10 -2.84 0.79
CA HIS A 38 -5.05 -2.94 2.24
C HIS A 38 -3.63 -3.18 2.72
N PRO A 39 -3.18 -2.35 3.67
CA PRO A 39 -1.83 -2.44 4.24
C PRO A 39 -1.66 -3.68 5.11
N ASP A 40 -2.75 -4.41 5.33
CA ASP A 40 -2.72 -5.62 6.15
C ASP A 40 -2.54 -6.86 5.28
N HIS A 41 -2.93 -6.74 4.00
CA HIS A 41 -2.81 -7.86 3.07
C HIS A 41 -1.35 -8.24 2.87
N PHE A 42 -0.51 -7.25 2.61
CA PHE A 42 0.91 -7.48 2.40
C PHE A 42 1.69 -7.37 3.70
N ASN A 43 2.91 -7.90 3.71
CA ASN A 43 3.74 -7.87 4.90
C ASN A 43 5.18 -7.54 4.54
N CYS A 44 5.86 -6.82 5.43
CA CYS A 44 7.25 -6.42 5.20
C CYS A 44 8.06 -7.59 4.65
N ALA A 45 9.24 -7.28 4.11
CA ALA A 45 10.12 -8.31 3.56
C ALA A 45 11.31 -8.57 4.47
N ASN A 46 11.72 -7.54 5.21
CA ASN A 46 12.85 -7.66 6.12
C ASN A 46 12.46 -8.43 7.37
N CYS A 47 11.44 -7.93 8.07
CA CYS A 47 10.97 -8.58 9.29
C CYS A 47 9.83 -9.54 8.99
N GLY A 48 8.93 -9.13 8.10
CA GLY A 48 7.80 -9.96 7.74
C GLY A 48 6.59 -9.71 8.62
N LYS A 49 6.25 -8.44 8.81
CA LYS A 49 5.11 -8.06 9.64
C LYS A 49 4.02 -7.41 8.79
N GLU A 50 2.85 -7.20 9.40
CA GLU A 50 1.73 -6.58 8.70
C GLU A 50 2.06 -5.14 8.34
N LEU A 51 2.43 -4.92 7.08
CA LEU A 51 2.76 -3.59 6.59
C LEU A 51 1.67 -2.59 6.98
N THR A 52 1.93 -1.31 6.69
CA THR A 52 0.98 -0.25 7.01
C THR A 52 0.54 0.49 5.75
N ALA A 53 -0.37 1.44 5.92
CA ALA A 53 -0.87 2.23 4.80
C ALA A 53 0.23 3.10 4.21
N ASP A 54 1.16 3.53 5.06
CA ASP A 54 2.27 4.37 4.63
C ASP A 54 3.52 3.55 4.37
N ALA A 55 3.33 2.26 4.05
CA ALA A 55 4.44 1.36 3.79
C ALA A 55 5.25 1.84 2.58
N ARG A 56 6.55 2.04 2.79
CA ARG A 56 7.43 2.49 1.72
C ARG A 56 7.73 1.35 0.75
N GLU A 57 7.67 1.65 -0.55
CA GLU A 57 7.93 0.64 -1.57
C GLU A 57 9.39 0.68 -2.01
N LEU A 58 10.00 -0.49 -2.10
CA LEU A 58 11.41 -0.59 -2.50
C LEU A 58 11.58 -1.66 -3.58
N LYS A 59 12.04 -1.22 -4.76
CA LYS A 59 12.26 -2.12 -5.88
C LYS A 59 11.07 -3.06 -6.06
N GLY A 60 9.86 -2.50 -5.95
CA GLY A 60 8.66 -3.30 -6.11
C GLY A 60 8.14 -3.83 -4.80
N GLU A 61 9.05 -4.25 -3.93
CA GLU A 61 8.66 -4.79 -2.62
C GLU A 61 8.04 -3.70 -1.76
N LEU A 62 7.62 -4.08 -0.55
CA LEU A 62 7.00 -3.13 0.38
C LEU A 62 7.49 -3.39 1.80
N TYR A 63 8.20 -2.41 2.36
CA TYR A 63 8.72 -2.51 3.71
C TYR A 63 7.97 -1.58 4.67
N CYS A 64 7.84 -2.01 5.91
CA CYS A 64 7.14 -1.22 6.92
C CYS A 64 8.00 -0.03 7.36
N LEU A 65 7.33 1.05 7.77
CA LEU A 65 8.03 2.25 8.23
C LEU A 65 9.19 1.89 9.15
N PRO A 66 8.92 1.03 10.14
CA PRO A 66 9.93 0.58 11.11
C PRO A 66 11.22 0.14 10.42
N CYS A 67 11.11 -0.80 9.50
CA CYS A 67 12.26 -1.31 8.78
C CYS A 67 12.85 -0.24 7.86
N HIS A 68 12.00 0.33 7.02
CA HIS A 68 12.42 1.37 6.08
C HIS A 68 13.34 2.37 6.78
N ASP A 69 12.98 2.76 8.00
CA ASP A 69 13.77 3.71 8.77
C ASP A 69 15.16 3.15 9.08
N LYS A 70 15.22 1.83 9.24
CA LYS A 70 16.49 1.16 9.54
C LYS A 70 17.27 0.88 8.27
N MET A 71 17.01 1.67 7.23
CA MET A 71 17.69 1.51 5.95
C MET A 71 18.55 2.72 5.63
N GLY A 72 18.02 3.91 5.91
CA GLY A 72 18.75 5.13 5.65
C GLY A 72 19.64 5.54 6.80
N VAL A 73 20.48 4.62 7.26
CA VAL A 73 21.38 4.89 8.36
C VAL A 73 22.07 6.23 8.20
N SER A 74 22.80 6.65 9.23
CA SER A 74 23.51 7.93 9.19
C SER A 74 24.02 8.23 7.79
N GLY A 75 23.80 9.47 7.34
CA GLY A 75 24.24 9.86 6.01
C GLY A 75 23.12 10.45 5.18
N PRO A 76 22.74 9.73 4.10
CA PRO A 76 21.68 10.18 3.21
C PRO A 76 20.30 10.10 3.85
N SER A 77 19.90 11.18 4.52
CA SER A 77 18.61 11.23 5.19
C SER A 77 17.62 12.08 4.39
N SER A 78 16.66 11.41 3.76
CA SER A 78 15.65 12.10 2.96
C SER A 78 14.29 12.08 3.67
N GLY A 79 13.93 10.91 4.19
CA GLY A 79 12.66 10.78 4.87
C GLY A 79 12.49 9.42 5.53
ZN ZN B . -8.13 -5.72 0.77
ZN ZN C . 9.55 -4.43 8.54
N GLY A 1 -26.31 37.97 -26.70
CA GLY A 1 -26.52 37.74 -25.28
C GLY A 1 -26.66 36.27 -24.95
N SER A 2 -26.32 35.92 -23.71
CA SER A 2 -26.40 34.53 -23.26
C SER A 2 -27.37 34.39 -22.09
N SER A 3 -28.04 33.24 -22.03
CA SER A 3 -28.99 32.98 -20.96
C SER A 3 -29.22 31.49 -20.78
N GLY A 4 -28.80 30.96 -19.64
CA GLY A 4 -28.96 29.55 -19.36
C GLY A 4 -28.59 29.18 -17.93
N SER A 5 -28.89 27.96 -17.53
CA SER A 5 -28.59 27.50 -16.18
C SER A 5 -27.84 26.17 -16.23
N SER A 6 -26.56 26.21 -15.85
CA SER A 6 -25.72 25.01 -15.85
C SER A 6 -25.56 24.46 -14.44
N GLY A 7 -25.47 23.15 -14.32
CA GLY A 7 -25.31 22.52 -13.02
C GLY A 7 -25.17 21.01 -13.12
N GLU A 8 -24.42 20.43 -12.19
CA GLU A 8 -24.22 18.99 -12.17
C GLU A 8 -24.22 18.46 -10.74
N LYS A 9 -24.11 17.14 -10.60
CA LYS A 9 -24.10 16.51 -9.29
C LYS A 9 -22.71 15.97 -8.95
N ALA A 10 -22.40 15.91 -7.67
CA ALA A 10 -21.10 15.42 -7.21
C ALA A 10 -21.23 14.02 -6.62
N ARG A 11 -20.18 13.23 -6.78
CA ARG A 11 -20.17 11.86 -6.27
C ARG A 11 -19.02 11.67 -5.27
N GLY A 12 -19.19 10.70 -4.37
CA GLY A 12 -18.17 10.43 -3.38
C GLY A 12 -18.76 10.08 -2.02
N LEU A 13 -18.25 10.72 -0.97
CA LEU A 13 -18.73 10.47 0.38
C LEU A 13 -18.61 8.99 0.74
N GLY A 14 -17.48 8.39 0.37
CA GLY A 14 -17.26 6.98 0.65
C GLY A 14 -15.85 6.70 1.15
N LYS A 15 -15.25 5.63 0.64
CA LYS A 15 -13.90 5.26 1.03
C LYS A 15 -13.17 4.58 -0.12
N TYR A 16 -11.85 4.47 0.01
CA TYR A 16 -11.03 3.84 -1.03
C TYR A 16 -11.28 2.33 -1.08
N ILE A 17 -11.66 1.85 -2.26
CA ILE A 17 -11.93 0.43 -2.44
C ILE A 17 -10.65 -0.34 -2.72
N CYS A 18 -10.39 -1.37 -1.91
CA CYS A 18 -9.20 -2.19 -2.07
C CYS A 18 -9.21 -2.90 -3.41
N GLN A 19 -8.23 -2.57 -4.25
CA GLN A 19 -8.12 -3.17 -5.58
C GLN A 19 -7.69 -4.63 -5.48
N LYS A 20 -7.58 -5.12 -4.25
CA LYS A 20 -7.17 -6.50 -4.00
C LYS A 20 -8.37 -7.37 -3.65
N CYS A 21 -9.02 -7.04 -2.54
CA CYS A 21 -10.19 -7.79 -2.09
C CYS A 21 -11.48 -7.10 -2.50
N HIS A 22 -11.34 -5.93 -3.12
CA HIS A 22 -12.50 -5.16 -3.57
C HIS A 22 -13.45 -4.90 -2.41
N ALA A 23 -12.93 -4.35 -1.32
CA ALA A 23 -13.74 -4.05 -0.15
C ALA A 23 -13.34 -2.70 0.46
N ILE A 24 -14.34 -1.93 0.87
CA ILE A 24 -14.09 -0.62 1.47
C ILE A 24 -12.91 -0.67 2.44
N ILE A 25 -12.11 0.38 2.45
CA ILE A 25 -10.94 0.46 3.32
C ILE A 25 -11.12 1.55 4.37
N ASP A 26 -11.81 1.21 5.45
CA ASP A 26 -12.04 2.16 6.54
C ASP A 26 -10.76 2.92 6.88
N GLU A 27 -9.71 2.20 7.19
CA GLU A 27 -8.42 2.80 7.54
C GLU A 27 -7.77 3.43 6.31
N GLN A 28 -6.55 3.92 6.48
CA GLN A 28 -5.82 4.54 5.39
C GLN A 28 -5.50 3.53 4.29
N PRO A 29 -5.95 3.82 3.06
CA PRO A 29 -5.74 2.96 1.90
C PRO A 29 -4.28 2.93 1.47
N LEU A 30 -3.72 1.73 1.37
CA LEU A 30 -2.34 1.55 0.96
C LEU A 30 -2.19 1.70 -0.56
N ILE A 31 -1.57 2.78 -1.00
CA ILE A 31 -1.37 3.03 -2.41
C ILE A 31 -0.16 2.27 -2.94
N PHE A 32 -0.40 1.38 -3.90
CA PHE A 32 0.69 0.58 -4.49
C PHE A 32 0.54 0.52 -6.00
N LYS A 33 1.49 1.15 -6.70
CA LYS A 33 1.47 1.16 -8.16
C LYS A 33 0.29 1.96 -8.68
N ASN A 34 -0.06 3.03 -7.98
CA ASN A 34 -1.19 3.88 -8.37
C ASN A 34 -2.51 3.13 -8.24
N ASP A 35 -2.71 2.49 -7.08
CA ASP A 35 -3.92 1.74 -6.81
C ASP A 35 -4.10 1.50 -5.32
N PRO A 36 -5.33 1.68 -4.82
CA PRO A 36 -5.66 1.49 -3.42
C PRO A 36 -5.61 0.02 -3.01
N TYR A 37 -5.14 -0.24 -1.79
CA TYR A 37 -5.04 -1.60 -1.28
C TYR A 37 -5.04 -1.61 0.24
N HIS A 38 -5.14 -2.81 0.81
CA HIS A 38 -5.15 -2.96 2.27
C HIS A 38 -3.73 -3.18 2.80
N PRO A 39 -3.32 -2.33 3.74
CA PRO A 39 -1.98 -2.42 4.35
C PRO A 39 -1.84 -3.64 5.26
N ASP A 40 -2.88 -4.45 5.32
CA ASP A 40 -2.87 -5.66 6.15
C ASP A 40 -2.70 -6.90 5.28
N HIS A 41 -2.97 -6.76 3.99
CA HIS A 41 -2.86 -7.87 3.05
C HIS A 41 -1.40 -8.27 2.87
N PHE A 42 -0.53 -7.28 2.65
CA PHE A 42 0.89 -7.54 2.46
C PHE A 42 1.66 -7.33 3.77
N ASN A 43 2.85 -7.91 3.84
CA ASN A 43 3.69 -7.80 5.03
C ASN A 43 5.12 -7.46 4.65
N CYS A 44 5.81 -6.76 5.54
CA CYS A 44 7.20 -6.37 5.30
C CYS A 44 8.01 -7.54 4.75
N ALA A 45 9.16 -7.23 4.19
CA ALA A 45 10.03 -8.26 3.62
C ALA A 45 11.27 -8.48 4.49
N ASN A 46 11.64 -7.45 5.26
CA ASN A 46 12.79 -7.53 6.14
C ASN A 46 12.46 -8.29 7.42
N CYS A 47 11.54 -7.73 8.20
CA CYS A 47 11.12 -8.35 9.45
C CYS A 47 9.98 -9.34 9.22
N GLY A 48 9.01 -8.93 8.41
CA GLY A 48 7.88 -9.78 8.13
C GLY A 48 6.67 -9.47 9.00
N LYS A 49 6.38 -8.19 9.16
CA LYS A 49 5.24 -7.77 9.98
C LYS A 49 4.14 -7.16 9.12
N GLU A 50 2.95 -7.03 9.69
CA GLU A 50 1.82 -6.46 8.98
C GLU A 50 2.11 -5.03 8.53
N LEU A 51 2.42 -4.87 7.25
CA LEU A 51 2.73 -3.55 6.70
C LEU A 51 1.66 -2.53 7.09
N THR A 52 1.87 -1.28 6.69
CA THR A 52 0.93 -0.22 6.99
C THR A 52 0.51 0.53 5.74
N ALA A 53 -0.45 1.44 5.88
CA ALA A 53 -0.94 2.22 4.75
C ALA A 53 0.17 3.09 4.17
N ASP A 54 1.10 3.52 5.02
CA ASP A 54 2.21 4.35 4.59
C ASP A 54 3.44 3.51 4.30
N ALA A 55 3.23 2.23 4.05
CA ALA A 55 4.33 1.31 3.75
C ALA A 55 5.12 1.78 2.54
N ARG A 56 6.42 1.94 2.71
CA ARG A 56 7.29 2.38 1.63
C ARG A 56 7.68 1.22 0.73
N GLU A 57 7.62 1.44 -0.58
CA GLU A 57 7.97 0.40 -1.54
C GLU A 57 9.46 0.42 -1.85
N LEU A 58 10.02 -0.75 -2.13
CA LEU A 58 11.44 -0.87 -2.44
C LEU A 58 11.67 -1.88 -3.56
N LYS A 59 11.96 -1.39 -4.76
CA LYS A 59 12.21 -2.25 -5.90
C LYS A 59 11.03 -3.20 -6.14
N GLY A 60 9.82 -2.68 -5.97
CA GLY A 60 8.64 -3.49 -6.16
C GLY A 60 8.11 -4.08 -4.87
N GLU A 61 9.02 -4.34 -3.92
CA GLU A 61 8.64 -4.90 -2.64
C GLU A 61 7.94 -3.85 -1.77
N LEU A 62 7.55 -4.25 -0.57
CA LEU A 62 6.88 -3.35 0.36
C LEU A 62 7.38 -3.56 1.79
N TYR A 63 8.00 -2.52 2.35
CA TYR A 63 8.52 -2.59 3.71
C TYR A 63 7.78 -1.63 4.63
N CYS A 64 7.88 -1.87 5.93
CA CYS A 64 7.22 -1.03 6.92
C CYS A 64 8.09 0.17 7.28
N LEU A 65 7.45 1.29 7.58
CA LEU A 65 8.17 2.51 7.94
C LEU A 65 9.38 2.19 8.81
N PRO A 66 9.17 1.40 9.87
CA PRO A 66 10.24 0.99 10.78
C PRO A 66 11.47 0.49 10.06
N CYS A 67 11.29 -0.55 9.24
CA CYS A 67 12.39 -1.12 8.47
C CYS A 67 12.92 -0.13 7.44
N HIS A 68 12.01 0.47 6.68
CA HIS A 68 12.38 1.43 5.66
C HIS A 68 13.22 2.56 6.26
N ASP A 69 13.10 2.74 7.56
CA ASP A 69 13.84 3.79 8.26
C ASP A 69 15.26 3.33 8.59
N LYS A 70 15.37 2.07 9.02
CA LYS A 70 16.67 1.51 9.37
C LYS A 70 17.48 1.19 8.11
N MET A 71 16.85 1.34 6.95
CA MET A 71 17.52 1.07 5.69
C MET A 71 18.81 1.87 5.57
N GLY A 72 18.71 3.18 5.82
CA GLY A 72 19.88 4.04 5.74
C GLY A 72 20.39 4.45 7.11
N VAL A 73 20.94 3.50 7.84
CA VAL A 73 21.47 3.76 9.17
C VAL A 73 22.94 4.16 9.11
N SER A 74 23.47 4.63 10.24
CA SER A 74 24.86 5.04 10.31
C SER A 74 25.18 6.07 9.22
N GLY A 75 24.28 7.03 9.03
CA GLY A 75 24.49 8.05 8.02
C GLY A 75 24.05 9.43 8.49
N PRO A 76 24.96 10.41 8.40
CA PRO A 76 24.68 11.78 8.82
C PRO A 76 23.69 12.48 7.89
N SER A 77 22.41 12.37 8.21
CA SER A 77 21.36 12.99 7.41
C SER A 77 21.62 14.48 7.24
N SER A 78 21.94 15.16 8.34
CA SER A 78 22.21 16.59 8.31
C SER A 78 23.71 16.86 8.27
N GLY A 79 24.14 17.56 7.22
CA GLY A 79 25.55 17.87 7.09
C GLY A 79 26.10 18.63 8.28
ZN ZN B . -8.21 -5.68 0.68
ZN ZN C . 9.65 -4.26 8.56
N GLY A 1 -23.24 -3.36 -36.88
CA GLY A 1 -23.46 -2.06 -36.27
C GLY A 1 -22.33 -1.65 -35.34
N SER A 2 -22.64 -0.83 -34.35
CA SER A 2 -21.64 -0.35 -33.40
C SER A 2 -22.30 0.15 -32.13
N SER A 3 -21.84 -0.33 -30.99
CA SER A 3 -22.38 0.07 -29.69
C SER A 3 -21.38 -0.19 -28.57
N GLY A 4 -21.70 0.31 -27.38
CA GLY A 4 -20.81 0.12 -26.25
C GLY A 4 -20.51 1.42 -25.53
N SER A 5 -21.27 1.71 -24.48
CA SER A 5 -21.07 2.94 -23.71
C SER A 5 -21.64 2.79 -22.29
N SER A 6 -20.84 3.19 -21.31
CA SER A 6 -21.27 3.09 -19.91
C SER A 6 -20.65 4.23 -19.08
N GLY A 7 -21.33 4.58 -18.00
CA GLY A 7 -20.85 5.66 -17.15
C GLY A 7 -21.68 5.82 -15.89
N GLU A 8 -21.27 5.15 -14.82
CA GLU A 8 -22.00 5.22 -13.55
C GLU A 8 -21.58 6.46 -12.76
N LYS A 9 -22.55 7.10 -12.12
CA LYS A 9 -22.29 8.29 -11.32
C LYS A 9 -22.89 8.17 -9.93
N ALA A 10 -22.03 8.09 -8.92
CA ALA A 10 -22.48 7.96 -7.53
C ALA A 10 -23.08 9.27 -7.03
N ARG A 11 -22.43 10.38 -7.38
CA ARG A 11 -22.90 11.70 -6.96
C ARG A 11 -23.05 11.76 -5.45
N GLY A 12 -22.09 11.18 -4.74
CA GLY A 12 -22.13 11.19 -3.29
C GLY A 12 -20.75 11.13 -2.67
N LEU A 13 -20.58 10.25 -1.68
CA LEU A 13 -19.30 10.11 -1.00
C LEU A 13 -19.08 8.67 -0.56
N GLY A 14 -17.82 8.28 -0.40
CA GLY A 14 -17.50 6.93 0.02
C GLY A 14 -16.09 6.81 0.56
N LYS A 15 -15.39 5.75 0.15
CA LYS A 15 -14.02 5.52 0.60
C LYS A 15 -13.19 4.84 -0.49
N TYR A 16 -11.95 4.52 -0.16
CA TYR A 16 -11.06 3.86 -1.11
C TYR A 16 -11.34 2.36 -1.17
N ILE A 17 -11.66 1.86 -2.36
CA ILE A 17 -11.94 0.44 -2.55
C ILE A 17 -10.66 -0.34 -2.83
N CYS A 18 -10.41 -1.35 -2.00
CA CYS A 18 -9.22 -2.19 -2.17
C CYS A 18 -9.25 -2.92 -3.50
N GLN A 19 -8.20 -2.74 -4.29
CA GLN A 19 -8.09 -3.38 -5.60
C GLN A 19 -7.58 -4.82 -5.47
N LYS A 20 -7.80 -5.40 -4.29
CA LYS A 20 -7.37 -6.77 -4.03
C LYS A 20 -8.52 -7.62 -3.53
N CYS A 21 -9.19 -7.15 -2.48
CA CYS A 21 -10.32 -7.87 -1.90
C CYS A 21 -11.63 -7.22 -2.31
N HIS A 22 -11.55 -6.07 -2.95
CA HIS A 22 -12.73 -5.35 -3.40
C HIS A 22 -13.63 -4.97 -2.22
N ALA A 23 -13.03 -4.32 -1.22
CA ALA A 23 -13.76 -3.91 -0.03
C ALA A 23 -13.30 -2.54 0.46
N ILE A 24 -14.24 -1.68 0.81
CA ILE A 24 -13.92 -0.34 1.29
C ILE A 24 -12.85 -0.38 2.36
N ILE A 25 -11.95 0.59 2.34
CA ILE A 25 -10.87 0.67 3.32
C ILE A 25 -11.12 1.78 4.33
N ASP A 26 -11.52 1.40 5.53
CA ASP A 26 -11.78 2.37 6.59
C ASP A 26 -10.56 3.22 6.87
N GLU A 27 -9.50 2.61 7.37
CA GLU A 27 -8.26 3.32 7.67
C GLU A 27 -7.57 3.77 6.39
N GLN A 28 -6.43 4.43 6.55
CA GLN A 28 -5.66 4.92 5.41
C GLN A 28 -5.36 3.79 4.44
N PRO A 29 -5.86 3.91 3.20
CA PRO A 29 -5.65 2.91 2.15
C PRO A 29 -4.21 2.87 1.66
N LEU A 30 -3.68 1.66 1.52
CA LEU A 30 -2.31 1.47 1.06
C LEU A 30 -2.21 1.61 -0.46
N ILE A 31 -1.50 2.64 -0.90
CA ILE A 31 -1.33 2.88 -2.34
C ILE A 31 -0.14 2.10 -2.89
N PHE A 32 -0.36 1.43 -4.02
CA PHE A 32 0.69 0.64 -4.65
C PHE A 32 0.46 0.53 -6.16
N LYS A 33 1.43 0.97 -6.94
CA LYS A 33 1.34 0.91 -8.39
C LYS A 33 0.15 1.74 -8.89
N ASN A 34 -0.14 2.83 -8.18
CA ASN A 34 -1.24 3.70 -8.55
C ASN A 34 -2.59 3.00 -8.35
N ASP A 35 -2.74 2.32 -7.22
CA ASP A 35 -3.97 1.60 -6.92
C ASP A 35 -4.12 1.38 -5.42
N PRO A 36 -5.35 1.52 -4.91
CA PRO A 36 -5.64 1.34 -3.49
C PRO A 36 -5.53 -0.12 -3.06
N TYR A 37 -5.10 -0.33 -1.81
CA TYR A 37 -4.95 -1.68 -1.28
C TYR A 37 -4.94 -1.66 0.25
N HIS A 38 -5.07 -2.84 0.85
CA HIS A 38 -5.08 -2.96 2.30
C HIS A 38 -3.67 -3.23 2.83
N PRO A 39 -3.24 -2.41 3.80
CA PRO A 39 -1.92 -2.53 4.41
C PRO A 39 -1.80 -3.79 5.28
N ASP A 40 -2.85 -4.57 5.32
CA ASP A 40 -2.87 -5.80 6.10
C ASP A 40 -2.70 -7.02 5.21
N HIS A 41 -2.95 -6.84 3.92
CA HIS A 41 -2.82 -7.94 2.96
C HIS A 41 -1.36 -8.33 2.77
N PHE A 42 -0.51 -7.33 2.57
CA PHE A 42 0.92 -7.57 2.38
C PHE A 42 1.68 -7.43 3.70
N ASN A 43 2.90 -7.97 3.73
CA ASN A 43 3.73 -7.91 4.92
C ASN A 43 5.16 -7.54 4.57
N CYS A 44 5.83 -6.83 5.48
CA CYS A 44 7.22 -6.42 5.27
C CYS A 44 8.04 -7.57 4.68
N ALA A 45 9.19 -7.22 4.12
CA ALA A 45 10.08 -8.22 3.53
C ALA A 45 11.28 -8.49 4.43
N ASN A 46 11.66 -7.48 5.22
CA ASN A 46 12.79 -7.62 6.12
C ASN A 46 12.39 -8.34 7.40
N CYS A 47 11.52 -7.71 8.19
CA CYS A 47 11.05 -8.30 9.43
C CYS A 47 9.95 -9.32 9.18
N GLY A 48 9.05 -9.00 8.25
CA GLY A 48 7.96 -9.90 7.93
C GLY A 48 6.74 -9.69 8.81
N LYS A 49 6.38 -8.42 9.01
CA LYS A 49 5.23 -8.08 9.84
C LYS A 49 4.14 -7.42 9.00
N GLU A 50 2.93 -7.35 9.56
CA GLU A 50 1.81 -6.73 8.87
C GLU A 50 2.11 -5.28 8.51
N LEU A 51 2.40 -5.03 7.25
CA LEU A 51 2.71 -3.69 6.77
C LEU A 51 1.64 -2.70 7.22
N THR A 52 1.84 -1.42 6.90
CA THR A 52 0.90 -0.38 7.26
C THR A 52 0.44 0.40 6.03
N ALA A 53 -0.50 1.32 6.24
CA ALA A 53 -1.02 2.14 5.15
C ALA A 53 0.08 3.00 4.53
N ASP A 54 0.98 3.49 5.37
CA ASP A 54 2.07 4.34 4.91
C ASP A 54 3.32 3.49 4.63
N ALA A 55 3.11 2.23 4.30
CA ALA A 55 4.21 1.33 4.01
C ALA A 55 5.02 1.80 2.81
N ARG A 56 6.32 1.98 3.00
CA ARG A 56 7.20 2.44 1.94
C ARG A 56 7.52 1.31 0.97
N GLU A 57 7.54 1.64 -0.32
CA GLU A 57 7.82 0.65 -1.36
C GLU A 57 9.27 0.75 -1.83
N LEU A 58 9.94 -0.39 -1.92
CA LEU A 58 11.33 -0.42 -2.36
C LEU A 58 11.54 -1.47 -3.46
N LYS A 59 12.03 -1.03 -4.61
CA LYS A 59 12.28 -1.92 -5.73
C LYS A 59 11.10 -2.88 -5.92
N GLY A 60 9.89 -2.36 -5.81
CA GLY A 60 8.70 -3.18 -5.98
C GLY A 60 8.20 -3.74 -4.66
N GLU A 61 9.12 -4.12 -3.79
CA GLU A 61 8.77 -4.69 -2.50
C GLU A 61 8.07 -3.63 -1.62
N LEU A 62 7.60 -4.06 -0.45
CA LEU A 62 6.92 -3.16 0.47
C LEU A 62 7.42 -3.36 1.90
N TYR A 63 8.19 -2.39 2.39
CA TYR A 63 8.73 -2.47 3.74
C TYR A 63 8.04 -1.45 4.66
N CYS A 64 7.85 -1.84 5.92
CA CYS A 64 7.21 -0.96 6.90
C CYS A 64 8.09 0.26 7.18
N LEU A 65 7.57 1.16 8.01
CA LEU A 65 8.31 2.38 8.37
C LEU A 65 9.57 2.04 9.16
N PRO A 66 9.39 1.23 10.22
CA PRO A 66 10.50 0.81 11.09
C PRO A 66 11.70 0.31 10.29
N CYS A 67 11.45 -0.60 9.36
CA CYS A 67 12.52 -1.15 8.53
C CYS A 67 13.00 -0.13 7.51
N HIS A 68 12.08 0.33 6.66
CA HIS A 68 12.42 1.31 5.63
C HIS A 68 13.28 2.43 6.21
N ASP A 69 13.07 2.72 7.49
CA ASP A 69 13.83 3.77 8.17
C ASP A 69 15.30 3.38 8.31
N LYS A 70 15.54 2.23 8.94
CA LYS A 70 16.90 1.74 9.14
C LYS A 70 17.57 1.46 7.81
N MET A 71 16.78 1.08 6.81
CA MET A 71 17.31 0.78 5.48
C MET A 71 18.33 1.83 5.06
N GLY A 72 18.25 3.01 5.65
CA GLY A 72 19.16 4.08 5.32
C GLY A 72 20.42 4.04 6.16
N VAL A 73 21.04 2.88 6.24
CA VAL A 73 22.27 2.71 7.02
C VAL A 73 23.33 1.95 6.24
N SER A 74 23.36 2.18 4.93
CA SER A 74 24.33 1.52 4.07
C SER A 74 25.52 2.42 3.78
N GLY A 75 25.23 3.66 3.36
CA GLY A 75 26.29 4.60 3.06
C GLY A 75 27.44 4.52 4.03
N PRO A 76 28.52 3.85 3.62
CA PRO A 76 29.72 3.67 4.45
C PRO A 76 30.48 4.99 4.64
N SER A 77 31.55 4.92 5.43
CA SER A 77 32.37 6.10 5.69
C SER A 77 33.08 6.57 4.43
N SER A 78 33.04 7.87 4.16
CA SER A 78 33.69 8.43 2.99
C SER A 78 35.18 8.13 2.98
N GLY A 79 35.76 8.07 1.78
CA GLY A 79 37.18 7.78 1.67
C GLY A 79 37.86 8.65 0.62
ZN ZN B . -8.18 -5.59 0.71
ZN ZN C . 9.74 -4.27 8.54
N GLY A 1 -10.92 -23.40 -10.22
CA GLY A 1 -12.26 -23.00 -9.88
C GLY A 1 -12.82 -21.95 -10.84
N SER A 2 -13.15 -22.39 -12.05
CA SER A 2 -13.69 -21.48 -13.06
C SER A 2 -15.18 -21.27 -12.85
N SER A 3 -15.58 -21.00 -11.62
CA SER A 3 -16.98 -20.78 -11.29
C SER A 3 -17.13 -19.58 -10.35
N GLY A 4 -18.35 -19.05 -10.28
CA GLY A 4 -18.61 -17.90 -9.42
C GLY A 4 -19.33 -16.78 -10.15
N SER A 5 -20.62 -16.97 -10.38
CA SER A 5 -21.43 -15.97 -11.07
C SER A 5 -21.95 -14.92 -10.10
N SER A 6 -21.38 -13.72 -10.19
CA SER A 6 -21.78 -12.62 -9.31
C SER A 6 -21.63 -11.28 -10.03
N GLY A 7 -22.76 -10.61 -10.26
CA GLY A 7 -22.74 -9.32 -10.93
C GLY A 7 -23.73 -8.34 -10.34
N GLU A 8 -23.78 -8.30 -9.00
CA GLU A 8 -24.70 -7.39 -8.31
C GLU A 8 -24.02 -6.74 -7.11
N LYS A 9 -23.88 -5.42 -7.16
CA LYS A 9 -23.25 -4.68 -6.07
C LYS A 9 -23.47 -3.19 -6.24
N ALA A 10 -23.43 -2.46 -5.13
CA ALA A 10 -23.62 -1.02 -5.15
C ALA A 10 -22.28 -0.28 -5.13
N ARG A 11 -22.21 0.84 -5.84
CA ARG A 11 -20.99 1.63 -5.90
C ARG A 11 -21.31 3.12 -6.00
N GLY A 12 -20.50 3.94 -5.34
CA GLY A 12 -20.71 5.37 -5.37
C GLY A 12 -19.89 6.10 -4.31
N LEU A 13 -20.29 7.33 -3.99
CA LEU A 13 -19.59 8.13 -3.00
C LEU A 13 -19.50 7.39 -1.67
N GLY A 14 -18.28 7.00 -1.31
CA GLY A 14 -18.08 6.29 -0.06
C GLY A 14 -16.64 6.38 0.44
N LYS A 15 -15.86 5.36 0.15
CA LYS A 15 -14.46 5.33 0.57
C LYS A 15 -13.59 4.62 -0.46
N TYR A 16 -12.30 4.53 -0.18
CA TYR A 16 -11.36 3.87 -1.09
C TYR A 16 -11.61 2.36 -1.13
N ILE A 17 -11.84 1.84 -2.32
CA ILE A 17 -12.09 0.41 -2.49
C ILE A 17 -10.80 -0.34 -2.78
N CYS A 18 -10.52 -1.36 -1.98
CA CYS A 18 -9.31 -2.17 -2.14
C CYS A 18 -9.31 -2.88 -3.49
N GLN A 19 -8.27 -2.64 -4.27
CA GLN A 19 -8.15 -3.26 -5.59
C GLN A 19 -7.62 -4.69 -5.48
N LYS A 20 -7.74 -5.27 -4.29
CA LYS A 20 -7.27 -6.63 -4.06
C LYS A 20 -8.42 -7.53 -3.60
N CYS A 21 -9.13 -7.10 -2.57
CA CYS A 21 -10.26 -7.86 -2.04
C CYS A 21 -11.59 -7.20 -2.39
N HIS A 22 -11.50 -6.00 -2.96
CA HIS A 22 -12.70 -5.25 -3.34
C HIS A 22 -13.58 -4.98 -2.12
N ALA A 23 -13.00 -4.38 -1.10
CA ALA A 23 -13.74 -4.06 0.12
C ALA A 23 -13.34 -2.70 0.67
N ILE A 24 -14.32 -1.91 1.07
CA ILE A 24 -14.08 -0.58 1.61
C ILE A 24 -12.86 -0.58 2.52
N ILE A 25 -12.11 0.53 2.49
CA ILE A 25 -10.92 0.66 3.32
C ILE A 25 -11.08 1.75 4.37
N ASP A 26 -11.80 1.42 5.44
CA ASP A 26 -12.03 2.37 6.52
C ASP A 26 -10.76 3.17 6.83
N GLU A 27 -9.69 2.47 7.17
CA GLU A 27 -8.43 3.11 7.50
C GLU A 27 -7.75 3.63 6.23
N GLN A 28 -6.62 4.30 6.40
CA GLN A 28 -5.87 4.85 5.28
C GLN A 28 -5.56 3.76 4.26
N PRO A 29 -6.02 3.96 3.02
CA PRO A 29 -5.80 3.00 1.93
C PRO A 29 -4.34 2.96 1.48
N LEU A 30 -3.78 1.75 1.41
CA LEU A 30 -2.40 1.58 1.00
C LEU A 30 -2.25 1.67 -0.51
N ILE A 31 -1.62 2.75 -0.98
CA ILE A 31 -1.42 2.97 -2.40
C ILE A 31 -0.23 2.16 -2.92
N PHE A 32 -0.44 1.43 -4.01
CA PHE A 32 0.62 0.62 -4.61
C PHE A 32 0.42 0.51 -6.12
N LYS A 33 1.39 1.02 -6.87
CA LYS A 33 1.33 0.97 -8.32
C LYS A 33 0.13 1.75 -8.85
N ASN A 34 -0.18 2.87 -8.19
CA ASN A 34 -1.30 3.71 -8.60
C ASN A 34 -2.63 2.97 -8.39
N ASP A 35 -2.80 2.38 -7.22
CA ASP A 35 -4.02 1.64 -6.90
C ASP A 35 -4.15 1.43 -5.40
N PRO A 36 -5.37 1.60 -4.88
CA PRO A 36 -5.66 1.43 -3.45
C PRO A 36 -5.57 -0.03 -3.02
N TYR A 37 -5.15 -0.25 -1.78
CA TYR A 37 -5.03 -1.61 -1.25
C TYR A 37 -5.04 -1.59 0.29
N HIS A 38 -5.13 -2.78 0.88
CA HIS A 38 -5.14 -2.91 2.33
C HIS A 38 -3.74 -3.12 2.87
N PRO A 39 -3.33 -2.28 3.84
CA PRO A 39 -2.00 -2.36 4.46
C PRO A 39 -1.85 -3.59 5.33
N ASP A 40 -2.87 -4.44 5.35
CA ASP A 40 -2.84 -5.66 6.14
C ASP A 40 -2.69 -6.88 5.26
N HIS A 41 -2.92 -6.71 3.96
CA HIS A 41 -2.80 -7.80 3.00
C HIS A 41 -1.33 -8.21 2.83
N PHE A 42 -0.47 -7.21 2.61
CA PHE A 42 0.95 -7.47 2.43
C PHE A 42 1.71 -7.33 3.75
N ASN A 43 2.92 -7.88 3.80
CA ASN A 43 3.75 -7.81 4.99
C ASN A 43 5.20 -7.50 4.65
N CYS A 44 5.86 -6.77 5.53
CA CYS A 44 7.25 -6.40 5.31
C CYS A 44 8.07 -7.58 4.78
N ALA A 45 9.16 -7.28 4.09
CA ALA A 45 10.01 -8.33 3.54
C ALA A 45 11.22 -8.57 4.44
N ASN A 46 11.64 -7.54 5.17
CA ASN A 46 12.77 -7.65 6.06
C ASN A 46 12.40 -8.37 7.35
N CYS A 47 11.54 -7.74 8.15
CA CYS A 47 11.09 -8.33 9.40
C CYS A 47 9.95 -9.32 9.17
N GLY A 48 9.01 -8.94 8.32
CA GLY A 48 7.89 -9.81 8.01
C GLY A 48 6.68 -9.50 8.88
N LYS A 49 6.46 -8.23 9.14
CA LYS A 49 5.33 -7.80 9.96
C LYS A 49 4.22 -7.21 9.10
N GLU A 50 3.03 -7.08 9.66
CA GLU A 50 1.89 -6.53 8.94
C GLU A 50 2.15 -5.08 8.53
N LEU A 51 2.49 -4.89 7.26
CA LEU A 51 2.76 -3.55 6.74
C LEU A 51 1.66 -2.58 7.13
N THR A 52 1.88 -1.30 6.84
CA THR A 52 0.90 -0.27 7.16
C THR A 52 0.50 0.52 5.92
N ALA A 53 -0.46 1.43 6.08
CA ALA A 53 -0.92 2.26 4.97
C ALA A 53 0.21 3.12 4.43
N ASP A 54 1.06 3.60 5.31
CA ASP A 54 2.19 4.45 4.92
C ASP A 54 3.43 3.60 4.62
N ALA A 55 3.20 2.33 4.30
CA ALA A 55 4.30 1.43 3.99
C ALA A 55 5.05 1.85 2.74
N ARG A 56 6.35 2.06 2.87
CA ARG A 56 7.18 2.48 1.74
C ARG A 56 7.33 1.35 0.74
N GLU A 57 7.56 1.72 -0.52
CA GLU A 57 7.73 0.73 -1.58
C GLU A 57 9.10 0.86 -2.24
N LEU A 58 9.89 -0.21 -2.15
CA LEU A 58 11.23 -0.20 -2.74
C LEU A 58 11.41 -1.41 -3.66
N LYS A 59 12.05 -1.19 -4.80
CA LYS A 59 12.30 -2.24 -5.77
C LYS A 59 11.06 -3.12 -5.95
N GLY A 60 9.89 -2.50 -5.88
CA GLY A 60 8.65 -3.22 -6.05
C GLY A 60 8.11 -3.75 -4.73
N GLU A 61 9.02 -4.08 -3.81
CA GLU A 61 8.62 -4.59 -2.51
C GLU A 61 8.00 -3.49 -1.65
N LEU A 62 7.52 -3.87 -0.47
CA LEU A 62 6.90 -2.92 0.45
C LEU A 62 7.43 -3.10 1.87
N TYR A 63 8.23 -2.14 2.31
CA TYR A 63 8.82 -2.20 3.65
C TYR A 63 8.08 -1.26 4.60
N CYS A 64 8.02 -1.64 5.87
CA CYS A 64 7.34 -0.83 6.88
C CYS A 64 8.24 0.32 7.34
N LEU A 65 7.61 1.44 7.68
CA LEU A 65 8.34 2.62 8.13
C LEU A 65 9.54 2.22 8.99
N PRO A 66 9.29 1.37 10.00
CA PRO A 66 10.34 0.89 10.91
C PRO A 66 11.57 0.38 10.16
N CYS A 67 11.39 -0.67 9.38
CA CYS A 67 12.49 -1.25 8.60
C CYS A 67 13.08 -0.22 7.65
N HIS A 68 12.20 0.50 6.94
CA HIS A 68 12.65 1.52 5.99
C HIS A 68 13.79 2.35 6.58
N ASP A 69 13.64 2.72 7.85
CA ASP A 69 14.66 3.52 8.53
C ASP A 69 15.98 2.77 8.59
N LYS A 70 15.94 1.53 9.06
CA LYS A 70 17.14 0.71 9.17
C LYS A 70 17.94 0.74 7.88
N MET A 71 17.26 0.63 6.75
CA MET A 71 17.90 0.65 5.44
C MET A 71 19.11 1.59 5.46
N GLY A 72 18.96 2.74 6.10
CA GLY A 72 20.04 3.70 6.17
C GLY A 72 21.11 3.29 7.15
N VAL A 73 21.77 2.16 6.87
CA VAL A 73 22.82 1.65 7.74
C VAL A 73 24.10 2.49 7.60
N SER A 74 25.07 2.21 8.46
CA SER A 74 26.34 2.94 8.43
C SER A 74 26.75 3.28 7.01
N GLY A 75 26.80 2.25 6.16
CA GLY A 75 27.18 2.47 4.77
C GLY A 75 28.35 1.60 4.34
N PRO A 76 28.85 1.82 3.13
CA PRO A 76 29.97 1.06 2.57
C PRO A 76 31.29 1.37 3.28
N SER A 77 32.37 0.82 2.77
CA SER A 77 33.70 1.03 3.36
C SER A 77 34.06 2.52 3.35
N SER A 78 33.98 3.13 2.19
CA SER A 78 34.30 4.55 2.04
C SER A 78 33.04 5.41 2.09
N GLY A 79 32.89 6.17 3.17
CA GLY A 79 31.72 7.01 3.32
C GLY A 79 31.13 6.94 4.72
ZN ZN B . -8.08 -5.64 0.69
ZN ZN C . 9.68 -4.26 8.55
N GLY A 1 -8.47 -17.36 -6.25
CA GLY A 1 -9.16 -16.30 -6.97
C GLY A 1 -10.64 -16.25 -6.63
N SER A 2 -11.29 -15.15 -6.98
CA SER A 2 -12.70 -14.97 -6.71
C SER A 2 -13.36 -14.07 -7.76
N SER A 3 -14.50 -14.52 -8.28
CA SER A 3 -15.22 -13.76 -9.29
C SER A 3 -16.73 -13.87 -9.07
N GLY A 4 -17.37 -12.72 -8.88
CA GLY A 4 -18.81 -12.71 -8.67
C GLY A 4 -19.45 -11.44 -9.18
N SER A 5 -19.73 -10.51 -8.26
CA SER A 5 -20.36 -9.25 -8.62
C SER A 5 -19.33 -8.26 -9.15
N SER A 6 -19.76 -7.40 -10.06
CA SER A 6 -18.88 -6.41 -10.66
C SER A 6 -19.46 -5.00 -10.52
N GLY A 7 -18.65 -4.08 -10.00
CA GLY A 7 -19.11 -2.71 -9.83
C GLY A 7 -18.15 -1.89 -8.99
N GLU A 8 -18.40 -0.59 -8.91
CA GLU A 8 -17.55 0.31 -8.14
C GLU A 8 -18.18 0.61 -6.78
N LYS A 9 -19.48 0.87 -6.78
CA LYS A 9 -20.20 1.18 -5.55
C LYS A 9 -19.56 2.35 -4.82
N ALA A 10 -19.22 3.39 -5.58
CA ALA A 10 -18.60 4.58 -5.01
C ALA A 10 -18.51 5.70 -6.03
N ARG A 11 -19.05 6.87 -5.67
CA ARG A 11 -19.02 8.02 -6.57
C ARG A 11 -18.20 9.15 -5.97
N GLY A 12 -18.43 9.45 -4.70
CA GLY A 12 -17.72 10.51 -4.03
C GLY A 12 -17.48 10.22 -2.56
N LEU A 13 -18.28 10.83 -1.70
CA LEU A 13 -18.15 10.63 -0.27
C LEU A 13 -17.98 9.16 0.07
N GLY A 14 -16.87 8.83 0.72
CA GLY A 14 -16.61 7.44 1.09
C GLY A 14 -15.13 7.17 1.28
N LYS A 15 -14.75 5.89 1.18
CA LYS A 15 -13.36 5.49 1.34
C LYS A 15 -12.83 4.85 0.07
N TYR A 16 -11.53 4.56 0.05
CA TYR A 16 -10.90 3.94 -1.10
C TYR A 16 -11.20 2.44 -1.15
N ILE A 17 -11.46 1.94 -2.35
CA ILE A 17 -11.75 0.52 -2.53
C ILE A 17 -10.48 -0.29 -2.73
N CYS A 18 -10.38 -1.42 -2.03
CA CYS A 18 -9.21 -2.28 -2.13
C CYS A 18 -9.23 -3.07 -3.44
N GLN A 19 -8.20 -2.89 -4.25
CA GLN A 19 -8.10 -3.58 -5.53
C GLN A 19 -7.56 -5.00 -5.34
N LYS A 20 -7.76 -5.55 -4.14
CA LYS A 20 -7.29 -6.89 -3.83
C LYS A 20 -8.45 -7.77 -3.34
N CYS A 21 -9.22 -7.25 -2.40
CA CYS A 21 -10.36 -7.97 -1.85
C CYS A 21 -11.67 -7.33 -2.28
N HIS A 22 -11.58 -6.14 -2.88
CA HIS A 22 -12.77 -5.43 -3.33
C HIS A 22 -13.69 -5.08 -2.15
N ALA A 23 -13.12 -4.41 -1.16
CA ALA A 23 -13.88 -4.02 0.02
C ALA A 23 -13.40 -2.67 0.57
N ILE A 24 -14.35 -1.82 0.93
CA ILE A 24 -14.03 -0.51 1.47
C ILE A 24 -12.75 -0.55 2.30
N ILE A 25 -12.05 0.58 2.37
CA ILE A 25 -10.82 0.67 3.15
C ILE A 25 -10.95 1.68 4.28
N ASP A 26 -11.62 1.27 5.35
CA ASP A 26 -11.81 2.13 6.52
C ASP A 26 -10.56 2.96 6.80
N GLU A 27 -9.48 2.28 7.14
CA GLU A 27 -8.21 2.94 7.44
C GLU A 27 -7.55 3.45 6.16
N GLN A 28 -6.44 4.15 6.31
CA GLN A 28 -5.70 4.69 5.17
C GLN A 28 -5.41 3.60 4.14
N PRO A 29 -5.90 3.80 2.91
CA PRO A 29 -5.70 2.84 1.82
C PRO A 29 -4.24 2.79 1.35
N LEU A 30 -3.69 1.58 1.29
CA LEU A 30 -2.31 1.40 0.86
C LEU A 30 -2.20 1.52 -0.66
N ILE A 31 -1.58 2.61 -1.12
CA ILE A 31 -1.40 2.84 -2.54
C ILE A 31 -0.17 2.12 -3.07
N PHE A 32 -0.35 1.35 -4.14
CA PHE A 32 0.75 0.61 -4.75
C PHE A 32 0.60 0.55 -6.26
N LYS A 33 1.54 1.18 -6.97
CA LYS A 33 1.52 1.19 -8.42
C LYS A 33 0.28 1.91 -8.94
N ASN A 34 -0.13 2.96 -8.24
CA ASN A 34 -1.31 3.73 -8.62
C ASN A 34 -2.58 2.90 -8.46
N ASP A 35 -2.73 2.27 -7.30
CA ASP A 35 -3.90 1.45 -7.02
C ASP A 35 -4.06 1.24 -5.52
N PRO A 36 -5.31 1.39 -5.05
CA PRO A 36 -5.64 1.23 -3.62
C PRO A 36 -5.53 -0.22 -3.16
N TYR A 37 -5.18 -0.42 -1.90
CA TYR A 37 -5.03 -1.76 -1.34
C TYR A 37 -5.05 -1.72 0.18
N HIS A 38 -5.10 -2.90 0.80
CA HIS A 38 -5.13 -2.99 2.26
C HIS A 38 -3.73 -3.23 2.81
N PRO A 39 -3.31 -2.38 3.75
CA PRO A 39 -1.99 -2.48 4.38
C PRO A 39 -1.86 -3.70 5.29
N ASP A 40 -2.92 -4.51 5.33
CA ASP A 40 -2.93 -5.71 6.15
C ASP A 40 -2.77 -6.96 5.29
N HIS A 41 -3.03 -6.82 4.00
CA HIS A 41 -2.93 -7.94 3.07
C HIS A 41 -1.47 -8.35 2.88
N PHE A 42 -0.60 -7.36 2.67
CA PHE A 42 0.82 -7.61 2.47
C PHE A 42 1.57 -7.52 3.78
N ASN A 43 2.85 -7.90 3.76
CA ASN A 43 3.68 -7.86 4.95
C ASN A 43 5.13 -7.50 4.59
N CYS A 44 5.79 -6.79 5.50
CA CYS A 44 7.17 -6.39 5.28
C CYS A 44 8.01 -7.56 4.76
N ALA A 45 9.12 -7.24 4.10
CA ALA A 45 10.00 -8.26 3.56
C ALA A 45 11.23 -8.47 4.44
N ASN A 46 11.62 -7.41 5.15
CA ASN A 46 12.78 -7.47 6.03
C ASN A 46 12.43 -8.21 7.33
N CYS A 47 11.47 -7.67 8.07
CA CYS A 47 11.05 -8.27 9.33
C CYS A 47 9.94 -9.30 9.09
N GLY A 48 8.98 -8.94 8.25
CA GLY A 48 7.88 -9.83 7.95
C GLY A 48 6.66 -9.57 8.82
N LYS A 49 6.38 -8.29 9.06
CA LYS A 49 5.24 -7.90 9.89
C LYS A 49 4.14 -7.29 9.03
N GLU A 50 2.94 -7.15 9.61
CA GLU A 50 1.81 -6.57 8.91
C GLU A 50 2.10 -5.13 8.50
N LEU A 51 2.39 -4.93 7.22
CA LEU A 51 2.68 -3.59 6.71
C LEU A 51 1.60 -2.61 7.11
N THR A 52 1.81 -1.34 6.79
CA THR A 52 0.85 -0.28 7.12
C THR A 52 0.41 0.46 5.86
N ALA A 53 -0.53 1.39 6.04
CA ALA A 53 -1.04 2.18 4.93
C ALA A 53 0.06 3.06 4.33
N ASP A 54 0.95 3.54 5.19
CA ASP A 54 2.06 4.39 4.74
C ASP A 54 3.30 3.56 4.45
N ALA A 55 3.10 2.30 4.13
CA ALA A 55 4.20 1.39 3.83
C ALA A 55 5.00 1.89 2.62
N ARG A 56 6.30 2.08 2.81
CA ARG A 56 7.17 2.56 1.74
C ARG A 56 7.52 1.43 0.78
N GLU A 57 7.53 1.73 -0.52
CA GLU A 57 7.85 0.73 -1.53
C GLU A 57 9.31 0.85 -1.95
N LEU A 58 10.02 -0.29 -1.91
CA LEU A 58 11.43 -0.32 -2.29
C LEU A 58 11.69 -1.44 -3.28
N LYS A 59 12.20 -1.08 -4.45
CA LYS A 59 12.50 -2.06 -5.49
C LYS A 59 11.29 -2.95 -5.76
N GLY A 60 10.12 -2.35 -5.82
CA GLY A 60 8.91 -3.11 -6.08
C GLY A 60 8.31 -3.69 -4.81
N GLU A 61 9.17 -4.08 -3.87
CA GLU A 61 8.71 -4.65 -2.61
C GLU A 61 8.03 -3.59 -1.75
N LEU A 62 7.50 -4.03 -0.61
CA LEU A 62 6.82 -3.12 0.31
C LEU A 62 7.30 -3.33 1.74
N TYR A 63 8.05 -2.36 2.25
CA TYR A 63 8.58 -2.44 3.61
C TYR A 63 7.80 -1.52 4.55
N CYS A 64 7.88 -1.80 5.84
CA CYS A 64 7.18 -0.99 6.85
C CYS A 64 8.05 0.18 7.29
N LEU A 65 7.39 1.29 7.63
CA LEU A 65 8.09 2.49 8.07
C LEU A 65 9.27 2.13 8.97
N PRO A 66 9.00 1.29 9.98
CA PRO A 66 10.01 0.85 10.94
C PRO A 66 11.29 0.38 10.25
N CYS A 67 11.16 -0.59 9.37
CA CYS A 67 12.30 -1.13 8.64
C CYS A 67 12.86 -0.10 7.66
N HIS A 68 11.98 0.46 6.83
CA HIS A 68 12.38 1.45 5.84
C HIS A 68 13.26 2.52 6.49
N ASP A 69 13.06 2.76 7.78
CA ASP A 69 13.83 3.75 8.51
C ASP A 69 15.29 3.32 8.64
N LYS A 70 15.50 2.12 9.19
CA LYS A 70 16.84 1.59 9.37
C LYS A 70 17.51 1.34 8.02
N MET A 71 16.70 0.97 7.03
CA MET A 71 17.23 0.70 5.69
C MET A 71 18.28 1.72 5.30
N GLY A 72 18.04 2.98 5.66
CA GLY A 72 18.99 4.03 5.33
C GLY A 72 20.23 3.99 6.19
N VAL A 73 21.06 2.97 5.96
CA VAL A 73 22.29 2.82 6.71
C VAL A 73 23.38 2.17 5.87
N SER A 74 24.57 2.03 6.43
CA SER A 74 25.70 1.43 5.73
C SER A 74 25.88 2.06 4.36
N GLY A 75 25.74 3.39 4.30
CA GLY A 75 25.88 4.10 3.04
C GLY A 75 27.29 4.64 2.86
N PRO A 76 27.72 4.74 1.59
CA PRO A 76 29.06 5.24 1.24
C PRO A 76 29.20 6.74 1.51
N SER A 77 29.53 7.07 2.75
CA SER A 77 29.69 8.47 3.14
C SER A 77 30.97 8.66 3.96
N SER A 78 31.99 9.22 3.31
CA SER A 78 33.27 9.46 3.97
C SER A 78 33.32 10.85 4.60
N GLY A 79 34.09 10.99 5.66
CA GLY A 79 34.21 12.28 6.34
C GLY A 79 35.53 12.44 7.03
ZN ZN B . -8.28 -5.70 0.82
ZN ZN C . 9.61 -4.27 8.57
N GLY A 1 -26.53 5.66 -40.41
CA GLY A 1 -26.42 4.89 -39.18
C GLY A 1 -25.97 5.74 -38.01
N SER A 2 -26.76 5.72 -36.94
CA SER A 2 -26.44 6.50 -35.74
C SER A 2 -27.23 6.01 -34.55
N SER A 3 -26.83 6.42 -33.35
CA SER A 3 -27.50 6.02 -32.13
C SER A 3 -27.49 7.14 -31.10
N GLY A 4 -28.15 6.92 -29.97
CA GLY A 4 -28.20 7.93 -28.93
C GLY A 4 -28.14 7.33 -27.54
N SER A 5 -27.00 6.72 -27.21
CA SER A 5 -26.82 6.10 -25.90
C SER A 5 -26.80 7.16 -24.80
N SER A 6 -27.49 6.86 -23.70
CA SER A 6 -27.56 7.79 -22.58
C SER A 6 -27.20 7.07 -21.27
N GLY A 7 -27.07 7.86 -20.20
CA GLY A 7 -26.73 7.28 -18.91
C GLY A 7 -25.37 7.74 -18.41
N GLU A 8 -25.37 8.58 -17.38
CA GLU A 8 -24.13 9.09 -16.82
C GLU A 8 -24.15 9.01 -15.29
N LYS A 9 -23.20 8.28 -14.73
CA LYS A 9 -23.10 8.12 -13.29
C LYS A 9 -21.77 8.67 -12.76
N ALA A 10 -21.74 8.97 -11.47
CA ALA A 10 -20.54 9.50 -10.84
C ALA A 10 -19.55 8.38 -10.52
N ARG A 11 -18.33 8.77 -10.15
CA ARG A 11 -17.29 7.80 -9.83
C ARG A 11 -17.62 7.08 -8.51
N GLY A 12 -17.90 7.86 -7.47
CA GLY A 12 -18.22 7.28 -6.18
C GLY A 12 -17.67 8.10 -5.03
N LEU A 13 -18.27 7.94 -3.86
CA LEU A 13 -17.83 8.67 -2.66
C LEU A 13 -17.89 7.79 -1.42
N GLY A 14 -17.05 8.10 -0.44
CA GLY A 14 -17.02 7.32 0.79
C GLY A 14 -15.62 6.99 1.23
N LYS A 15 -15.13 5.84 0.79
CA LYS A 15 -13.78 5.39 1.15
C LYS A 15 -13.10 4.71 -0.02
N TYR A 16 -11.78 4.63 0.03
CA TYR A 16 -11.01 4.00 -1.05
C TYR A 16 -11.26 2.49 -1.08
N ILE A 17 -11.57 2.00 -2.28
CA ILE A 17 -11.84 0.57 -2.46
C ILE A 17 -10.56 -0.20 -2.75
N CYS A 18 -10.39 -1.33 -2.06
CA CYS A 18 -9.21 -2.16 -2.24
C CYS A 18 -9.25 -2.88 -3.59
N GLN A 19 -8.23 -2.64 -4.40
CA GLN A 19 -8.14 -3.27 -5.71
C GLN A 19 -7.67 -4.72 -5.61
N LYS A 20 -7.69 -5.25 -4.39
CA LYS A 20 -7.27 -6.62 -4.15
C LYS A 20 -8.45 -7.49 -3.73
N CYS A 21 -9.11 -7.10 -2.64
CA CYS A 21 -10.25 -7.85 -2.13
C CYS A 21 -11.56 -7.14 -2.49
N HIS A 22 -11.44 -5.94 -3.04
CA HIS A 22 -12.61 -5.16 -3.43
C HIS A 22 -13.51 -4.88 -2.22
N ALA A 23 -12.93 -4.31 -1.18
CA ALA A 23 -13.67 -3.98 0.03
C ALA A 23 -13.27 -2.62 0.58
N ILE A 24 -14.26 -1.86 1.03
CA ILE A 24 -14.02 -0.53 1.57
C ILE A 24 -12.78 -0.52 2.46
N ILE A 25 -12.05 0.58 2.43
CA ILE A 25 -10.85 0.73 3.24
C ILE A 25 -11.04 1.76 4.34
N ASP A 26 -11.78 1.39 5.37
CA ASP A 26 -12.04 2.28 6.50
C ASP A 26 -10.79 3.09 6.84
N GLU A 27 -9.69 2.38 7.14
CA GLU A 27 -8.44 3.03 7.50
C GLU A 27 -7.72 3.54 6.25
N GLN A 28 -6.59 4.21 6.46
CA GLN A 28 -5.82 4.75 5.35
C GLN A 28 -5.49 3.65 4.33
N PRO A 29 -5.97 3.85 3.09
CA PRO A 29 -5.75 2.88 2.01
C PRO A 29 -4.29 2.86 1.55
N LEU A 30 -3.75 1.66 1.40
CA LEU A 30 -2.36 1.50 0.96
C LEU A 30 -2.25 1.63 -0.55
N ILE A 31 -1.51 2.64 -1.00
CA ILE A 31 -1.32 2.88 -2.42
C ILE A 31 -0.14 2.09 -2.96
N PHE A 32 -0.39 1.27 -3.98
CA PHE A 32 0.66 0.46 -4.59
C PHE A 32 0.51 0.40 -6.10
N LYS A 33 1.49 0.92 -6.82
CA LYS A 33 1.46 0.93 -8.27
C LYS A 33 0.29 1.75 -8.79
N ASN A 34 -0.02 2.84 -8.08
CA ASN A 34 -1.11 3.72 -8.47
C ASN A 34 -2.46 3.01 -8.33
N ASP A 35 -2.69 2.42 -7.17
CA ASP A 35 -3.94 1.70 -6.90
C ASP A 35 -4.12 1.46 -5.41
N PRO A 36 -5.36 1.62 -4.93
CA PRO A 36 -5.69 1.42 -3.52
C PRO A 36 -5.60 -0.05 -3.10
N TYR A 37 -5.20 -0.29 -1.86
CA TYR A 37 -5.08 -1.65 -1.35
C TYR A 37 -5.07 -1.65 0.18
N HIS A 38 -5.16 -2.84 0.77
CA HIS A 38 -5.16 -2.98 2.22
C HIS A 38 -3.75 -3.24 2.75
N PRO A 39 -3.31 -2.41 3.70
CA PRO A 39 -1.98 -2.52 4.31
C PRO A 39 -1.85 -3.76 5.19
N ASP A 40 -2.92 -4.56 5.26
CA ASP A 40 -2.92 -5.77 6.05
C ASP A 40 -2.74 -7.00 5.17
N HIS A 41 -2.99 -6.84 3.88
CA HIS A 41 -2.85 -7.94 2.93
C HIS A 41 -1.38 -8.30 2.74
N PHE A 42 -0.54 -7.31 2.54
CA PHE A 42 0.88 -7.52 2.35
C PHE A 42 1.64 -7.39 3.66
N ASN A 43 2.87 -7.93 3.68
CA ASN A 43 3.69 -7.87 4.89
C ASN A 43 5.12 -7.48 4.54
N CYS A 44 5.81 -6.88 5.51
CA CYS A 44 7.20 -6.45 5.31
C CYS A 44 8.04 -7.60 4.77
N ALA A 45 9.19 -7.26 4.20
CA ALA A 45 10.10 -8.26 3.65
C ALA A 45 11.30 -8.47 4.57
N ASN A 46 11.67 -7.43 5.31
CA ASN A 46 12.81 -7.51 6.22
C ASN A 46 12.43 -8.27 7.49
N CYS A 47 11.49 -7.72 8.25
CA CYS A 47 11.05 -8.34 9.48
C CYS A 47 9.97 -9.39 9.21
N GLY A 48 9.01 -9.04 8.36
CA GLY A 48 7.95 -9.95 8.02
C GLY A 48 6.70 -9.73 8.86
N LYS A 49 6.34 -8.47 9.06
CA LYS A 49 5.17 -8.13 9.86
C LYS A 49 4.11 -7.45 9.00
N GLU A 50 2.88 -7.39 9.51
CA GLU A 50 1.78 -6.78 8.80
C GLU A 50 2.11 -5.32 8.44
N LEU A 51 2.35 -5.07 7.16
CA LEU A 51 2.68 -3.73 6.69
C LEU A 51 1.60 -2.73 7.11
N THR A 52 1.83 -1.46 6.78
CA THR A 52 0.88 -0.41 7.12
C THR A 52 0.47 0.38 5.88
N ALA A 53 -0.46 1.32 6.07
CA ALA A 53 -0.94 2.15 4.96
C ALA A 53 0.19 3.00 4.40
N ASP A 54 1.08 3.45 5.27
CA ASP A 54 2.21 4.29 4.86
C ASP A 54 3.44 3.42 4.58
N ALA A 55 3.22 2.15 4.27
CA ALA A 55 4.30 1.23 3.97
C ALA A 55 5.10 1.70 2.75
N ARG A 56 6.40 1.86 2.92
CA ARG A 56 7.27 2.30 1.84
C ARG A 56 7.52 1.17 0.85
N GLU A 57 7.71 1.51 -0.41
CA GLU A 57 7.96 0.53 -1.45
C GLU A 57 9.42 0.56 -1.90
N LEU A 58 9.99 -0.63 -2.11
CA LEU A 58 11.39 -0.73 -2.53
C LEU A 58 11.54 -1.74 -3.67
N LYS A 59 11.84 -1.25 -4.86
CA LYS A 59 12.02 -2.10 -6.03
C LYS A 59 10.86 -3.08 -6.16
N GLY A 60 9.65 -2.61 -5.87
CA GLY A 60 8.48 -3.45 -5.97
C GLY A 60 8.02 -3.96 -4.61
N GLU A 61 8.97 -4.39 -3.79
CA GLU A 61 8.66 -4.91 -2.46
C GLU A 61 8.00 -3.83 -1.61
N LEU A 62 7.58 -4.21 -0.40
CA LEU A 62 6.94 -3.27 0.52
C LEU A 62 7.47 -3.45 1.94
N TYR A 63 8.13 -2.42 2.44
CA TYR A 63 8.70 -2.46 3.79
C TYR A 63 7.95 -1.52 4.73
N CYS A 64 7.98 -1.83 6.02
CA CYS A 64 7.31 -1.00 7.01
C CYS A 64 8.17 0.19 7.40
N LEU A 65 7.51 1.26 7.85
CA LEU A 65 8.22 2.47 8.25
C LEU A 65 9.41 2.14 9.15
N PRO A 66 9.17 1.30 10.17
CA PRO A 66 10.22 0.88 11.11
C PRO A 66 11.48 0.42 10.40
N CYS A 67 11.32 -0.44 9.40
CA CYS A 67 12.45 -0.96 8.64
C CYS A 67 12.98 0.09 7.67
N HIS A 68 12.12 0.55 6.77
CA HIS A 68 12.49 1.56 5.78
C HIS A 68 13.31 2.67 6.43
N ASP A 69 13.12 2.84 7.73
CA ASP A 69 13.84 3.88 8.47
C ASP A 69 15.32 3.52 8.61
N LYS A 70 15.59 2.27 8.97
CA LYS A 70 16.97 1.80 9.14
C LYS A 70 17.66 1.66 7.78
N MET A 71 16.90 1.28 6.77
CA MET A 71 17.44 1.12 5.43
C MET A 71 18.46 2.23 5.12
N GLY A 72 18.15 3.43 5.55
CA GLY A 72 19.04 4.56 5.32
C GLY A 72 20.32 4.47 6.11
N VAL A 73 21.30 3.73 5.59
CA VAL A 73 22.57 3.56 6.27
C VAL A 73 23.73 4.09 5.43
N SER A 74 24.91 4.18 6.02
CA SER A 74 26.08 4.67 5.32
C SER A 74 25.72 5.83 4.40
N GLY A 75 25.00 6.81 4.94
CA GLY A 75 24.60 7.96 4.16
C GLY A 75 25.69 8.99 4.04
N PRO A 76 25.41 10.23 4.46
CA PRO A 76 26.37 11.33 4.40
C PRO A 76 27.51 11.17 5.39
N SER A 77 27.59 9.98 5.99
CA SER A 77 28.64 9.69 6.97
C SER A 77 29.91 10.47 6.65
N SER A 78 30.45 11.13 7.67
CA SER A 78 31.66 11.92 7.50
C SER A 78 32.91 11.05 7.68
N GLY A 79 34.07 11.62 7.39
CA GLY A 79 35.32 10.89 7.52
C GLY A 79 36.16 10.93 6.26
ZN ZN B . -8.13 -5.71 0.54
ZN ZN C . 9.61 -4.28 8.60
N GLY A 1 -9.03 -13.20 -38.65
CA GLY A 1 -9.79 -12.64 -37.56
C GLY A 1 -8.92 -11.87 -36.58
N SER A 2 -9.35 -10.67 -36.22
CA SER A 2 -8.60 -9.83 -35.29
C SER A 2 -9.49 -8.75 -34.68
N SER A 3 -9.59 -8.75 -33.36
CA SER A 3 -10.42 -7.78 -32.66
C SER A 3 -9.93 -7.60 -31.22
N GLY A 4 -10.27 -6.45 -30.63
CA GLY A 4 -9.86 -6.17 -29.28
C GLY A 4 -10.54 -4.94 -28.71
N SER A 5 -10.99 -5.03 -27.46
CA SER A 5 -11.66 -3.91 -26.80
C SER A 5 -11.53 -4.01 -25.28
N SER A 6 -11.42 -2.86 -24.63
CA SER A 6 -11.29 -2.83 -23.18
C SER A 6 -11.65 -1.45 -22.63
N GLY A 7 -12.35 -1.42 -21.51
CA GLY A 7 -12.75 -0.17 -20.90
C GLY A 7 -13.62 -0.36 -19.68
N GLU A 8 -13.55 0.59 -18.74
CA GLU A 8 -14.33 0.51 -17.52
C GLU A 8 -14.68 1.91 -17.01
N LYS A 9 -15.94 2.10 -16.63
CA LYS A 9 -16.40 3.38 -16.13
C LYS A 9 -16.04 3.55 -14.65
N ALA A 10 -15.32 4.61 -14.33
CA ALA A 10 -14.92 4.89 -12.96
C ALA A 10 -15.98 5.71 -12.23
N ARG A 11 -16.77 5.04 -11.40
CA ARG A 11 -17.83 5.71 -10.64
C ARG A 11 -17.97 5.09 -9.26
N GLY A 12 -18.56 5.85 -8.34
CA GLY A 12 -18.75 5.36 -6.99
C GLY A 12 -18.53 6.43 -5.94
N LEU A 13 -18.94 6.16 -4.71
CA LEU A 13 -18.79 7.11 -3.62
C LEU A 13 -18.59 6.39 -2.28
N GLY A 14 -18.09 7.11 -1.29
CA GLY A 14 -17.86 6.53 0.01
C GLY A 14 -16.41 6.62 0.44
N LYS A 15 -15.64 5.57 0.16
CA LYS A 15 -14.24 5.54 0.52
C LYS A 15 -13.43 4.76 -0.52
N TYR A 16 -12.13 4.60 -0.26
CA TYR A 16 -11.25 3.88 -1.18
C TYR A 16 -11.54 2.39 -1.15
N ILE A 17 -11.79 1.82 -2.33
CA ILE A 17 -12.08 0.40 -2.45
C ILE A 17 -10.82 -0.40 -2.76
N CYS A 18 -10.49 -1.34 -1.89
CA CYS A 18 -9.31 -2.18 -2.07
C CYS A 18 -9.36 -2.92 -3.40
N GLN A 19 -8.40 -2.63 -4.28
CA GLN A 19 -8.33 -3.28 -5.58
C GLN A 19 -7.87 -4.73 -5.46
N LYS A 20 -7.75 -5.19 -4.22
CA LYS A 20 -7.30 -6.56 -3.96
C LYS A 20 -8.48 -7.44 -3.54
N CYS A 21 -9.09 -7.08 -2.41
CA CYS A 21 -10.23 -7.84 -1.90
C CYS A 21 -11.55 -7.19 -2.31
N HIS A 22 -11.46 -6.01 -2.93
CA HIS A 22 -12.63 -5.28 -3.37
C HIS A 22 -13.53 -4.92 -2.20
N ALA A 23 -12.94 -4.26 -1.20
CA ALA A 23 -13.69 -3.85 -0.01
C ALA A 23 -13.21 -2.49 0.50
N ILE A 24 -14.16 -1.64 0.88
CA ILE A 24 -13.83 -0.31 1.37
C ILE A 24 -12.71 -0.36 2.41
N ILE A 25 -11.91 0.69 2.46
CA ILE A 25 -10.80 0.76 3.41
C ILE A 25 -11.03 1.86 4.44
N ASP A 26 -11.52 1.49 5.62
CA ASP A 26 -11.78 2.44 6.69
C ASP A 26 -10.57 3.34 6.91
N GLU A 27 -9.44 2.72 7.24
CA GLU A 27 -8.21 3.47 7.50
C GLU A 27 -7.55 3.89 6.18
N GLN A 28 -6.41 4.57 6.28
CA GLN A 28 -5.68 5.02 5.11
C GLN A 28 -5.39 3.86 4.17
N PRO A 29 -5.86 3.98 2.91
CA PRO A 29 -5.66 2.95 1.89
C PRO A 29 -4.21 2.86 1.44
N LEU A 30 -3.67 1.66 1.42
CA LEU A 30 -2.28 1.43 1.01
C LEU A 30 -2.15 1.56 -0.49
N ILE A 31 -1.55 2.66 -0.95
CA ILE A 31 -1.35 2.89 -2.37
C ILE A 31 -0.17 2.08 -2.90
N PHE A 32 -0.41 1.34 -3.98
CA PHE A 32 0.63 0.52 -4.58
C PHE A 32 0.41 0.39 -6.10
N LYS A 33 1.36 0.89 -6.86
CA LYS A 33 1.28 0.83 -8.32
C LYS A 33 0.08 1.61 -8.82
N ASN A 34 -0.17 2.77 -8.22
CA ASN A 34 -1.29 3.61 -8.60
C ASN A 34 -2.61 2.89 -8.41
N ASP A 35 -2.79 2.29 -7.23
CA ASP A 35 -4.01 1.58 -6.91
C ASP A 35 -4.15 1.37 -5.41
N PRO A 36 -5.37 1.57 -4.88
CA PRO A 36 -5.66 1.42 -3.45
C PRO A 36 -5.61 -0.04 -3.01
N TYR A 37 -5.18 -0.26 -1.78
CA TYR A 37 -5.09 -1.61 -1.23
C TYR A 37 -5.06 -1.58 0.29
N HIS A 38 -5.12 -2.76 0.90
CA HIS A 38 -5.09 -2.88 2.36
C HIS A 38 -3.68 -3.12 2.86
N PRO A 39 -3.24 -2.30 3.83
CA PRO A 39 -1.91 -2.42 4.42
C PRO A 39 -1.74 -3.67 5.27
N ASP A 40 -2.83 -4.42 5.41
CA ASP A 40 -2.81 -5.64 6.20
C ASP A 40 -2.64 -6.86 5.31
N HIS A 41 -3.00 -6.71 4.03
CA HIS A 41 -2.88 -7.80 3.07
C HIS A 41 -1.42 -8.19 2.86
N PHE A 42 -0.58 -7.19 2.63
CA PHE A 42 0.85 -7.44 2.42
C PHE A 42 1.63 -7.27 3.71
N ASN A 43 2.82 -7.86 3.76
CA ASN A 43 3.67 -7.78 4.95
C ASN A 43 5.12 -7.48 4.55
N CYS A 44 5.82 -6.77 5.43
CA CYS A 44 7.21 -6.41 5.18
C CYS A 44 7.98 -7.59 4.60
N ALA A 45 9.14 -7.30 4.01
CA ALA A 45 9.98 -8.35 3.42
C ALA A 45 11.18 -8.64 4.30
N ASN A 46 11.71 -7.60 4.95
CA ASN A 46 12.87 -7.75 5.82
C ASN A 46 12.50 -8.50 7.10
N CYS A 47 11.60 -7.91 7.88
CA CYS A 47 11.17 -8.52 9.14
C CYS A 47 10.00 -9.48 8.90
N GLY A 48 9.06 -9.06 8.06
CA GLY A 48 7.91 -9.88 7.76
C GLY A 48 6.73 -9.63 8.69
N LYS A 49 6.45 -8.35 8.92
CA LYS A 49 5.35 -7.96 9.80
C LYS A 49 4.21 -7.31 9.01
N GLU A 50 3.03 -7.25 9.60
CA GLU A 50 1.88 -6.66 8.95
C GLU A 50 2.15 -5.21 8.59
N LEU A 51 2.42 -4.97 7.31
CA LEU A 51 2.70 -3.62 6.83
C LEU A 51 1.61 -2.65 7.25
N THR A 52 1.81 -1.37 6.95
CA THR A 52 0.84 -0.34 7.32
C THR A 52 0.42 0.46 6.09
N ALA A 53 -0.49 1.42 6.29
CA ALA A 53 -0.97 2.25 5.21
C ALA A 53 0.12 3.18 4.69
N ASP A 54 0.97 3.65 5.60
CA ASP A 54 2.06 4.54 5.23
C ASP A 54 3.34 3.75 4.95
N ALA A 55 3.18 2.49 4.57
CA ALA A 55 4.32 1.63 4.27
C ALA A 55 5.23 2.26 3.23
N ARG A 56 6.33 1.59 2.93
CA ARG A 56 7.28 2.08 1.94
C ARG A 56 7.54 1.05 0.86
N GLU A 57 7.67 1.51 -0.38
CA GLU A 57 7.92 0.61 -1.51
C GLU A 57 9.36 0.70 -1.97
N LEU A 58 10.07 -0.42 -1.96
CA LEU A 58 11.46 -0.47 -2.39
C LEU A 58 11.67 -1.53 -3.46
N LYS A 59 12.17 -1.10 -4.61
CA LYS A 59 12.43 -2.01 -5.73
C LYS A 59 11.25 -2.95 -5.94
N GLY A 60 10.03 -2.42 -5.82
CA GLY A 60 8.85 -3.23 -6.00
C GLY A 60 8.32 -3.80 -4.69
N GLU A 61 9.24 -4.23 -3.83
CA GLU A 61 8.87 -4.79 -2.54
C GLU A 61 8.14 -3.77 -1.68
N LEU A 62 7.73 -4.19 -0.49
CA LEU A 62 7.02 -3.30 0.43
C LEU A 62 7.52 -3.48 1.86
N TYR A 63 8.27 -2.50 2.34
CA TYR A 63 8.82 -2.56 3.70
C TYR A 63 8.11 -1.55 4.61
N CYS A 64 7.92 -1.95 5.86
CA CYS A 64 7.25 -1.09 6.84
C CYS A 64 8.12 0.13 7.17
N LEU A 65 7.56 1.04 7.95
CA LEU A 65 8.27 2.25 8.36
C LEU A 65 9.52 1.90 9.16
N PRO A 66 9.35 1.06 10.19
CA PRO A 66 10.45 0.63 11.05
C PRO A 66 11.67 0.17 10.25
N CYS A 67 11.47 -0.83 9.40
CA CYS A 67 12.55 -1.35 8.58
C CYS A 67 13.08 -0.29 7.61
N HIS A 68 12.19 0.25 6.80
CA HIS A 68 12.56 1.29 5.84
C HIS A 68 13.43 2.37 6.51
N ASP A 69 13.19 2.59 7.79
CA ASP A 69 13.94 3.58 8.54
C ASP A 69 15.41 3.18 8.66
N LYS A 70 15.65 1.98 9.17
CA LYS A 70 17.01 1.47 9.34
C LYS A 70 17.72 1.35 8.00
N MET A 71 16.94 1.09 6.94
CA MET A 71 17.50 0.96 5.60
C MET A 71 18.43 2.13 5.28
N GLY A 72 17.89 3.35 5.37
CA GLY A 72 18.69 4.53 5.08
C GLY A 72 19.75 4.78 6.13
N VAL A 73 20.79 3.95 6.13
CA VAL A 73 21.88 4.09 7.09
C VAL A 73 22.83 5.23 6.69
N SER A 74 23.58 5.73 7.66
CA SER A 74 24.52 6.82 7.42
C SER A 74 23.89 7.89 6.53
N GLY A 75 22.62 8.20 6.79
CA GLY A 75 21.93 9.21 6.01
C GLY A 75 21.50 10.40 6.85
N PRO A 76 20.25 10.85 6.65
CA PRO A 76 19.70 11.99 7.38
C PRO A 76 19.46 11.68 8.85
N SER A 77 19.46 12.72 9.68
CA SER A 77 19.24 12.56 11.12
C SER A 77 17.91 11.86 11.39
N SER A 78 17.96 10.83 12.24
CA SER A 78 16.76 10.08 12.59
C SER A 78 16.93 9.39 13.94
N GLY A 79 15.89 9.48 14.77
CA GLY A 79 15.94 8.86 16.08
C GLY A 79 14.74 9.23 16.94
ZN ZN B . -8.19 -5.52 0.84
ZN ZN C . 9.72 -4.37 8.40
N GLY A 1 -28.23 -14.81 -34.16
CA GLY A 1 -28.24 -15.09 -32.74
C GLY A 1 -27.00 -14.59 -32.04
N SER A 2 -27.17 -13.60 -31.17
CA SER A 2 -26.06 -13.01 -30.43
C SER A 2 -26.51 -12.49 -29.08
N SER A 3 -25.55 -12.30 -28.17
CA SER A 3 -25.86 -11.81 -26.83
C SER A 3 -24.60 -11.30 -26.14
N GLY A 4 -24.74 -10.22 -25.37
CA GLY A 4 -23.61 -9.65 -24.66
C GLY A 4 -23.99 -9.11 -23.31
N SER A 5 -23.00 -9.02 -22.41
CA SER A 5 -23.23 -8.52 -21.06
C SER A 5 -22.37 -7.30 -20.78
N SER A 6 -22.97 -6.12 -20.90
CA SER A 6 -22.25 -4.87 -20.66
C SER A 6 -23.16 -3.85 -20.00
N GLY A 7 -22.74 -3.34 -18.85
CA GLY A 7 -23.53 -2.35 -18.14
C GLY A 7 -23.51 -2.57 -16.64
N GLU A 8 -22.84 -1.67 -15.91
CA GLU A 8 -22.75 -1.76 -14.46
C GLU A 8 -22.70 -0.39 -13.83
N LYS A 9 -23.06 -0.31 -12.54
CA LYS A 9 -23.06 0.95 -11.81
C LYS A 9 -21.81 1.07 -10.95
N ALA A 10 -21.58 2.28 -10.43
CA ALA A 10 -20.42 2.53 -9.57
C ALA A 10 -20.78 3.46 -8.43
N ARG A 11 -20.41 3.07 -7.21
CA ARG A 11 -20.68 3.88 -6.03
C ARG A 11 -19.53 4.82 -5.72
N GLY A 12 -19.82 5.88 -4.98
CA GLY A 12 -18.78 6.84 -4.63
C GLY A 12 -19.12 7.62 -3.37
N LEU A 13 -18.29 8.61 -3.05
CA LEU A 13 -18.50 9.42 -1.85
C LEU A 13 -18.50 8.56 -0.60
N GLY A 14 -17.54 7.64 -0.51
CA GLY A 14 -17.45 6.77 0.65
C GLY A 14 -16.01 6.57 1.11
N LYS A 15 -15.37 5.55 0.58
CA LYS A 15 -13.98 5.24 0.95
C LYS A 15 -13.27 4.54 -0.19
N TYR A 16 -11.93 4.50 -0.12
CA TYR A 16 -11.12 3.86 -1.15
C TYR A 16 -11.33 2.34 -1.13
N ILE A 17 -11.72 1.80 -2.28
CA ILE A 17 -11.96 0.37 -2.41
C ILE A 17 -10.66 -0.38 -2.68
N CYS A 18 -10.42 -1.44 -1.91
CA CYS A 18 -9.21 -2.23 -2.06
C CYS A 18 -9.21 -2.98 -3.40
N GLN A 19 -8.25 -2.64 -4.26
CA GLN A 19 -8.14 -3.27 -5.56
C GLN A 19 -7.67 -4.72 -5.44
N LYS A 20 -7.56 -5.19 -4.20
CA LYS A 20 -7.12 -6.56 -3.94
C LYS A 20 -8.30 -7.45 -3.58
N CYS A 21 -9.01 -7.08 -2.50
CA CYS A 21 -10.16 -7.85 -2.05
C CYS A 21 -11.46 -7.16 -2.45
N HIS A 22 -11.33 -5.96 -3.03
CA HIS A 22 -12.50 -5.20 -3.45
C HIS A 22 -13.45 -4.96 -2.29
N ALA A 23 -12.93 -4.38 -1.21
CA ALA A 23 -13.72 -4.10 -0.02
C ALA A 23 -13.33 -2.76 0.60
N ILE A 24 -14.32 -1.96 0.98
CA ILE A 24 -14.07 -0.67 1.58
C ILE A 24 -12.85 -0.73 2.51
N ILE A 25 -12.09 0.36 2.54
CA ILE A 25 -10.91 0.44 3.39
C ILE A 25 -11.07 1.52 4.46
N ASP A 26 -11.51 1.11 5.64
CA ASP A 26 -11.70 2.05 6.74
C ASP A 26 -10.48 2.95 6.91
N GLU A 27 -9.36 2.37 7.34
CA GLU A 27 -8.13 3.12 7.54
C GLU A 27 -7.60 3.66 6.21
N GLN A 28 -6.44 4.32 6.26
CA GLN A 28 -5.83 4.88 5.07
C GLN A 28 -5.51 3.79 4.05
N PRO A 29 -5.96 3.99 2.80
CA PRO A 29 -5.73 3.04 1.72
C PRO A 29 -4.27 2.98 1.29
N LEU A 30 -3.73 1.77 1.19
CA LEU A 30 -2.34 1.57 0.79
C LEU A 30 -2.19 1.66 -0.72
N ILE A 31 -1.61 2.75 -1.20
CA ILE A 31 -1.40 2.95 -2.62
C ILE A 31 -0.20 2.16 -3.13
N PHE A 32 -0.40 1.39 -4.19
CA PHE A 32 0.67 0.57 -4.76
C PHE A 32 0.53 0.49 -6.28
N LYS A 33 1.49 1.06 -7.00
CA LYS A 33 1.47 1.03 -8.46
C LYS A 33 0.27 1.79 -8.99
N ASN A 34 -0.12 2.86 -8.30
CA ASN A 34 -1.26 3.66 -8.71
C ASN A 34 -2.57 2.89 -8.53
N ASP A 35 -2.75 2.32 -7.35
CA ASP A 35 -3.96 1.56 -7.04
C ASP A 35 -4.10 1.35 -5.54
N PRO A 36 -5.32 1.55 -5.03
CA PRO A 36 -5.62 1.39 -3.61
C PRO A 36 -5.57 -0.07 -3.15
N TYR A 37 -5.15 -0.29 -1.93
CA TYR A 37 -5.05 -1.63 -1.37
C TYR A 37 -5.04 -1.61 0.15
N HIS A 38 -5.09 -2.78 0.76
CA HIS A 38 -5.08 -2.90 2.22
C HIS A 38 -3.66 -3.07 2.74
N PRO A 39 -3.27 -2.20 3.68
CA PRO A 39 -1.94 -2.23 4.28
C PRO A 39 -1.73 -3.44 5.18
N ASP A 40 -2.79 -4.23 5.35
CA ASP A 40 -2.73 -5.42 6.19
C ASP A 40 -2.62 -6.68 5.34
N HIS A 41 -2.99 -6.57 4.07
CA HIS A 41 -2.92 -7.70 3.14
C HIS A 41 -1.49 -8.16 2.95
N PHE A 42 -0.59 -7.21 2.75
CA PHE A 42 0.83 -7.50 2.56
C PHE A 42 1.61 -7.34 3.86
N ASN A 43 2.82 -7.87 3.88
CA ASN A 43 3.68 -7.78 5.05
C ASN A 43 5.12 -7.48 4.66
N CYS A 44 5.82 -6.75 5.53
CA CYS A 44 7.21 -6.38 5.27
C CYS A 44 7.99 -7.57 4.72
N ALA A 45 9.12 -7.28 4.10
CA ALA A 45 9.97 -8.32 3.52
C ALA A 45 11.19 -8.59 4.40
N ASN A 46 11.59 -7.58 5.16
CA ASN A 46 12.74 -7.71 6.05
C ASN A 46 12.38 -8.48 7.32
N CYS A 47 11.51 -7.90 8.12
CA CYS A 47 11.08 -8.52 9.37
C CYS A 47 9.90 -9.48 9.12
N GLY A 48 8.96 -9.04 8.29
CA GLY A 48 7.81 -9.86 7.98
C GLY A 48 6.63 -9.56 8.88
N LYS A 49 6.34 -8.29 9.06
CA LYS A 49 5.21 -7.87 9.91
C LYS A 49 4.11 -7.23 9.08
N GLU A 50 2.93 -7.10 9.67
CA GLU A 50 1.79 -6.50 8.98
C GLU A 50 2.10 -5.06 8.57
N LEU A 51 2.36 -4.86 7.28
CA LEU A 51 2.67 -3.54 6.76
C LEU A 51 1.59 -2.53 7.13
N THR A 52 1.85 -1.26 6.85
CA THR A 52 0.90 -0.20 7.16
C THR A 52 0.56 0.63 5.93
N ALA A 53 -0.38 1.56 6.08
CA ALA A 53 -0.79 2.41 4.97
C ALA A 53 0.36 3.28 4.49
N ASP A 54 1.20 3.71 5.43
CA ASP A 54 2.34 4.55 5.09
C ASP A 54 3.56 3.70 4.73
N ALA A 55 3.31 2.45 4.38
CA ALA A 55 4.38 1.53 4.02
C ALA A 55 5.16 2.05 2.82
N ARG A 56 6.49 1.99 2.92
CA ARG A 56 7.35 2.45 1.84
C ARG A 56 7.63 1.33 0.84
N GLU A 57 7.70 1.69 -0.44
CA GLU A 57 7.96 0.71 -1.50
C GLU A 57 9.43 0.72 -1.89
N LEU A 58 9.99 -0.46 -2.10
CA LEU A 58 11.39 -0.59 -2.49
C LEU A 58 11.56 -1.64 -3.59
N LYS A 59 11.83 -1.19 -4.80
CA LYS A 59 12.02 -2.08 -5.94
C LYS A 59 10.81 -3.01 -6.11
N GLY A 60 9.62 -2.45 -5.91
CA GLY A 60 8.41 -3.24 -6.05
C GLY A 60 7.91 -3.78 -4.72
N GLU A 61 8.83 -4.24 -3.89
CA GLU A 61 8.49 -4.79 -2.58
C GLU A 61 7.88 -3.71 -1.69
N LEU A 62 7.40 -4.12 -0.52
CA LEU A 62 6.79 -3.19 0.43
C LEU A 62 7.31 -3.45 1.84
N TYR A 63 7.94 -2.43 2.41
CA TYR A 63 8.48 -2.54 3.77
C TYR A 63 7.76 -1.59 4.72
N CYS A 64 7.85 -1.88 6.02
CA CYS A 64 7.20 -1.05 7.03
C CYS A 64 8.11 0.09 7.45
N LEU A 65 7.51 1.21 7.83
CA LEU A 65 8.26 2.39 8.25
C LEU A 65 9.47 1.98 9.09
N PRO A 66 9.25 1.15 10.10
CA PRO A 66 10.31 0.66 11.00
C PRO A 66 11.52 0.17 10.22
N CYS A 67 11.30 -0.81 9.35
CA CYS A 67 12.37 -1.38 8.55
C CYS A 67 12.91 -0.36 7.56
N HIS A 68 12.02 0.32 6.87
CA HIS A 68 12.41 1.34 5.89
C HIS A 68 13.24 2.44 6.55
N ASP A 69 13.20 2.49 7.88
CA ASP A 69 13.95 3.49 8.62
C ASP A 69 15.38 3.04 8.83
N LYS A 70 15.57 1.74 9.06
CA LYS A 70 16.90 1.17 9.28
C LYS A 70 17.58 0.87 7.95
N MET A 71 17.00 1.35 6.87
CA MET A 71 17.57 1.13 5.53
C MET A 71 18.74 2.07 5.28
N GLY A 72 18.58 3.34 5.63
CA GLY A 72 19.64 4.31 5.43
C GLY A 72 20.21 4.81 6.74
N VAL A 73 20.74 3.91 7.55
CA VAL A 73 21.32 4.28 8.84
C VAL A 73 22.74 3.75 8.96
N SER A 74 23.34 3.96 10.14
CA SER A 74 24.71 3.51 10.39
C SER A 74 25.67 4.09 9.35
N GLY A 75 25.49 5.37 9.04
CA GLY A 75 26.35 6.01 8.07
C GLY A 75 25.98 7.48 7.86
N PRO A 76 26.57 8.09 6.82
CA PRO A 76 26.31 9.49 6.49
C PRO A 76 24.91 9.73 5.95
N SER A 77 24.31 10.85 6.35
CA SER A 77 22.95 11.18 5.92
C SER A 77 22.76 12.69 5.85
N SER A 78 21.88 13.13 4.96
CA SER A 78 21.61 14.55 4.79
C SER A 78 20.20 14.78 4.28
N GLY A 79 19.52 15.78 4.83
CA GLY A 79 18.17 16.08 4.43
C GLY A 79 18.09 17.31 3.52
ZN ZN B . -8.22 -5.65 0.72
ZN ZN C . 9.53 -4.40 8.54
#